data_6HAF
#
_entry.id   6HAF
#
_cell.length_a   119.180
_cell.length_b   154.350
_cell.length_c   165.520
_cell.angle_alpha   90.000
_cell.angle_beta   90.000
_cell.angle_gamma   90.000
#
_symmetry.space_group_name_H-M   'C 2 2 21'
#
loop_
_entity.id
_entity.type
_entity.pdbx_description
1 polymer 'Pyruvate oxidase'
2 non-polymer 'FLAVIN-ADENINE DINUCLEOTIDE'
3 non-polymer 'POTASSIUM ION'
4 non-polymer 'MAGNESIUM ION'
5 non-polymer 'THIAMINE DIPHOSPHATE'
6 non-polymer GLYCEROL
7 non-polymer 'PHOSPHATE ION'
8 water water
#
_entity_poly.entity_id   1
_entity_poly.type   'polypeptide(L)'
_entity_poly.pdbx_seq_one_letter_code
;MVMKQTKQTNILAGAAVIKVLEAWGVDHLYGIPGGSINSIMDALSAERDRIHYIQVRHQEVGAMAAAADAKLTGKIGVCF
GSAGPGGTHLMNGLYDAREDHVPVLALIGQFGTTGMNMDTFQEMNENPIYADVADYNVTAVNAATLPHVIDEAIRRAYAH
QGVAVVQIPVDLPWQQIPAEDWYASANSYQTPLLPEPDVQAVTRLTQTLLAAERPLIYYGIGARKAGKELEQLSKTLKIP
LMSTYPAKGIVADRYPAYLGSANRVAQKPANEALAQADVVLFVGNNYPFAEVSKAFKNTRYFLQIDIDPAKLGKRHKTDI
AVLADAQKTLAAILAQVSERESTPWWQANLANVKNWRAYLASLEDKQEGPLQAYQVLRAVNKIAEPDAIYSIDVGDINLN
ANRHLKLTPSNRHITSNLFATMGVGIPGAIAAKLNYPERQVFNLAGDGGASMTMQDLATQVQYHLPVINVVFTNCQYGFI
KDEQEDTNQNDFIGVEFNDIDFSKIADGVHMQAFRVNKIEQLPDVFEQAKAIAQHEPVLIDAVITGDRPLPAEKLRLDSA
MSSAADIEAFKQRYEAQDLQPLSTYLKQFGLDDLQHQIGQGGF
;
_entity_poly.pdbx_strand_id   A,B
#
loop_
_chem_comp.id
_chem_comp.type
_chem_comp.name
_chem_comp.formula
FAD non-polymer 'FLAVIN-ADENINE DINUCLEOTIDE' 'C27 H33 N9 O15 P2'
GOL non-polymer GLYCEROL 'C3 H8 O3'
K non-polymer 'POTASSIUM ION' 'K 1'
MG non-polymer 'MAGNESIUM ION' 'Mg 2'
PO4 non-polymer 'PHOSPHATE ION' 'O4 P -3'
TPP non-polymer 'THIAMINE DIPHOSPHATE' 'C12 H19 N4 O7 P2 S 1'
#
# COMPACT_ATOMS: atom_id res chain seq x y z
N THR A 9 23.97 0.37 -30.88
CA THR A 9 22.79 -0.44 -31.15
C THR A 9 22.39 -1.29 -29.92
N ASN A 10 23.37 -1.78 -29.17
CA ASN A 10 23.11 -2.56 -27.96
C ASN A 10 23.75 -1.95 -26.73
N ILE A 11 23.23 -2.33 -25.57
CA ILE A 11 23.83 -1.96 -24.31
C ILE A 11 23.80 -3.19 -23.41
N LEU A 12 24.78 -3.33 -22.54
CA LEU A 12 24.68 -4.39 -21.54
C LEU A 12 23.53 -4.13 -20.60
N ALA A 13 22.77 -5.15 -20.27
CA ALA A 13 21.63 -4.95 -19.38
C ALA A 13 22.05 -4.34 -18.04
N GLY A 14 23.22 -4.71 -17.53
CA GLY A 14 23.70 -4.14 -16.28
C GLY A 14 23.98 -2.67 -16.39
N ALA A 15 24.52 -2.24 -17.53
CA ALA A 15 24.76 -0.81 -17.77
C ALA A 15 23.43 -0.06 -17.76
N ALA A 16 22.41 -0.62 -18.42
CA ALA A 16 21.11 0.01 -18.41
C ALA A 16 20.53 0.11 -17.00
N VAL A 17 20.67 -0.98 -16.23
CA VAL A 17 20.25 -0.91 -14.81
C VAL A 17 20.92 0.25 -14.07
N ILE A 18 22.23 0.39 -14.21
CA ILE A 18 22.89 1.49 -13.50
C ILE A 18 22.37 2.84 -14.00
N LYS A 19 22.12 2.93 -15.30
N LYS A 19 22.12 2.94 -15.30
CA LYS A 19 21.52 4.15 -15.86
CA LYS A 19 21.53 4.18 -15.83
C LYS A 19 20.14 4.46 -15.30
C LYS A 19 20.12 4.46 -15.30
N VAL A 20 19.34 3.42 -15.03
CA VAL A 20 18.06 3.62 -14.35
C VAL A 20 18.30 4.23 -12.97
N LEU A 21 19.24 3.66 -12.21
CA LEU A 21 19.55 4.25 -10.90
C LEU A 21 19.96 5.72 -11.01
N GLU A 22 20.79 6.02 -12.01
CA GLU A 22 21.21 7.41 -12.22
C GLU A 22 20.04 8.31 -12.60
N ALA A 23 19.13 7.84 -13.44
CA ALA A 23 17.94 8.64 -13.78
C ALA A 23 17.12 9.00 -12.54
N TRP A 24 17.05 8.06 -11.59
CA TRP A 24 16.32 8.27 -10.36
C TRP A 24 17.13 9.06 -9.32
N GLY A 25 18.31 9.54 -9.70
CA GLY A 25 19.03 10.44 -8.83
C GLY A 25 19.79 9.75 -7.71
N VAL A 26 20.04 8.45 -7.83
CA VAL A 26 20.82 7.75 -6.80
C VAL A 26 22.28 8.19 -6.87
N ASP A 27 22.78 8.78 -5.79
CA ASP A 27 24.16 9.24 -5.70
C ASP A 27 25.09 8.15 -5.21
N HIS A 28 24.66 7.38 -4.21
CA HIS A 28 25.51 6.37 -3.60
C HIS A 28 24.71 5.17 -3.20
N LEU A 29 25.38 4.03 -3.12
N LEU A 29 25.38 4.01 -3.14
CA LEU A 29 24.75 2.78 -2.72
CA LEU A 29 24.74 2.75 -2.79
C LEU A 29 25.78 1.94 -1.99
C LEU A 29 25.78 1.87 -2.09
N TYR A 30 25.32 0.92 -1.30
CA TYR A 30 26.18 0.13 -0.42
C TYR A 30 26.13 -1.35 -0.71
N GLY A 31 27.25 -2.05 -0.53
CA GLY A 31 27.23 -3.50 -0.58
C GLY A 31 28.61 -4.09 -0.50
N ILE A 32 28.66 -5.40 -0.71
CA ILE A 32 29.89 -6.20 -0.70
C ILE A 32 29.75 -7.08 -1.93
N PRO A 33 30.81 -7.17 -2.76
CA PRO A 33 30.72 -7.96 -3.99
C PRO A 33 30.82 -9.45 -3.71
N GLY A 34 30.43 -10.21 -4.72
CA GLY A 34 30.59 -11.66 -4.75
C GLY A 34 30.41 -12.09 -6.19
N GLY A 35 30.83 -13.31 -6.48
CA GLY A 35 30.65 -13.85 -7.82
C GLY A 35 29.25 -13.69 -8.36
N SER A 36 28.27 -13.93 -7.50
CA SER A 36 26.87 -13.93 -7.88
C SER A 36 26.31 -12.54 -8.13
N ILE A 37 27.11 -11.50 -7.90
CA ILE A 37 26.69 -10.14 -8.22
C ILE A 37 27.80 -9.41 -8.98
N ASN A 38 28.76 -10.15 -9.55
CA ASN A 38 29.91 -9.47 -10.15
C ASN A 38 29.57 -8.77 -11.46
N SER A 39 28.45 -9.11 -12.07
CA SER A 39 28.08 -8.45 -13.33
C SER A 39 27.44 -7.07 -13.05
N ILE A 40 26.71 -6.93 -11.95
CA ILE A 40 26.32 -5.60 -11.50
C ILE A 40 27.56 -4.84 -11.05
N MET A 41 28.50 -5.50 -10.37
CA MET A 41 29.72 -4.80 -9.98
C MET A 41 30.44 -4.25 -11.22
N ASP A 42 30.50 -5.03 -12.29
CA ASP A 42 31.20 -4.63 -13.51
C ASP A 42 30.57 -3.37 -14.07
N ALA A 43 29.24 -3.30 -14.03
CA ALA A 43 28.52 -2.12 -14.53
C ALA A 43 28.76 -0.90 -13.64
N LEU A 44 28.78 -1.11 -12.33
CA LEU A 44 29.15 -0.03 -11.40
C LEU A 44 30.55 0.50 -11.64
N SER A 45 31.48 -0.41 -11.95
CA SER A 45 32.85 -0.03 -12.17
C SER A 45 32.97 0.97 -13.31
N ALA A 46 32.23 0.72 -14.38
CA ALA A 46 32.26 1.62 -15.52
C ALA A 46 31.58 2.96 -15.25
N GLU A 47 30.74 3.03 -14.22
CA GLU A 47 29.95 4.23 -13.95
C GLU A 47 30.42 4.96 -12.71
N ARG A 48 31.66 4.72 -12.29
N ARG A 48 31.66 4.71 -12.28
CA ARG A 48 32.11 5.21 -11.01
CA ARG A 48 32.10 5.21 -11.00
C ARG A 48 32.32 6.73 -10.97
C ARG A 48 32.15 6.75 -10.96
N ASP A 49 32.23 7.41 -12.12
CA ASP A 49 32.25 8.87 -12.12
C ASP A 49 30.87 9.49 -11.90
N ARG A 50 29.80 8.71 -12.04
N ARG A 50 29.82 8.68 -12.01
CA ARG A 50 28.42 9.23 -11.93
CA ARG A 50 28.43 9.16 -12.00
C ARG A 50 27.65 8.68 -10.74
C ARG A 50 27.58 8.60 -10.85
N ILE A 51 27.98 7.47 -10.28
CA ILE A 51 27.25 6.87 -9.15
C ILE A 51 28.30 6.21 -8.29
N HIS A 52 28.13 6.30 -6.97
CA HIS A 52 29.22 6.04 -6.04
C HIS A 52 28.96 4.87 -5.13
N TYR A 53 29.73 3.82 -5.36
CA TYR A 53 29.61 2.60 -4.60
C TYR A 53 30.41 2.73 -3.32
N ILE A 54 29.75 2.43 -2.19
CA ILE A 54 30.35 2.43 -0.88
C ILE A 54 30.46 0.98 -0.40
N GLN A 55 31.68 0.49 -0.30
CA GLN A 55 31.91 -0.88 0.17
C GLN A 55 31.92 -0.91 1.68
N VAL A 56 30.94 -1.59 2.27
CA VAL A 56 30.84 -1.74 3.70
C VAL A 56 31.53 -3.03 4.12
N ARG A 57 31.65 -3.25 5.43
N ARG A 57 31.68 -3.25 5.43
CA ARG A 57 32.34 -4.45 5.94
CA ARG A 57 32.34 -4.46 5.91
C ARG A 57 31.36 -5.52 6.42
C ARG A 57 31.34 -5.55 6.33
N HIS A 58 30.08 -5.18 6.50
CA HIS A 58 29.03 -6.16 6.78
C HIS A 58 27.79 -5.65 6.10
N GLN A 59 27.08 -6.49 5.35
CA GLN A 59 25.96 -6.02 4.57
C GLN A 59 24.81 -5.43 5.38
N GLU A 60 24.67 -5.81 6.66
CA GLU A 60 23.61 -5.18 7.46
C GLU A 60 23.84 -3.67 7.53
N VAL A 61 25.10 -3.27 7.59
CA VAL A 61 25.44 -1.86 7.68
C VAL A 61 25.05 -1.16 6.37
N GLY A 62 25.21 -1.85 5.23
CA GLY A 62 24.78 -1.28 3.97
C GLY A 62 23.27 -1.10 3.93
N ALA A 63 22.53 -2.10 4.40
CA ALA A 63 21.06 -1.98 4.41
C ALA A 63 20.57 -0.90 5.37
N MET A 64 21.19 -0.86 6.55
N MET A 64 21.18 -0.85 6.55
CA MET A 64 20.87 0.16 7.54
CA MET A 64 20.82 0.18 7.52
C MET A 64 21.19 1.58 7.01
C MET A 64 21.18 1.58 7.00
N ALA A 65 22.32 1.70 6.33
CA ALA A 65 22.71 2.99 5.75
C ALA A 65 21.77 3.39 4.62
N ALA A 66 21.33 2.44 3.80
CA ALA A 66 20.33 2.76 2.78
C ALA A 66 19.03 3.26 3.41
N ALA A 67 18.60 2.56 4.45
CA ALA A 67 17.40 3.02 5.14
C ALA A 67 17.59 4.44 5.71
N ALA A 68 18.75 4.67 6.32
CA ALA A 68 19.06 5.99 6.88
C ALA A 68 19.11 7.10 5.81
N ASP A 69 19.66 6.79 4.63
CA ASP A 69 19.64 7.72 3.50
C ASP A 69 18.22 8.22 3.30
N ALA A 70 17.31 7.25 3.18
CA ALA A 70 15.92 7.60 2.90
C ALA A 70 15.27 8.37 4.07
N LYS A 71 15.56 7.96 5.30
CA LYS A 71 15.06 8.70 6.47
C LYS A 71 15.49 10.16 6.44
N LEU A 72 16.72 10.39 6.04
CA LEU A 72 17.31 11.73 6.03
C LEU A 72 16.84 12.59 4.84
N THR A 73 16.89 12.07 3.62
CA THR A 73 16.67 12.92 2.44
C THR A 73 15.37 12.68 1.74
N GLY A 74 14.72 11.57 2.05
CA GLY A 74 13.56 11.14 1.29
C GLY A 74 13.87 10.46 -0.04
N LYS A 75 15.13 10.40 -0.42
CA LYS A 75 15.55 9.71 -1.65
C LYS A 75 15.70 8.23 -1.36
N ILE A 76 15.21 7.40 -2.26
CA ILE A 76 15.33 5.95 -2.08
C ILE A 76 16.77 5.53 -1.78
N GLY A 77 16.93 4.72 -0.74
CA GLY A 77 18.22 4.16 -0.40
C GLY A 77 18.44 2.88 -1.20
N VAL A 78 19.70 2.60 -1.53
CA VAL A 78 20.04 1.44 -2.36
C VAL A 78 21.15 0.63 -1.74
N CYS A 79 20.91 -0.67 -1.61
CA CYS A 79 21.91 -1.58 -1.09
C CYS A 79 21.86 -2.90 -1.86
N PHE A 80 22.88 -3.71 -1.66
CA PHE A 80 22.91 -5.03 -2.27
C PHE A 80 23.69 -6.02 -1.44
N GLY A 81 23.43 -7.30 -1.72
CA GLY A 81 24.18 -8.39 -1.15
C GLY A 81 24.28 -9.48 -2.17
N SER A 82 25.40 -10.20 -2.14
CA SER A 82 25.56 -11.39 -2.93
C SER A 82 24.61 -12.53 -2.50
N ALA A 83 24.51 -13.55 -3.32
CA ALA A 83 23.60 -14.68 -3.10
C ALA A 83 23.77 -15.28 -1.71
N GLY A 84 22.66 -15.80 -1.21
CA GLY A 84 22.68 -16.51 0.05
C GLY A 84 23.01 -15.59 1.21
N PRO A 85 24.18 -15.80 1.84
CA PRO A 85 24.55 -15.04 3.05
C PRO A 85 24.77 -13.55 2.87
N GLY A 86 25.09 -13.11 1.66
CA GLY A 86 25.24 -11.69 1.44
C GLY A 86 23.93 -10.97 1.62
N GLY A 87 22.88 -11.52 1.02
CA GLY A 87 21.56 -10.95 1.13
C GLY A 87 20.93 -11.16 2.50
N THR A 88 21.09 -12.32 3.11
CA THR A 88 20.43 -12.53 4.41
C THR A 88 21.04 -11.59 5.44
N HIS A 89 22.31 -11.21 5.26
CA HIS A 89 22.86 -10.18 6.13
C HIS A 89 22.18 -8.79 6.07
N LEU A 90 21.46 -8.51 4.99
CA LEU A 90 20.75 -7.25 4.84
C LEU A 90 19.57 -7.11 5.80
N MET A 91 19.12 -8.22 6.37
N MET A 91 19.11 -8.22 6.37
CA MET A 91 17.78 -8.26 6.93
CA MET A 91 17.74 -8.21 6.88
C MET A 91 17.51 -7.18 7.96
C MET A 91 17.45 -7.24 8.03
N ASN A 92 18.41 -6.96 8.92
CA ASN A 92 18.08 -6.00 9.98
C ASN A 92 17.84 -4.60 9.43
N GLY A 93 18.54 -4.25 8.35
CA GLY A 93 18.32 -2.95 7.71
C GLY A 93 17.06 -2.93 6.88
N LEU A 94 16.75 -4.03 6.20
CA LEU A 94 15.49 -4.07 5.44
C LEU A 94 14.26 -4.01 6.32
N TYR A 95 14.27 -4.74 7.44
CA TYR A 95 13.16 -4.65 8.38
C TYR A 95 13.06 -3.25 8.98
N ASP A 96 14.21 -2.62 9.25
CA ASP A 96 14.17 -1.21 9.67
C ASP A 96 13.45 -0.35 8.65
N ALA A 97 13.82 -0.49 7.38
CA ALA A 97 13.15 0.29 6.35
C ALA A 97 11.66 -0.01 6.27
N ARG A 98 11.26 -1.27 6.39
CA ARG A 98 9.83 -1.59 6.36
C ARG A 98 9.11 -0.91 7.51
N GLU A 99 9.64 -1.09 8.72
CA GLU A 99 8.93 -0.62 9.91
C GLU A 99 8.95 0.91 10.07
N ASP A 100 10.03 1.54 9.61
CA ASP A 100 10.14 3.01 9.59
C ASP A 100 9.62 3.60 8.27
N HIS A 101 9.01 2.75 7.44
CA HIS A 101 8.31 3.13 6.22
C HIS A 101 9.08 4.11 5.35
N VAL A 102 10.28 3.71 4.97
CA VAL A 102 11.11 4.49 4.07
C VAL A 102 11.47 3.62 2.85
N PRO A 103 11.61 4.26 1.69
CA PRO A 103 11.90 3.53 0.44
C PRO A 103 13.34 3.05 0.35
N VAL A 104 13.50 1.74 0.12
CA VAL A 104 14.81 1.13 -0.08
C VAL A 104 14.70 0.11 -1.20
N LEU A 105 15.69 0.13 -2.08
CA LEU A 105 15.87 -0.90 -3.11
C LEU A 105 17.01 -1.81 -2.67
N ALA A 106 16.75 -3.12 -2.64
CA ALA A 106 17.77 -4.12 -2.34
C ALA A 106 17.94 -5.04 -3.51
N LEU A 107 19.17 -5.16 -4.00
CA LEU A 107 19.48 -6.09 -5.07
C LEU A 107 20.19 -7.29 -4.44
N ILE A 108 19.77 -8.49 -4.85
CA ILE A 108 20.31 -9.73 -4.30
C ILE A 108 20.94 -10.53 -5.42
N GLY A 109 22.18 -10.91 -5.27
CA GLY A 109 22.82 -11.76 -6.26
C GLY A 109 22.14 -13.11 -6.33
N GLN A 110 22.28 -13.78 -7.48
CA GLN A 110 21.79 -15.14 -7.67
C GLN A 110 22.67 -15.76 -8.72
N PHE A 111 22.81 -17.06 -8.70
N PHE A 111 22.77 -17.08 -8.67
CA PHE A 111 23.62 -17.68 -9.74
CA PHE A 111 23.46 -17.88 -9.69
C PHE A 111 22.85 -17.69 -11.05
C PHE A 111 22.85 -17.59 -11.06
N GLY A 112 23.59 -17.86 -12.13
CA GLY A 112 23.04 -17.71 -13.45
C GLY A 112 21.85 -18.61 -13.74
N THR A 113 21.04 -18.20 -14.70
CA THR A 113 19.85 -18.95 -15.01
C THR A 113 20.16 -20.39 -15.47
N THR A 114 21.37 -20.64 -15.97
CA THR A 114 21.71 -21.98 -16.39
C THR A 114 21.98 -22.93 -15.23
N GLY A 115 22.23 -22.39 -14.04
CA GLY A 115 22.50 -23.21 -12.86
C GLY A 115 21.45 -23.12 -11.76
N MET A 116 20.50 -22.19 -11.88
CA MET A 116 19.42 -22.13 -10.91
C MET A 116 18.66 -23.44 -10.90
N ASN A 117 18.23 -23.82 -9.71
CA ASN A 117 17.50 -25.04 -9.44
C ASN A 117 18.29 -26.33 -9.70
N MET A 118 19.62 -26.21 -9.76
CA MET A 118 20.50 -27.38 -9.86
C MET A 118 21.09 -27.80 -8.53
N ASP A 119 20.78 -27.05 -7.47
CA ASP A 119 21.41 -27.25 -6.17
C ASP A 119 22.92 -27.18 -6.31
N THR A 120 23.36 -26.10 -6.93
CA THR A 120 24.77 -25.82 -7.01
C THR A 120 25.23 -24.98 -5.83
N PHE A 121 26.50 -24.61 -5.80
CA PHE A 121 27.11 -23.96 -4.65
C PHE A 121 26.38 -22.67 -4.32
N GLN A 122 25.93 -22.56 -3.05
CA GLN A 122 25.26 -21.37 -2.50
C GLN A 122 24.07 -20.94 -3.33
N GLU A 123 23.44 -21.89 -4.01
CA GLU A 123 22.36 -21.62 -4.92
C GLU A 123 21.13 -22.19 -4.27
N MET A 124 20.12 -21.34 -4.12
N MET A 124 20.11 -21.36 -4.14
CA MET A 124 18.87 -21.69 -3.45
CA MET A 124 18.85 -21.81 -3.62
C MET A 124 17.78 -20.85 -4.11
C MET A 124 17.78 -20.82 -4.06
N ASN A 125 16.53 -21.20 -3.84
CA ASN A 125 15.43 -20.34 -4.19
C ASN A 125 15.44 -19.18 -3.20
N GLU A 126 15.83 -18.00 -3.67
CA GLU A 126 15.98 -16.86 -2.79
C GLU A 126 14.71 -16.06 -2.62
N ASN A 127 13.73 -16.25 -3.51
CA ASN A 127 12.52 -15.43 -3.42
C ASN A 127 11.76 -15.53 -2.07
N PRO A 128 11.64 -16.74 -1.49
CA PRO A 128 10.88 -16.80 -0.23
C PRO A 128 11.58 -16.09 0.94
N ILE A 129 12.89 -15.87 0.85
CA ILE A 129 13.62 -15.25 1.93
C ILE A 129 13.10 -13.85 2.21
N TYR A 130 12.71 -13.14 1.15
CA TYR A 130 12.40 -11.70 1.20
C TYR A 130 10.89 -11.41 1.12
N ALA A 131 10.05 -12.45 1.09
CA ALA A 131 8.63 -12.28 0.90
C ALA A 131 7.99 -11.46 2.01
N ASP A 132 8.45 -11.68 3.24
CA ASP A 132 7.79 -11.00 4.33
C ASP A 132 8.20 -9.53 4.45
N VAL A 133 9.48 -9.23 4.24
CA VAL A 133 9.96 -7.86 4.49
C VAL A 133 9.55 -6.89 3.36
N ALA A 134 9.35 -7.42 2.16
CA ALA A 134 9.30 -6.60 0.93
C ALA A 134 7.90 -6.26 0.47
N ASP A 135 7.74 -5.01 0.05
CA ASP A 135 6.55 -4.58 -0.68
C ASP A 135 6.50 -5.20 -2.08
N TYR A 136 7.68 -5.39 -2.69
CA TYR A 136 7.83 -5.92 -4.06
C TYR A 136 9.04 -6.83 -3.98
N ASN A 137 8.91 -8.04 -4.53
CA ASN A 137 9.90 -9.09 -4.29
C ASN A 137 9.91 -10.06 -5.46
N VAL A 138 10.84 -9.89 -6.40
CA VAL A 138 10.82 -10.65 -7.62
C VAL A 138 12.20 -11.14 -8.01
N THR A 139 12.23 -12.31 -8.66
CA THR A 139 13.43 -12.80 -9.30
C THR A 139 13.36 -12.51 -10.78
N ALA A 140 14.33 -11.73 -11.25
CA ALA A 140 14.41 -11.41 -12.66
C ALA A 140 14.82 -12.64 -13.47
N VAL A 141 14.25 -12.77 -14.66
CA VAL A 141 14.49 -13.95 -15.48
C VAL A 141 14.81 -13.61 -16.93
N ASN A 142 14.95 -12.33 -17.23
CA ASN A 142 15.16 -11.87 -18.62
C ASN A 142 16.01 -10.60 -18.58
N ALA A 143 16.93 -10.44 -19.52
CA ALA A 143 17.80 -9.28 -19.52
C ALA A 143 17.10 -8.05 -20.08
N ALA A 144 16.34 -8.21 -21.16
CA ALA A 144 15.70 -7.07 -21.81
C ALA A 144 14.70 -6.36 -20.89
N THR A 145 14.00 -7.08 -20.02
CA THR A 145 13.07 -6.46 -19.09
C THR A 145 13.70 -6.03 -17.76
N LEU A 146 14.98 -6.34 -17.57
CA LEU A 146 15.60 -6.06 -16.28
C LEU A 146 15.58 -4.55 -15.91
N PRO A 147 15.84 -3.65 -16.87
CA PRO A 147 15.74 -2.23 -16.52
C PRO A 147 14.34 -1.88 -16.03
N HIS A 148 13.32 -2.41 -16.68
CA HIS A 148 11.96 -2.17 -16.23
C HIS A 148 11.73 -2.71 -14.84
N VAL A 149 12.20 -3.92 -14.55
CA VAL A 149 11.97 -4.50 -13.23
C VAL A 149 12.61 -3.64 -12.13
N ILE A 150 13.81 -3.14 -12.39
CA ILE A 150 14.44 -2.20 -11.44
C ILE A 150 13.65 -0.89 -11.30
N ASP A 151 13.23 -0.34 -12.44
CA ASP A 151 12.41 0.86 -12.44
C ASP A 151 11.12 0.68 -11.65
N GLU A 152 10.47 -0.46 -11.87
CA GLU A 152 9.24 -0.82 -11.18
C GLU A 152 9.48 -0.93 -9.66
N ALA A 153 10.58 -1.59 -9.31
CA ALA A 153 10.93 -1.74 -7.92
C ALA A 153 11.08 -0.37 -7.23
N ILE A 154 11.81 0.53 -7.89
CA ILE A 154 12.01 1.88 -7.33
C ILE A 154 10.69 2.62 -7.18
N ARG A 155 9.92 2.62 -8.25
CA ARG A 155 8.67 3.36 -8.24
C ARG A 155 7.70 2.84 -7.18
N ARG A 156 7.62 1.52 -7.02
CA ARG A 156 6.82 0.94 -5.94
CA ARG A 156 6.82 0.93 -5.95
C ARG A 156 7.35 1.24 -4.56
N ALA A 157 8.67 1.14 -4.39
CA ALA A 157 9.27 1.43 -3.08
C ALA A 157 8.89 2.84 -2.64
N TYR A 158 9.00 3.80 -3.55
CA TYR A 158 8.58 5.18 -3.23
C TYR A 158 7.09 5.26 -2.95
N ALA A 159 6.28 4.77 -3.89
CA ALA A 159 4.84 4.92 -3.75
C ALA A 159 4.31 4.29 -2.47
N HIS A 160 4.90 3.17 -2.08
CA HIS A 160 4.41 2.36 -0.97
C HIS A 160 5.26 2.54 0.29
N GLN A 161 6.28 3.38 0.21
CA GLN A 161 7.16 3.71 1.34
C GLN A 161 7.65 2.44 2.04
N GLY A 162 8.36 1.61 1.27
CA GLY A 162 8.91 0.41 1.84
C GLY A 162 9.98 -0.20 0.95
N VAL A 163 10.18 -1.48 1.13
CA VAL A 163 11.32 -2.15 0.55
C VAL A 163 10.97 -2.91 -0.71
N ALA A 164 11.75 -2.72 -1.76
CA ALA A 164 11.63 -3.53 -2.97
C ALA A 164 12.90 -4.32 -3.12
N VAL A 165 12.75 -5.61 -3.38
CA VAL A 165 13.86 -6.55 -3.51
C VAL A 165 13.80 -7.20 -4.86
N VAL A 166 14.95 -7.23 -5.56
CA VAL A 166 15.05 -7.91 -6.85
C VAL A 166 16.22 -8.85 -6.75
N GLN A 167 15.95 -10.14 -6.97
CA GLN A 167 17.01 -11.14 -7.10
C GLN A 167 17.42 -11.22 -8.57
N ILE A 168 18.72 -11.10 -8.82
CA ILE A 168 19.23 -10.95 -10.19
C ILE A 168 20.20 -12.09 -10.53
N PRO A 169 19.76 -13.05 -11.35
CA PRO A 169 20.70 -14.07 -11.82
C PRO A 169 21.89 -13.38 -12.53
N VAL A 170 23.10 -13.79 -12.20
CA VAL A 170 24.30 -13.05 -12.55
C VAL A 170 24.55 -13.00 -14.06
N ASP A 171 23.98 -13.94 -14.82
CA ASP A 171 24.19 -13.89 -16.25
C ASP A 171 23.45 -12.71 -16.91
N LEU A 172 22.33 -12.27 -16.34
CA LEU A 172 21.49 -11.32 -17.06
C LEU A 172 22.16 -9.97 -17.30
N PRO A 173 22.87 -9.42 -16.31
CA PRO A 173 23.46 -8.09 -16.56
C PRO A 173 24.60 -8.08 -17.56
N TRP A 174 25.14 -9.25 -17.91
CA TRP A 174 26.17 -9.34 -18.93
C TRP A 174 25.57 -9.59 -20.32
N GLN A 175 24.26 -9.68 -20.46
CA GLN A 175 23.68 -9.88 -21.78
C GLN A 175 23.41 -8.55 -22.45
N GLN A 176 23.66 -8.49 -23.75
CA GLN A 176 23.34 -7.32 -24.55
C GLN A 176 21.84 -7.24 -24.77
N ILE A 177 21.30 -6.01 -24.68
CA ILE A 177 19.90 -5.73 -24.99
C ILE A 177 19.86 -4.52 -25.92
N PRO A 178 18.76 -4.34 -26.64
CA PRO A 178 18.68 -3.18 -27.54
C PRO A 178 18.84 -1.87 -26.78
N ALA A 179 19.69 -0.98 -27.28
CA ALA A 179 20.00 0.25 -26.58
C ALA A 179 18.81 1.19 -26.51
N GLU A 180 17.91 1.10 -27.47
CA GLU A 180 16.89 2.13 -27.59
C GLU A 180 15.58 1.81 -26.88
N ASP A 181 15.44 0.61 -26.34
CA ASP A 181 14.15 0.16 -25.85
C ASP A 181 13.89 0.53 -24.38
N TRP A 182 14.92 0.46 -23.55
CA TRP A 182 14.71 0.64 -22.10
C TRP A 182 14.51 2.10 -21.73
N TYR A 183 13.84 2.32 -20.62
CA TYR A 183 13.70 3.67 -20.12
C TYR A 183 13.54 3.63 -18.59
N ALA A 184 13.70 4.78 -17.96
CA ALA A 184 13.34 4.99 -16.58
C ALA A 184 12.15 5.90 -16.50
N SER A 185 11.31 5.67 -15.50
CA SER A 185 10.14 6.52 -15.26
C SER A 185 10.37 7.58 -14.17
N ALA A 186 11.62 7.83 -13.82
CA ALA A 186 11.99 8.87 -12.87
C ALA A 186 11.40 10.22 -13.26
N ASN A 187 11.41 10.50 -14.57
N ASN A 187 11.40 10.54 -14.54
CA ASN A 187 10.88 11.76 -15.08
CA ASN A 187 10.90 11.84 -14.95
C ASN A 187 9.42 11.98 -14.67
C ASN A 187 9.40 11.99 -14.75
N SER A 188 8.68 10.89 -14.53
CA SER A 188 7.25 10.93 -14.27
C SER A 188 6.90 10.92 -12.77
N TYR A 189 7.90 10.78 -11.92
CA TYR A 189 7.71 10.65 -10.47
C TYR A 189 7.01 11.84 -9.85
N GLN A 190 6.09 11.57 -8.93
CA GLN A 190 5.53 12.58 -8.07
C GLN A 190 5.29 11.96 -6.71
N THR A 191 5.25 12.80 -5.69
N THR A 191 5.25 12.80 -5.69
CA THR A 191 4.90 12.38 -4.33
CA THR A 191 4.94 12.37 -4.32
C THR A 191 3.39 12.39 -4.16
C THR A 191 3.42 12.41 -4.12
N PRO A 192 2.88 11.61 -3.18
CA PRO A 192 1.43 11.58 -3.04
C PRO A 192 0.78 12.94 -2.82
N LEU A 193 -0.42 13.10 -3.36
CA LEU A 193 -1.20 14.32 -3.14
C LEU A 193 -1.49 14.53 -1.65
N LEU A 194 -1.46 15.79 -1.20
CA LEU A 194 -1.75 16.11 0.20
C LEU A 194 -3.24 16.43 0.34
N PRO A 195 -4.00 15.58 1.06
CA PRO A 195 -5.43 15.86 1.26
C PRO A 195 -5.65 17.09 2.12
N GLU A 196 -6.77 17.76 1.84
N GLU A 196 -6.79 17.72 1.90
CA GLU A 196 -7.14 19.04 2.44
CA GLU A 196 -7.08 18.99 2.52
C GLU A 196 -8.12 18.83 3.60
C GLU A 196 -8.14 18.84 3.59
N PRO A 197 -8.04 19.69 4.63
CA PRO A 197 -8.94 19.59 5.77
C PRO A 197 -10.34 20.08 5.46
N ASP A 198 -11.34 19.28 5.80
CA ASP A 198 -12.74 19.69 5.72
C ASP A 198 -12.98 20.86 6.67
N VAL A 199 -13.56 21.93 6.17
CA VAL A 199 -13.74 23.15 6.93
C VAL A 199 -14.58 22.95 8.18
N GLN A 200 -15.73 22.32 8.01
CA GLN A 200 -16.62 22.11 9.17
C GLN A 200 -15.99 21.20 10.22
N ALA A 201 -15.34 20.12 9.79
CA ALA A 201 -14.70 19.21 10.73
C ALA A 201 -13.64 19.95 11.54
N VAL A 202 -12.86 20.77 10.86
CA VAL A 202 -11.79 21.47 11.57
C VAL A 202 -12.38 22.49 12.55
N THR A 203 -13.47 23.14 12.16
CA THR A 203 -14.17 24.03 13.11
C THR A 203 -14.70 23.28 14.34
N ARG A 204 -15.31 22.12 14.12
CA ARG A 204 -15.76 21.30 15.26
C ARG A 204 -14.59 20.84 16.16
N LEU A 205 -13.51 20.41 15.51
CA LEU A 205 -12.31 20.00 16.22
C LEU A 205 -11.81 21.17 17.08
N THR A 206 -11.73 22.35 16.49
CA THR A 206 -11.27 23.53 17.21
C THR A 206 -12.17 23.84 18.42
N GLN A 207 -13.47 23.77 18.21
CA GLN A 207 -14.38 24.03 19.31
C GLN A 207 -14.19 23.06 20.47
N THR A 208 -14.03 21.77 20.15
CA THR A 208 -13.80 20.78 21.17
C THR A 208 -12.48 21.02 21.91
N LEU A 209 -11.44 21.33 21.16
CA LEU A 209 -10.15 21.62 21.78
C LEU A 209 -10.23 22.83 22.71
N LEU A 210 -10.90 23.88 22.25
N LEU A 210 -10.89 23.89 22.24
CA LEU A 210 -11.00 25.10 23.06
CA LEU A 210 -11.05 25.10 23.05
C LEU A 210 -11.94 24.94 24.28
C LEU A 210 -11.89 24.88 24.32
N ALA A 211 -12.92 24.04 24.22
CA ALA A 211 -13.75 23.78 25.41
C ALA A 211 -13.09 22.91 26.48
N ALA A 212 -11.97 22.28 26.14
CA ALA A 212 -11.26 21.39 27.05
C ALA A 212 -10.77 22.13 28.30
N GLU A 213 -10.80 21.46 29.45
N GLU A 213 -10.82 21.45 29.44
CA GLU A 213 -10.21 22.02 30.66
CA GLU A 213 -10.28 21.98 30.69
C GLU A 213 -8.70 21.74 30.75
C GLU A 213 -8.79 21.66 30.86
N ARG A 214 -8.29 20.56 30.28
N ARG A 214 -8.36 20.53 30.28
CA ARG A 214 -6.90 20.12 30.39
CA ARG A 214 -6.96 20.08 30.37
C ARG A 214 -6.42 19.55 29.04
C ARG A 214 -6.51 19.53 29.01
N PRO A 215 -6.42 20.41 28.01
CA PRO A 215 -6.00 19.99 26.67
C PRO A 215 -4.51 19.73 26.52
N LEU A 216 -4.18 18.82 25.59
CA LEU A 216 -2.81 18.63 25.11
C LEU A 216 -2.81 18.45 23.62
N ILE A 217 -1.78 18.95 22.97
CA ILE A 217 -1.53 18.60 21.56
C ILE A 217 -0.35 17.62 21.57
N TYR A 218 -0.57 16.45 20.95
CA TYR A 218 0.33 15.30 21.01
C TYR A 218 0.67 14.88 19.56
N TYR A 219 1.83 15.31 19.09
CA TYR A 219 2.18 15.14 17.67
C TYR A 219 3.34 14.15 17.49
N GLY A 220 3.36 13.56 16.29
CA GLY A 220 4.46 12.74 15.85
C GLY A 220 5.08 13.34 14.59
N ILE A 221 5.91 12.54 13.93
CA ILE A 221 6.69 13.01 12.80
C ILE A 221 5.85 13.29 11.58
N GLY A 222 4.59 12.90 11.61
CA GLY A 222 3.64 13.33 10.59
C GLY A 222 3.46 14.84 10.59
N ALA A 223 3.76 15.49 11.71
CA ALA A 223 3.71 16.94 11.82
C ALA A 223 5.05 17.60 11.59
N ARG A 224 5.98 16.92 10.92
CA ARG A 224 7.33 17.45 10.81
C ARG A 224 7.41 18.75 10.01
N LYS A 225 6.42 19.05 9.18
CA LYS A 225 6.38 20.33 8.48
C LYS A 225 5.66 21.43 9.24
N ALA A 226 5.16 21.14 10.44
CA ALA A 226 4.20 22.02 11.11
C ALA A 226 4.72 22.52 12.44
N GLY A 227 6.04 22.54 12.63
CA GLY A 227 6.62 23.03 13.87
C GLY A 227 6.19 24.45 14.24
N LYS A 228 6.15 25.32 13.24
N LYS A 228 6.14 25.32 13.25
CA LYS A 228 5.80 26.71 13.47
CA LYS A 228 5.81 26.70 13.52
C LYS A 228 4.36 26.79 14.00
C LYS A 228 4.35 26.79 14.01
N GLU A 229 3.47 26.07 13.33
CA GLU A 229 2.08 26.07 13.70
C GLU A 229 1.87 25.46 15.08
N LEU A 230 2.56 24.36 15.37
CA LEU A 230 2.44 23.73 16.70
C LEU A 230 2.82 24.68 17.81
N GLU A 231 3.99 25.30 17.66
CA GLU A 231 4.44 26.21 18.70
C GLU A 231 3.51 27.41 18.82
N GLN A 232 3.06 27.96 17.70
CA GLN A 232 2.15 29.11 17.77
C GLN A 232 0.78 28.75 18.34
N LEU A 233 0.25 27.58 17.99
CA LEU A 233 -1.01 27.15 18.60
C LEU A 233 -0.85 27.02 20.11
N SER A 234 0.24 26.38 20.51
CA SER A 234 0.52 26.21 21.95
C SER A 234 0.57 27.58 22.69
N LYS A 235 1.34 28.51 22.16
CA LYS A 235 1.46 29.82 22.77
C LYS A 235 0.15 30.58 22.79
N THR A 236 -0.54 30.60 21.65
CA THR A 236 -1.77 31.39 21.50
C THR A 236 -2.87 30.85 22.41
N LEU A 237 -3.04 29.53 22.41
CA LEU A 237 -4.14 28.91 23.12
C LEU A 237 -3.81 28.51 24.55
N LYS A 238 -2.54 28.55 24.91
CA LYS A 238 -2.07 28.15 26.24
C LYS A 238 -2.34 26.64 26.44
N ILE A 239 -1.89 25.89 25.44
CA ILE A 239 -2.06 24.44 25.45
C ILE A 239 -0.68 23.81 25.37
N PRO A 240 -0.30 22.99 26.37
CA PRO A 240 1.02 22.35 26.29
C PRO A 240 1.14 21.36 25.11
N LEU A 241 2.39 21.16 24.72
CA LEU A 241 2.77 20.24 23.66
C LEU A 241 3.48 19.03 24.19
N MET A 242 3.19 17.89 23.58
CA MET A 242 3.99 16.71 23.81
C MET A 242 4.13 15.96 22.49
N SER A 243 5.12 15.07 22.41
CA SER A 243 5.41 14.44 21.14
C SER A 243 5.80 13.01 21.30
N THR A 244 5.85 12.31 20.19
CA THR A 244 6.54 11.03 20.18
C THR A 244 8.03 11.32 20.32
N TYR A 245 8.81 10.32 20.73
CA TYR A 245 10.24 10.52 20.82
C TYR A 245 10.86 10.97 19.47
N PRO A 246 10.54 10.30 18.35
CA PRO A 246 11.14 10.69 17.07
C PRO A 246 10.81 12.13 16.68
N ALA A 247 9.70 12.67 17.19
CA ALA A 247 9.28 14.03 16.88
C ALA A 247 9.98 15.08 17.75
N LYS A 248 10.84 14.66 18.67
CA LYS A 248 11.72 15.63 19.33
C LYS A 248 12.44 16.48 18.29
N GLY A 249 12.51 17.78 18.54
CA GLY A 249 13.20 18.69 17.64
C GLY A 249 12.33 19.43 16.63
N ILE A 250 11.16 18.90 16.32
CA ILE A 250 10.22 19.59 15.41
C ILE A 250 9.84 20.94 16.00
N VAL A 251 9.60 20.95 17.30
CA VAL A 251 9.54 22.20 18.08
C VAL A 251 10.79 22.21 18.95
N ALA A 252 11.46 23.34 19.05
CA ALA A 252 12.69 23.40 19.82
C ALA A 252 12.47 22.92 21.26
N ASP A 253 13.43 22.13 21.73
CA ASP A 253 13.39 21.63 23.10
C ASP A 253 13.30 22.75 24.13
N ARG A 254 13.87 23.91 23.80
N ARG A 254 13.85 23.92 23.83
CA ARG A 254 13.84 25.06 24.72
CA ARG A 254 13.83 25.02 24.79
C ARG A 254 12.42 25.56 24.99
C ARG A 254 12.46 25.68 24.91
N TYR A 255 11.49 25.28 24.08
CA TYR A 255 10.15 25.86 24.21
C TYR A 255 9.55 25.52 25.60
N PRO A 256 9.14 26.53 26.40
CA PRO A 256 8.85 26.16 27.81
C PRO A 256 7.60 25.33 28.06
N ALA A 257 6.75 25.12 27.06
CA ALA A 257 5.58 24.27 27.21
C ALA A 257 5.71 22.97 26.41
N TYR A 258 6.93 22.64 26.04
CA TYR A 258 7.20 21.31 25.44
C TYR A 258 7.44 20.33 26.59
N LEU A 259 6.55 19.36 26.73
CA LEU A 259 6.57 18.42 27.84
C LEU A 259 7.50 17.22 27.61
N GLY A 260 7.82 16.94 26.35
CA GLY A 260 8.54 15.72 26.00
C GLY A 260 7.65 14.63 25.48
N SER A 261 8.16 13.39 25.53
CA SER A 261 7.47 12.22 25.08
C SER A 261 7.03 11.36 26.26
N ALA A 262 6.13 10.43 25.96
CA ALA A 262 5.51 9.57 26.97
C ALA A 262 6.09 8.16 26.93
N ASN A 263 5.76 7.39 27.97
N ASN A 263 5.76 7.39 27.97
CA ASN A 263 6.20 6.00 28.19
CA ASN A 263 6.20 5.99 28.19
C ASN A 263 7.56 5.95 28.88
C ASN A 263 7.55 5.94 28.88
N ARG A 264 8.56 5.36 28.23
CA ARG A 264 9.86 5.11 28.85
C ARG A 264 10.96 5.96 28.24
N VAL A 265 11.05 5.99 26.90
CA VAL A 265 11.91 6.96 26.23
C VAL A 265 11.05 8.22 26.22
N ALA A 266 11.11 8.89 27.37
CA ALA A 266 10.04 9.75 27.86
C ALA A 266 10.58 10.76 28.82
N GLN A 267 9.80 11.81 29.04
CA GLN A 267 10.13 12.84 30.02
C GLN A 267 8.96 12.89 31.00
N LYS A 268 9.30 13.03 32.28
CA LYS A 268 8.32 13.04 33.35
C LYS A 268 7.07 13.91 33.08
N PRO A 269 7.26 15.19 32.67
CA PRO A 269 6.08 16.04 32.48
C PRO A 269 5.03 15.53 31.47
N ALA A 270 5.49 14.84 30.42
CA ALA A 270 4.58 14.31 29.41
C ALA A 270 3.74 13.17 29.98
N ASN A 271 4.37 12.24 30.71
CA ASN A 271 3.60 11.16 31.29
C ASN A 271 2.59 11.73 32.28
N GLU A 272 3.04 12.67 33.13
CA GLU A 272 2.13 13.15 34.15
C GLU A 272 0.94 13.92 33.55
N ALA A 273 1.22 14.77 32.57
CA ALA A 273 0.15 15.56 31.97
C ALA A 273 -0.81 14.69 31.18
N LEU A 274 -0.29 13.71 30.44
CA LEU A 274 -1.19 12.91 29.64
C LEU A 274 -2.24 12.19 30.49
N ALA A 275 -1.82 11.75 31.67
CA ALA A 275 -2.72 11.04 32.56
C ALA A 275 -3.85 11.93 33.06
N GLN A 276 -3.63 13.24 33.04
CA GLN A 276 -4.65 14.17 33.53
C GLN A 276 -5.52 14.77 32.42
N ALA A 277 -5.09 14.64 31.17
CA ALA A 277 -5.71 15.42 30.10
C ALA A 277 -7.12 14.97 29.81
N ASP A 278 -8.00 15.92 29.45
CA ASP A 278 -9.36 15.56 29.06
C ASP A 278 -9.55 15.50 27.55
N VAL A 279 -8.74 16.27 26.82
CA VAL A 279 -8.84 16.31 25.37
C VAL A 279 -7.43 16.26 24.79
N VAL A 280 -7.22 15.33 23.86
CA VAL A 280 -5.95 15.19 23.17
C VAL A 280 -6.15 15.39 21.69
N LEU A 281 -5.37 16.30 21.10
CA LEU A 281 -5.29 16.45 19.66
C LEU A 281 -4.07 15.62 19.23
N PHE A 282 -4.34 14.48 18.59
CA PHE A 282 -3.35 13.47 18.21
C PHE A 282 -3.12 13.70 16.72
N VAL A 283 -1.95 14.20 16.38
CA VAL A 283 -1.71 14.66 15.01
C VAL A 283 -0.41 14.08 14.44
N GLY A 284 -0.54 13.42 13.29
CA GLY A 284 0.63 12.88 12.63
C GLY A 284 1.40 11.90 13.51
N ASN A 285 0.63 11.04 14.18
CA ASN A 285 1.11 10.28 15.32
C ASN A 285 0.60 8.84 15.24
N ASN A 286 1.51 7.88 15.34
CA ASN A 286 1.17 6.48 15.44
C ASN A 286 1.85 5.81 16.63
N TYR A 287 1.96 6.54 17.73
CA TYR A 287 2.47 6.06 19.01
C TYR A 287 2.08 4.61 19.30
N PRO A 288 3.07 3.70 19.37
CA PRO A 288 2.74 2.27 19.40
C PRO A 288 2.39 1.76 20.80
N PHE A 289 2.60 2.59 21.82
CA PHE A 289 2.30 2.23 23.18
C PHE A 289 0.87 2.61 23.59
N ALA A 290 0.11 3.25 22.69
CA ALA A 290 -1.21 3.80 23.08
C ALA A 290 -2.07 2.81 23.85
N GLU A 291 -2.33 1.65 23.23
CA GLU A 291 -3.26 0.69 23.82
C GLU A 291 -2.63 -0.07 24.99
N VAL A 292 -1.41 -0.57 24.79
CA VAL A 292 -0.86 -1.44 25.82
C VAL A 292 -0.57 -0.69 27.12
N SER A 293 -0.29 0.61 27.04
CA SER A 293 -0.04 1.43 28.23
C SER A 293 -1.29 2.11 28.75
N LYS A 294 -2.43 1.89 28.07
CA LYS A 294 -3.70 2.54 28.45
C LYS A 294 -3.54 4.04 28.52
N ALA A 295 -2.77 4.61 27.58
CA ALA A 295 -2.38 6.00 27.65
C ALA A 295 -3.60 6.95 27.71
N PHE A 296 -4.64 6.57 26.98
CA PHE A 296 -5.81 7.42 26.79
C PHE A 296 -7.02 6.94 27.58
N LYS A 297 -6.81 6.13 28.63
N LYS A 297 -6.79 6.13 28.62
CA LYS A 297 -7.91 5.52 29.34
CA LYS A 297 -7.87 5.52 29.39
C LYS A 297 -8.84 6.52 30.02
C LYS A 297 -8.84 6.56 29.91
N ASN A 298 -8.30 7.67 30.37
CA ASN A 298 -9.15 8.71 30.97
C ASN A 298 -9.37 9.94 30.10
N THR A 299 -8.98 9.85 28.85
CA THR A 299 -9.21 10.94 27.92
C THR A 299 -10.70 11.01 27.57
N ARG A 300 -11.30 12.19 27.68
CA ARG A 300 -12.72 12.33 27.35
C ARG A 300 -12.94 12.42 25.85
N TYR A 301 -12.24 13.32 25.17
CA TYR A 301 -12.35 13.46 23.73
C TYR A 301 -11.00 13.31 23.06
N PHE A 302 -11.02 12.62 21.92
CA PHE A 302 -9.81 12.27 21.19
C PHE A 302 -10.01 12.76 19.77
N LEU A 303 -9.14 13.67 19.35
CA LEU A 303 -9.23 14.35 18.06
C LEU A 303 -8.02 13.96 17.26
N GLN A 304 -8.20 13.49 16.03
CA GLN A 304 -7.09 12.95 15.26
C GLN A 304 -6.99 13.60 13.90
N ILE A 305 -5.76 13.92 13.51
CA ILE A 305 -5.42 14.40 12.18
C ILE A 305 -4.32 13.47 11.62
N ASP A 306 -4.57 12.85 10.48
CA ASP A 306 -3.58 12.00 9.85
C ASP A 306 -3.88 11.94 8.36
N ILE A 307 -2.82 11.76 7.57
N ILE A 307 -2.86 11.80 7.51
CA ILE A 307 -2.91 11.66 6.12
CA ILE A 307 -3.09 11.63 6.07
C ILE A 307 -3.27 10.25 5.65
C ILE A 307 -3.45 10.22 5.67
N ASP A 308 -3.17 9.26 6.55
CA ASP A 308 -3.35 7.86 6.20
C ASP A 308 -4.66 7.32 6.77
N PRO A 309 -5.61 6.93 5.90
CA PRO A 309 -6.87 6.38 6.40
C PRO A 309 -6.68 5.14 7.28
N ALA A 310 -5.59 4.39 7.08
CA ALA A 310 -5.36 3.23 7.91
C ALA A 310 -5.11 3.56 9.37
N LYS A 311 -4.83 4.82 9.66
N LYS A 311 -4.86 4.83 9.67
CA LYS A 311 -4.52 5.25 11.02
CA LYS A 311 -4.51 5.25 11.01
C LYS A 311 -5.70 5.86 11.75
C LYS A 311 -5.71 5.84 11.75
N LEU A 312 -6.78 6.17 11.04
CA LEU A 312 -7.87 6.95 11.66
C LEU A 312 -8.71 6.07 12.61
N GLY A 313 -8.65 6.39 13.90
CA GLY A 313 -9.27 5.59 14.92
C GLY A 313 -8.47 4.36 15.29
N LYS A 314 -7.22 4.29 14.84
CA LYS A 314 -6.39 3.11 15.11
C LYS A 314 -6.06 2.96 16.59
N ARG A 315 -5.62 4.05 17.22
CA ARG A 315 -4.99 3.96 18.54
C ARG A 315 -5.95 4.30 19.67
N HIS A 316 -7.11 4.88 19.34
CA HIS A 316 -8.18 5.18 20.28
C HIS A 316 -9.40 5.57 19.45
N LYS A 317 -10.59 5.40 19.98
CA LYS A 317 -11.78 5.87 19.25
C LYS A 317 -11.75 7.39 19.12
N THR A 318 -12.05 7.88 17.91
CA THR A 318 -12.04 9.32 17.67
C THR A 318 -13.40 9.94 17.88
N ASP A 319 -13.36 11.17 18.34
CA ASP A 319 -14.53 12.02 18.34
C ASP A 319 -14.62 12.90 17.12
N ILE A 320 -13.47 13.33 16.61
N ILE A 320 -13.46 13.35 16.64
CA ILE A 320 -13.37 13.97 15.31
CA ILE A 320 -13.35 13.99 15.33
C ILE A 320 -12.10 13.45 14.69
C ILE A 320 -12.10 13.38 14.71
N ALA A 321 -12.20 13.00 13.44
CA ALA A 321 -11.06 12.51 12.68
C ALA A 321 -11.00 13.30 11.37
N VAL A 322 -9.81 13.81 11.09
CA VAL A 322 -9.55 14.60 9.90
C VAL A 322 -8.47 13.92 9.06
N LEU A 323 -8.85 13.53 7.85
CA LEU A 323 -7.95 12.87 6.91
C LEU A 323 -7.31 13.96 6.07
N ALA A 324 -6.21 14.52 6.55
CA ALA A 324 -5.58 15.65 5.88
C ALA A 324 -4.15 15.83 6.32
N ASP A 325 -3.43 16.62 5.55
CA ASP A 325 -2.09 17.02 5.90
C ASP A 325 -2.06 17.76 7.23
N ALA A 326 -1.09 17.43 8.08
CA ALA A 326 -0.96 18.05 9.39
C ALA A 326 -0.75 19.55 9.31
N GLN A 327 0.19 20.02 8.51
N GLN A 327 0.19 19.99 8.49
CA GLN A 327 0.43 21.45 8.48
CA GLN A 327 0.49 21.41 8.39
C GLN A 327 -0.77 22.22 7.96
C GLN A 327 -0.75 22.20 7.94
N LYS A 328 -1.42 21.74 6.89
CA LYS A 328 -2.59 22.43 6.36
CA LYS A 328 -2.59 22.45 6.37
C LYS A 328 -3.67 22.52 7.45
N THR A 329 -3.86 21.43 8.19
CA THR A 329 -4.91 21.39 9.18
C THR A 329 -4.60 22.30 10.38
N LEU A 330 -3.37 22.19 10.88
CA LEU A 330 -2.95 22.99 12.02
C LEU A 330 -2.98 24.48 11.65
N ALA A 331 -2.59 24.80 10.42
CA ALA A 331 -2.70 26.19 9.94
C ALA A 331 -4.18 26.64 9.96
N ALA A 332 -5.07 25.76 9.49
CA ALA A 332 -6.48 26.13 9.49
C ALA A 332 -7.05 26.33 10.91
N ILE A 333 -6.61 25.52 11.87
CA ILE A 333 -6.98 25.75 13.26
C ILE A 333 -6.46 27.13 13.72
N LEU A 334 -5.16 27.37 13.51
CA LEU A 334 -4.56 28.60 13.97
C LEU A 334 -5.25 29.82 13.37
N ALA A 335 -5.66 29.70 12.11
CA ALA A 335 -6.29 30.85 11.42
C ALA A 335 -7.64 31.24 12.02
N GLN A 336 -8.26 30.34 12.78
CA GLN A 336 -9.61 30.62 13.30
C GLN A 336 -9.65 30.80 14.80
N VAL A 337 -8.49 30.91 15.43
CA VAL A 337 -8.46 31.16 16.89
C VAL A 337 -7.74 32.46 17.20
N SER A 338 -7.95 32.94 18.41
N SER A 338 -7.99 32.95 18.42
CA SER A 338 -7.27 34.14 18.87
CA SER A 338 -7.38 34.16 18.93
C SER A 338 -6.67 33.89 20.24
C SER A 338 -6.66 33.86 20.24
N GLU A 339 -5.79 34.79 20.66
CA GLU A 339 -5.07 34.67 21.92
C GLU A 339 -6.01 34.44 23.09
N ARG A 340 -5.69 33.43 23.90
CA ARG A 340 -6.42 33.12 25.12
C ARG A 340 -5.57 33.45 26.34
N GLU A 341 -6.21 33.80 27.44
N GLU A 341 -6.22 33.80 27.43
CA GLU A 341 -5.48 34.04 28.66
CA GLU A 341 -5.55 34.01 28.70
C GLU A 341 -5.01 32.73 29.29
C GLU A 341 -4.99 32.71 29.27
N SER A 342 -3.97 32.88 30.09
CA SER A 342 -3.46 31.80 30.94
C SER A 342 -4.57 31.07 31.67
N THR A 343 -4.35 29.79 31.94
CA THR A 343 -5.23 28.97 32.74
C THR A 343 -4.40 28.32 33.84
N PRO A 344 -5.07 27.77 34.85
CA PRO A 344 -4.39 26.97 35.88
C PRO A 344 -3.63 25.75 35.30
N TRP A 345 -4.24 25.08 34.32
CA TRP A 345 -3.63 23.92 33.67
C TRP A 345 -2.32 24.30 33.00
N TRP A 346 -2.33 25.40 32.27
CA TRP A 346 -1.16 25.91 31.60
C TRP A 346 -0.04 26.19 32.59
N GLN A 347 -0.35 26.94 33.65
CA GLN A 347 0.70 27.28 34.61
C GLN A 347 1.23 26.07 35.36
N ALA A 348 0.34 25.12 35.68
CA ALA A 348 0.80 23.93 36.41
C ALA A 348 1.83 23.18 35.53
N ASN A 349 1.48 23.06 34.25
CA ASN A 349 2.44 22.42 33.34
C ASN A 349 3.75 23.17 33.16
N LEU A 350 3.66 24.50 33.01
CA LEU A 350 4.90 25.27 32.86
C LEU A 350 5.82 25.07 34.06
N ALA A 351 5.23 25.10 35.26
CA ALA A 351 6.04 24.91 36.47
C ALA A 351 6.66 23.52 36.52
N ASN A 352 5.88 22.52 36.13
CA ASN A 352 6.37 21.15 36.15
C ASN A 352 7.57 20.97 35.19
N VAL A 353 7.45 21.57 34.01
CA VAL A 353 8.55 21.55 33.04
C VAL A 353 9.79 22.22 33.60
N LYS A 354 9.65 23.39 34.21
N LYS A 354 9.64 23.40 34.19
CA LYS A 354 10.81 24.07 34.80
CA LYS A 354 10.79 24.08 34.78
C LYS A 354 11.51 23.20 35.84
C LYS A 354 11.50 23.20 35.82
N ASN A 355 10.71 22.56 36.69
CA ASN A 355 11.27 21.67 37.73
C ASN A 355 12.06 20.49 37.11
N TRP A 356 11.46 19.89 36.08
CA TRP A 356 12.11 18.80 35.35
C TRP A 356 13.42 19.22 34.69
N ARG A 357 13.39 20.36 34.00
CA ARG A 357 14.59 20.81 33.34
C ARG A 357 15.69 21.14 34.33
N ALA A 358 15.33 21.68 35.50
CA ALA A 358 16.34 21.93 36.54
C ALA A 358 16.98 20.62 37.00
N TYR A 359 16.16 19.57 37.12
CA TYR A 359 16.73 18.25 37.45
C TYR A 359 17.76 17.79 36.42
N LEU A 360 17.35 17.84 35.16
CA LEU A 360 18.28 17.41 34.11
C LEU A 360 19.56 18.23 34.08
N ALA A 361 19.40 19.53 34.25
CA ALA A 361 20.57 20.39 34.32
C ALA A 361 21.47 20.02 35.49
N SER A 362 20.89 19.68 36.65
CA SER A 362 21.73 19.32 37.78
C SER A 362 22.59 18.10 37.48
N LEU A 363 22.03 17.15 36.75
CA LEU A 363 22.85 16.00 36.32
C LEU A 363 23.95 16.42 35.35
N GLU A 364 23.59 17.24 34.36
CA GLU A 364 24.57 17.70 33.36
C GLU A 364 25.72 18.51 33.94
N ASP A 365 25.43 19.28 34.98
CA ASP A 365 26.34 20.34 35.44
C ASP A 365 27.36 19.91 36.46
N LYS A 366 27.34 18.66 36.86
CA LYS A 366 28.43 18.15 37.66
C LYS A 366 29.74 18.41 36.92
N GLN A 367 30.79 18.70 37.68
CA GLN A 367 32.08 19.09 37.11
C GLN A 367 33.21 18.11 37.35
N GLU A 368 33.04 17.22 38.33
CA GLU A 368 34.05 16.22 38.57
C GLU A 368 33.46 14.95 39.19
N GLY A 369 34.17 13.85 39.06
CA GLY A 369 33.77 12.60 39.66
C GLY A 369 33.48 11.54 38.60
N PRO A 370 32.91 10.41 39.02
CA PRO A 370 32.66 9.29 38.10
C PRO A 370 31.73 9.70 36.98
N LEU A 371 32.15 9.37 35.77
CA LEU A 371 31.43 9.82 34.60
C LEU A 371 30.10 9.10 34.44
N GLN A 372 29.07 9.87 34.17
CA GLN A 372 27.75 9.34 33.86
C GLN A 372 27.33 9.76 32.45
N ALA A 373 26.35 9.06 31.90
CA ALA A 373 25.84 9.38 30.57
C ALA A 373 25.44 10.86 30.46
N TYR A 374 24.93 11.43 31.55
CA TYR A 374 24.35 12.76 31.53
C TYR A 374 25.39 13.81 31.17
N GLN A 375 26.59 13.68 31.75
CA GLN A 375 27.62 14.67 31.45
C GLN A 375 28.22 14.48 30.06
N VAL A 376 28.27 13.23 29.60
CA VAL A 376 28.75 12.96 28.25
C VAL A 376 27.86 13.72 27.27
N LEU A 377 26.55 13.62 27.51
CA LEU A 377 25.61 14.31 26.63
C LEU A 377 25.70 15.85 26.74
N ARG A 378 25.92 16.36 27.95
CA ARG A 378 26.21 17.79 28.07
C ARG A 378 27.44 18.18 27.22
N ALA A 379 28.47 17.32 27.22
CA ALA A 379 29.67 17.62 26.46
C ALA A 379 29.41 17.60 24.97
N VAL A 380 28.57 16.67 24.53
CA VAL A 380 28.08 16.70 23.15
C VAL A 380 27.38 18.01 22.86
N ASN A 381 26.44 18.42 23.72
CA ASN A 381 25.76 19.69 23.50
C ASN A 381 26.76 20.84 23.36
N LYS A 382 27.80 20.82 24.18
CA LYS A 382 28.73 21.94 24.20
C LYS A 382 29.56 22.07 22.92
N ILE A 383 29.78 20.98 22.19
CA ILE A 383 30.54 21.06 20.93
C ILE A 383 29.64 20.99 19.70
N ALA A 384 28.32 20.86 19.90
CA ALA A 384 27.40 20.66 18.79
C ALA A 384 27.10 21.94 18.04
N GLU A 385 27.19 21.85 16.71
N GLU A 385 27.17 21.85 16.71
CA GLU A 385 26.78 22.94 15.84
CA GLU A 385 26.76 22.94 15.85
C GLU A 385 25.25 22.96 15.80
C GLU A 385 25.24 22.98 15.77
N PRO A 386 24.67 24.11 15.42
N PRO A 386 24.65 24.16 15.47
CA PRO A 386 23.20 24.24 15.51
CA PRO A 386 23.19 24.29 15.49
C PRO A 386 22.41 23.44 14.49
C PRO A 386 22.44 23.37 14.52
N ASP A 387 23.08 22.95 13.44
CA ASP A 387 22.46 22.09 12.46
C ASP A 387 23.04 20.69 12.45
N ALA A 388 23.62 20.28 13.57
CA ALA A 388 24.15 18.92 13.67
C ALA A 388 23.08 17.86 13.43
N ILE A 389 23.55 16.72 12.94
CA ILE A 389 22.76 15.52 12.72
C ILE A 389 23.23 14.43 13.69
N TYR A 390 22.28 13.77 14.33
CA TYR A 390 22.56 12.70 15.29
C TYR A 390 22.02 11.37 14.79
N SER A 391 22.91 10.40 14.62
CA SER A 391 22.53 9.00 14.40
C SER A 391 22.64 8.32 15.76
N ILE A 392 21.51 7.81 16.24
CA ILE A 392 21.42 7.27 17.61
C ILE A 392 21.12 5.79 17.53
N ASP A 393 21.87 5.00 18.29
CA ASP A 393 21.69 3.56 18.34
C ASP A 393 20.49 3.26 19.27
N VAL A 394 20.41 2.03 19.81
CA VAL A 394 19.21 1.57 20.52
C VAL A 394 19.59 1.09 21.91
N GLY A 395 18.89 1.63 22.89
CA GLY A 395 19.12 1.30 24.29
C GLY A 395 18.94 2.50 25.19
N ASP A 396 19.66 2.53 26.31
CA ASP A 396 19.57 3.71 27.19
C ASP A 396 19.86 5.02 26.44
N ILE A 397 20.64 4.96 25.37
CA ILE A 397 20.95 6.19 24.67
C ILE A 397 19.71 6.86 24.10
N ASN A 398 18.69 6.11 23.71
CA ASN A 398 17.48 6.79 23.22
C ASN A 398 16.87 7.62 24.36
N LEU A 399 16.79 6.98 25.51
CA LEU A 399 16.22 7.61 26.69
C LEU A 399 17.05 8.86 27.08
N ASN A 400 18.36 8.69 27.20
CA ASN A 400 19.21 9.79 27.65
C ASN A 400 19.32 10.90 26.60
N ALA A 401 19.47 10.53 25.33
CA ALA A 401 19.52 11.55 24.29
C ALA A 401 18.20 12.32 24.21
N ASN A 402 17.07 11.61 24.31
CA ASN A 402 15.79 12.28 24.31
C ASN A 402 15.69 13.34 25.42
N ARG A 403 16.21 13.02 26.60
CA ARG A 403 16.20 14.04 27.67
C ARG A 403 17.19 15.17 27.52
N HIS A 404 18.42 14.84 27.12
CA HIS A 404 19.50 15.81 27.18
C HIS A 404 19.86 16.57 25.92
N LEU A 405 19.70 16.00 24.73
CA LEU A 405 20.05 16.75 23.53
C LEU A 405 19.16 17.98 23.45
N LYS A 406 19.78 19.10 23.08
CA LYS A 406 19.05 20.37 22.95
C LYS A 406 18.81 20.65 21.48
N LEU A 407 17.73 20.11 20.95
CA LEU A 407 17.50 20.17 19.51
C LEU A 407 16.58 21.30 19.14
N THR A 408 16.72 21.70 17.89
CA THR A 408 15.86 22.70 17.27
C THR A 408 15.44 22.21 15.89
N PRO A 409 14.58 22.98 15.22
CA PRO A 409 14.18 22.58 13.86
C PRO A 409 15.36 22.43 12.88
N SER A 410 16.50 23.02 13.18
N SER A 410 16.51 23.01 13.16
CA SER A 410 17.67 22.93 12.31
CA SER A 410 17.64 22.89 12.23
C SER A 410 18.39 21.58 12.38
C SER A 410 18.49 21.62 12.43
N ASN A 411 18.15 20.82 13.44
CA ASN A 411 18.76 19.50 13.61
C ASN A 411 18.00 18.39 12.89
N ARG A 412 18.69 17.27 12.68
CA ARG A 412 18.02 16.00 12.44
C ARG A 412 18.56 14.96 13.42
N HIS A 413 17.69 14.05 13.82
CA HIS A 413 18.11 12.86 14.55
C HIS A 413 17.35 11.67 14.02
N ILE A 414 18.04 10.54 13.90
CA ILE A 414 17.43 9.31 13.42
C ILE A 414 17.89 8.16 14.30
N THR A 415 17.00 7.18 14.42
CA THR A 415 17.32 5.89 15.00
C THR A 415 16.45 4.88 14.26
N SER A 416 16.47 3.65 14.73
CA SER A 416 15.55 2.64 14.25
C SER A 416 14.30 2.75 15.09
N ASN A 417 13.31 3.51 14.62
CA ASN A 417 12.24 3.93 15.52
C ASN A 417 11.40 2.80 16.08
N LEU A 418 11.07 1.83 15.21
CA LEU A 418 10.03 0.85 15.54
C LEU A 418 10.50 -0.59 15.53
N PHE A 419 11.24 -0.98 14.51
CA PHE A 419 11.93 -2.26 14.55
C PHE A 419 12.99 -2.23 15.64
N ALA A 420 13.54 -1.05 15.90
CA ALA A 420 14.51 -0.81 16.98
C ALA A 420 15.68 -1.78 16.94
N THR A 421 16.28 -1.90 15.76
CA THR A 421 17.50 -2.69 15.66
C THR A 421 18.72 -1.95 16.22
N MET A 422 19.38 -2.58 17.19
CA MET A 422 20.69 -2.14 17.63
C MET A 422 21.64 -2.18 16.42
N GLY A 423 22.67 -1.36 16.54
CA GLY A 423 23.75 -1.32 15.56
C GLY A 423 23.62 -0.20 14.56
N VAL A 424 22.48 0.50 14.54
N VAL A 424 22.52 0.53 14.64
CA VAL A 424 22.23 1.53 13.52
CA VAL A 424 22.16 1.49 13.61
C VAL A 424 23.04 2.80 13.68
C VAL A 424 22.94 2.81 13.73
N GLY A 425 23.63 3.02 14.86
CA GLY A 425 24.37 4.27 15.08
C GLY A 425 25.43 4.51 14.00
N ILE A 426 26.30 3.52 13.80
CA ILE A 426 27.39 3.60 12.81
C ILE A 426 26.87 3.85 11.38
N PRO A 427 25.98 2.97 10.85
CA PRO A 427 25.50 3.20 9.47
C PRO A 427 24.72 4.48 9.30
N GLY A 428 23.92 4.85 10.30
CA GLY A 428 23.17 6.10 10.17
C GLY A 428 24.10 7.29 10.05
N ALA A 429 25.21 7.26 10.78
CA ALA A 429 26.17 8.36 10.70
C ALA A 429 26.94 8.37 9.36
N ILE A 430 27.27 7.17 8.87
CA ILE A 430 27.86 7.06 7.51
C ILE A 430 26.92 7.73 6.48
N ALA A 431 25.64 7.34 6.52
CA ALA A 431 24.67 7.93 5.60
C ALA A 431 24.55 9.44 5.78
N ALA A 432 24.48 9.86 7.03
CA ALA A 432 24.36 11.29 7.28
C ALA A 432 25.54 12.05 6.69
N LYS A 433 26.76 11.57 6.89
CA LYS A 433 27.91 12.32 6.41
C LYS A 433 28.00 12.33 4.87
N LEU A 434 27.60 11.22 4.24
CA LEU A 434 27.55 11.19 2.79
C LEU A 434 26.55 12.22 2.26
N ASN A 435 25.36 12.29 2.87
CA ASN A 435 24.33 13.24 2.42
C ASN A 435 24.58 14.68 2.81
N TYR A 436 25.32 14.92 3.89
CA TYR A 436 25.55 16.28 4.39
C TYR A 436 26.99 16.47 4.83
N PRO A 437 27.91 16.51 3.85
CA PRO A 437 29.32 16.54 4.20
C PRO A 437 29.70 17.76 4.99
N GLU A 438 28.97 18.86 4.85
CA GLU A 438 29.31 20.09 5.52
C GLU A 438 28.63 20.24 6.88
N ARG A 439 27.79 19.28 7.29
CA ARG A 439 27.18 19.33 8.62
C ARG A 439 27.86 18.37 9.57
N GLN A 440 27.87 18.75 10.83
CA GLN A 440 28.48 17.92 11.85
C GLN A 440 27.56 16.71 12.09
N VAL A 441 28.17 15.53 12.26
CA VAL A 441 27.43 14.31 12.44
C VAL A 441 27.98 13.57 13.63
N PHE A 442 27.07 13.16 14.51
CA PHE A 442 27.37 12.30 15.65
C PHE A 442 26.77 10.93 15.47
N ASN A 443 27.48 9.94 16.01
CA ASN A 443 26.94 8.61 16.24
C ASN A 443 26.97 8.43 17.74
N LEU A 444 25.78 8.31 18.34
CA LEU A 444 25.67 8.14 19.78
C LEU A 444 25.20 6.71 20.01
N ALA A 445 26.03 5.89 20.66
CA ALA A 445 25.75 4.46 20.73
C ALA A 445 26.15 3.88 22.08
N GLY A 446 25.36 2.94 22.58
CA GLY A 446 25.80 2.13 23.68
C GLY A 446 26.85 1.14 23.24
N ASP A 447 27.56 0.56 24.22
CA ASP A 447 28.59 -0.41 23.92
C ASP A 447 28.04 -1.67 23.25
N GLY A 448 26.86 -2.14 23.65
CA GLY A 448 26.28 -3.31 23.04
C GLY A 448 25.97 -3.07 21.57
N GLY A 449 25.38 -1.92 21.27
CA GLY A 449 25.02 -1.59 19.90
C GLY A 449 26.21 -1.29 19.02
N ALA A 450 27.15 -0.53 19.54
CA ALA A 450 28.37 -0.21 18.82
C ALA A 450 29.12 -1.50 18.53
N SER A 451 29.15 -2.42 19.49
N SER A 451 29.15 -2.43 19.49
CA SER A 451 29.79 -3.71 19.25
CA SER A 451 29.85 -3.69 19.23
C SER A 451 29.25 -4.43 18.04
C SER A 451 29.24 -4.53 18.11
N MET A 452 27.94 -4.40 17.86
CA MET A 452 27.33 -5.17 16.81
C MET A 452 27.80 -4.78 15.41
N THR A 453 28.08 -3.50 15.22
CA THR A 453 28.47 -2.98 13.90
C THR A 453 29.84 -2.32 13.91
N MET A 454 30.66 -2.63 14.91
CA MET A 454 31.96 -1.98 15.12
C MET A 454 32.87 -2.02 13.92
N GLN A 455 32.81 -3.11 13.14
CA GLN A 455 33.75 -3.21 12.03
C GLN A 455 33.61 -2.09 11.02
N ASP A 456 32.41 -1.52 10.92
CA ASP A 456 32.15 -0.48 9.95
C ASP A 456 32.60 0.91 10.42
N LEU A 457 33.21 0.99 11.59
CA LEU A 457 34.06 2.15 11.86
C LEU A 457 35.15 2.26 10.75
N ALA A 458 35.59 1.11 10.21
CA ALA A 458 36.60 1.10 9.15
C ALA A 458 36.10 1.80 7.91
N THR A 459 34.78 1.75 7.70
CA THR A 459 34.16 2.39 6.54
C THR A 459 34.21 3.91 6.65
N GLN A 460 34.03 4.42 7.85
CA GLN A 460 34.19 5.84 8.07
C GLN A 460 35.64 6.24 7.75
N VAL A 461 36.58 5.41 8.20
CA VAL A 461 37.99 5.72 7.88
C VAL A 461 38.26 5.68 6.37
N GLN A 462 37.79 4.63 5.70
CA GLN A 462 38.08 4.39 4.28
C GLN A 462 37.57 5.49 3.40
N TYR A 463 36.40 6.02 3.73
CA TYR A 463 35.77 7.08 2.95
C TYR A 463 35.95 8.47 3.56
N HIS A 464 36.81 8.55 4.57
CA HIS A 464 37.18 9.82 5.21
C HIS A 464 35.91 10.60 5.60
N LEU A 465 35.00 9.92 6.29
CA LEU A 465 33.73 10.51 6.72
C LEU A 465 33.88 10.99 8.18
N PRO A 466 33.95 12.33 8.42
CA PRO A 466 34.34 12.76 9.78
C PRO A 466 33.22 12.73 10.82
N VAL A 467 32.74 11.53 11.13
CA VAL A 467 31.76 11.31 12.15
C VAL A 467 32.42 11.45 13.52
N ILE A 468 31.68 12.03 14.47
CA ILE A 468 32.07 12.02 15.89
C ILE A 468 31.30 10.87 16.55
N ASN A 469 32.00 9.78 16.83
CA ASN A 469 31.43 8.58 17.45
C ASN A 469 31.59 8.69 18.94
N VAL A 470 30.49 8.54 19.68
CA VAL A 470 30.53 8.53 21.15
C VAL A 470 29.91 7.24 21.64
N VAL A 471 30.73 6.41 22.25
CA VAL A 471 30.28 5.11 22.75
C VAL A 471 30.11 5.21 24.26
N PHE A 472 28.97 4.75 24.75
CA PHE A 472 28.62 4.81 26.19
C PHE A 472 28.87 3.42 26.78
N THR A 473 30.03 3.27 27.41
CA THR A 473 30.52 1.98 27.87
C THR A 473 30.13 1.81 29.33
N ASN A 474 29.05 1.04 29.56
CA ASN A 474 28.65 0.62 30.88
C ASN A 474 28.92 -0.84 31.17
N CYS A 475 29.47 -1.59 30.20
CA CYS A 475 29.67 -3.03 30.31
C CYS A 475 28.36 -3.74 30.61
N GLN A 476 27.28 -3.23 30.03
CA GLN A 476 25.95 -3.77 30.24
C GLN A 476 25.09 -3.61 29.01
N TYR A 477 24.08 -4.46 28.91
CA TYR A 477 22.90 -4.13 28.12
C TYR A 477 21.98 -3.43 29.14
N GLY A 478 22.26 -2.15 29.39
CA GLY A 478 21.61 -1.46 30.51
C GLY A 478 20.10 -1.42 30.43
N PHE A 479 19.61 -1.11 29.22
CA PHE A 479 18.17 -1.02 29.00
C PHE A 479 17.47 -2.33 29.41
N ILE A 480 18.13 -3.45 29.12
CA ILE A 480 17.57 -4.78 29.44
C ILE A 480 17.81 -5.17 30.91
N LYS A 481 18.95 -4.81 31.47
CA LYS A 481 19.17 -5.04 32.88
C LYS A 481 18.03 -4.41 33.70
N ASP A 482 17.69 -3.17 33.36
CA ASP A 482 16.60 -2.48 34.06
C ASP A 482 15.28 -3.21 33.89
N GLU A 483 15.03 -3.74 32.70
CA GLU A 483 13.82 -4.55 32.52
C GLU A 483 13.81 -5.79 33.41
N GLN A 484 14.95 -6.49 33.49
CA GLN A 484 15.04 -7.65 34.38
C GLN A 484 14.82 -7.23 35.82
N GLU A 485 15.38 -6.08 36.24
CA GLU A 485 15.12 -5.58 37.57
C GLU A 485 13.61 -5.47 37.79
N ASP A 486 12.92 -4.94 36.79
CA ASP A 486 11.48 -4.72 36.90
C ASP A 486 10.59 -5.98 36.89
N THR A 487 10.98 -6.98 36.11
CA THR A 487 10.13 -8.14 35.92
C THR A 487 10.64 -9.47 36.46
N ASN A 488 11.95 -9.69 36.52
CA ASN A 488 12.47 -11.04 36.69
C ASN A 488 12.54 -11.37 38.16
N GLN A 489 12.29 -12.63 38.50
CA GLN A 489 12.36 -13.07 39.88
C GLN A 489 13.74 -13.52 40.29
N ASN A 490 14.47 -14.10 39.33
CA ASN A 490 15.79 -14.62 39.58
C ASN A 490 16.86 -13.60 39.24
N ASP A 491 18.13 -13.95 39.46
CA ASP A 491 19.23 -13.02 39.28
C ASP A 491 19.36 -12.58 37.84
N PHE A 492 19.97 -11.41 37.67
CA PHE A 492 20.25 -10.86 36.36
C PHE A 492 21.00 -11.89 35.52
N ILE A 493 20.72 -11.94 34.23
CA ILE A 493 21.43 -12.87 33.35
C ILE A 493 21.55 -12.27 31.94
N GLY A 494 22.75 -12.36 31.39
CA GLY A 494 23.02 -11.89 30.05
C GLY A 494 23.11 -10.40 29.86
N VAL A 495 23.10 -9.64 30.96
CA VAL A 495 23.03 -8.18 30.88
C VAL A 495 24.29 -7.42 31.38
N GLU A 496 25.23 -8.13 32.00
CA GLU A 496 26.49 -7.54 32.40
C GLU A 496 27.59 -8.38 31.75
N PHE A 497 28.57 -7.71 31.15
CA PHE A 497 29.55 -8.38 30.34
C PHE A 497 30.91 -7.70 30.42
N ASN A 498 31.89 -8.27 29.75
N ASN A 498 31.89 -8.27 29.73
CA ASN A 498 33.24 -7.77 29.84
CA ASN A 498 33.28 -7.81 29.83
C ASN A 498 33.38 -6.45 29.06
C ASN A 498 33.54 -6.57 28.96
N ASP A 499 34.36 -5.68 29.47
CA ASP A 499 34.72 -4.45 28.79
C ASP A 499 35.30 -4.69 27.39
N ILE A 500 34.97 -3.77 26.49
CA ILE A 500 35.67 -3.61 25.21
C ILE A 500 36.13 -2.17 25.19
N ASP A 501 37.41 -1.98 24.93
CA ASP A 501 38.01 -0.63 24.86
C ASP A 501 37.87 -0.13 23.43
N PHE A 502 36.85 0.69 23.18
CA PHE A 502 36.58 1.16 21.83
C PHE A 502 37.61 2.15 21.32
N SER A 503 38.41 2.73 22.20
CA SER A 503 39.53 3.53 21.72
C SER A 503 40.59 2.65 21.05
N LYS A 504 40.75 1.42 21.53
CA LYS A 504 41.64 0.44 20.88
C LYS A 504 41.03 -0.16 19.62
N ILE A 505 39.72 -0.42 19.64
CA ILE A 505 39.02 -0.80 18.40
C ILE A 505 39.24 0.27 17.33
N ALA A 506 39.00 1.52 17.70
CA ALA A 506 39.23 2.64 16.78
C ALA A 506 40.67 2.63 16.29
N ASP A 507 41.63 2.51 17.19
CA ASP A 507 43.03 2.43 16.76
C ASP A 507 43.24 1.32 15.72
N GLY A 508 42.63 0.17 15.98
CA GLY A 508 42.69 -0.95 15.06
C GLY A 508 42.22 -0.65 13.65
N VAL A 509 41.18 0.15 13.50
CA VAL A 509 40.70 0.55 12.18
C VAL A 509 41.34 1.87 11.69
N HIS A 510 42.30 2.39 12.44
CA HIS A 510 43.06 3.60 12.08
C HIS A 510 42.23 4.86 12.16
N MET A 511 41.45 4.95 13.24
CA MET A 511 40.66 6.13 13.59
C MET A 511 41.22 6.69 14.88
N GLN A 512 41.41 8.00 14.93
CA GLN A 512 41.79 8.67 16.17
C GLN A 512 40.74 8.51 17.24
N ALA A 513 41.17 8.32 18.48
CA ALA A 513 40.22 8.06 19.56
C ALA A 513 40.75 8.40 20.94
N PHE A 514 39.80 8.48 21.87
CA PHE A 514 40.04 8.78 23.27
C PHE A 514 39.17 7.86 24.12
N ARG A 515 39.64 7.57 25.31
CA ARG A 515 38.80 6.93 26.32
C ARG A 515 38.82 7.79 27.58
N VAL A 516 37.64 8.00 28.18
CA VAL A 516 37.50 8.85 29.34
C VAL A 516 36.63 8.15 30.37
N ASN A 517 36.91 8.36 31.66
CA ASN A 517 36.08 7.79 32.71
C ASN A 517 35.76 8.76 33.85
N LYS A 518 36.13 10.02 33.70
CA LYS A 518 35.86 11.02 34.74
C LYS A 518 35.26 12.27 34.10
N ILE A 519 34.32 12.89 34.82
CA ILE A 519 33.63 14.08 34.30
C ILE A 519 34.65 15.19 33.90
N GLU A 520 35.66 15.39 34.73
CA GLU A 520 36.63 16.46 34.48
C GLU A 520 37.45 16.28 33.18
N GLN A 521 37.46 15.07 32.62
CA GLN A 521 38.19 14.84 31.39
C GLN A 521 37.41 15.29 30.17
N LEU A 522 36.11 15.53 30.33
CA LEU A 522 35.28 15.74 29.12
C LEU A 522 35.63 16.97 28.26
N PRO A 523 35.79 18.17 28.87
CA PRO A 523 35.92 19.34 28.00
C PRO A 523 37.07 19.26 27.00
N ASP A 524 38.25 18.88 27.46
CA ASP A 524 39.38 18.87 26.55
C ASP A 524 39.27 17.77 25.49
N VAL A 525 38.79 16.59 25.88
CA VAL A 525 38.64 15.52 24.90
C VAL A 525 37.61 15.88 23.84
N PHE A 526 36.48 16.46 24.26
CA PHE A 526 35.46 16.85 23.28
C PHE A 526 35.93 18.00 22.40
N GLU A 527 36.72 18.90 22.95
N GLU A 527 36.71 18.91 22.94
CA GLU A 527 37.30 19.96 22.14
CA GLU A 527 37.28 19.96 22.09
C GLU A 527 38.23 19.39 21.06
C GLU A 527 38.21 19.38 21.04
N GLN A 528 39.08 18.44 21.44
CA GLN A 528 39.98 17.81 20.48
C GLN A 528 39.16 17.07 19.41
N ALA A 529 38.14 16.36 19.84
CA ALA A 529 37.31 15.60 18.89
C ALA A 529 36.63 16.53 17.88
N LYS A 530 36.09 17.65 18.36
N LYS A 530 36.10 17.65 18.37
CA LYS A 530 35.44 18.63 17.51
CA LYS A 530 35.44 18.62 17.51
C LYS A 530 36.38 19.09 16.41
C LYS A 530 36.39 19.06 16.40
N ALA A 531 37.64 19.30 16.77
CA ALA A 531 38.65 19.75 15.80
C ALA A 531 39.07 18.63 14.83
N ILE A 532 39.30 17.42 15.34
CA ILE A 532 39.68 16.30 14.48
C ILE A 532 38.61 16.09 13.42
N ALA A 533 37.35 16.19 13.83
CA ALA A 533 36.23 15.94 12.94
C ALA A 533 35.97 17.08 11.95
N GLN A 534 36.88 18.05 11.87
CA GLN A 534 36.85 18.92 10.69
C GLN A 534 37.35 18.19 9.45
N HIS A 535 38.08 17.08 9.66
CA HIS A 535 38.70 16.35 8.55
C HIS A 535 38.62 14.84 8.58
N GLU A 536 38.49 14.23 9.75
CA GLU A 536 38.55 12.77 9.85
C GLU A 536 37.63 12.31 10.97
N PRO A 537 37.20 11.05 10.91
CA PRO A 537 36.35 10.56 11.99
C PRO A 537 37.13 10.45 13.29
N VAL A 538 36.39 10.42 14.39
CA VAL A 538 37.01 10.32 15.71
C VAL A 538 36.08 9.52 16.59
N LEU A 539 36.62 8.87 17.62
CA LEU A 539 35.78 8.12 18.56
C LEU A 539 36.15 8.48 20.00
N ILE A 540 35.11 8.68 20.81
CA ILE A 540 35.26 8.89 22.24
C ILE A 540 34.55 7.73 22.92
N ASP A 541 35.31 6.96 23.70
CA ASP A 541 34.77 5.87 24.48
C ASP A 541 34.60 6.36 25.90
N ALA A 542 33.34 6.58 26.28
CA ALA A 542 32.99 7.14 27.56
C ALA A 542 32.59 6.02 28.51
N VAL A 543 33.48 5.76 29.45
CA VAL A 543 33.26 4.73 30.46
C VAL A 543 32.35 5.34 31.53
N ILE A 544 31.10 4.89 31.57
CA ILE A 544 30.08 5.48 32.42
C ILE A 544 29.66 4.52 33.54
N THR A 545 29.02 5.06 34.56
CA THR A 545 28.55 4.26 35.66
C THR A 545 27.37 3.39 35.25
N GLY A 546 27.03 2.46 36.13
CA GLY A 546 25.85 1.63 36.01
C GLY A 546 24.58 2.22 36.63
N ASP A 547 24.58 3.52 36.89
CA ASP A 547 23.37 4.16 37.41
C ASP A 547 22.21 4.01 36.41
N ARG A 548 21.03 3.68 36.94
CA ARG A 548 19.83 3.59 36.14
C ARG A 548 19.28 5.01 35.89
N PRO A 549 18.97 5.36 34.64
CA PRO A 549 18.32 6.66 34.46
C PRO A 549 16.93 6.65 35.07
N LEU A 550 16.50 7.79 35.55
CA LEU A 550 15.20 7.91 36.21
C LEU A 550 14.10 7.30 35.31
N PRO A 551 13.30 6.39 35.85
CA PRO A 551 12.23 5.81 35.05
C PRO A 551 11.00 6.70 35.07
N ALA A 552 10.77 7.42 33.99
CA ALA A 552 9.63 8.33 33.92
C ALA A 552 8.27 7.63 34.02
N GLU A 553 8.25 6.32 33.73
CA GLU A 553 7.07 5.51 33.79
C GLU A 553 6.86 4.85 35.18
N LYS A 554 7.79 5.07 36.11
CA LYS A 554 7.71 4.45 37.43
C LYS A 554 8.11 5.48 38.50
N LEU A 555 7.39 6.59 38.49
CA LEU A 555 7.69 7.68 39.39
C LEU A 555 7.29 7.32 40.81
N ARG A 556 8.14 7.68 41.78
N ARG A 556 8.10 7.74 41.77
CA ARG A 556 7.77 7.58 43.21
CA ARG A 556 7.75 7.61 43.18
C ARG A 556 8.06 8.92 43.88
C ARG A 556 8.05 8.91 43.88
N LEU A 557 7.11 9.85 43.74
CA LEU A 557 7.29 11.22 44.21
C LEU A 557 6.06 11.78 44.92
N ASP A 558 4.88 11.22 44.64
CA ASP A 558 3.60 11.76 45.09
C ASP A 558 3.13 10.93 46.27
N SER A 559 2.95 11.57 47.41
N SER A 559 2.94 11.60 47.41
CA SER A 559 2.59 10.88 48.65
CA SER A 559 2.55 10.97 48.67
C SER A 559 1.20 10.27 48.61
C SER A 559 1.21 10.26 48.60
N ALA A 560 0.37 10.69 47.66
CA ALA A 560 -0.97 10.14 47.53
C ALA A 560 -0.91 8.80 46.82
N MET A 561 0.26 8.47 46.28
CA MET A 561 0.40 7.31 45.45
C MET A 561 1.51 6.36 45.93
N SER A 562 2.51 6.88 46.65
CA SER A 562 3.67 6.07 47.06
C SER A 562 4.00 6.25 48.53
N SER A 563 4.58 5.23 49.15
CA SER A 563 5.01 5.33 50.53
C SER A 563 6.16 6.31 50.69
N ALA A 564 6.33 6.82 51.90
CA ALA A 564 7.40 7.77 52.13
C ALA A 564 8.76 7.07 51.89
N ALA A 565 8.82 5.80 52.25
CA ALA A 565 10.04 5.00 52.05
C ALA A 565 10.43 4.83 50.56
N ASP A 566 9.45 4.50 49.73
CA ASP A 566 9.71 4.32 48.30
C ASP A 566 10.14 5.65 47.66
N ILE A 567 9.52 6.73 48.13
CA ILE A 567 9.85 8.05 47.63
C ILE A 567 11.29 8.40 47.98
N GLU A 568 11.65 8.18 49.24
CA GLU A 568 12.99 8.46 49.69
C GLU A 568 14.04 7.64 48.89
N ALA A 569 13.76 6.35 48.68
CA ALA A 569 14.67 5.52 47.89
C ALA A 569 14.79 5.99 46.44
N PHE A 570 13.67 6.36 45.83
CA PHE A 570 13.66 6.89 44.47
C PHE A 570 14.50 8.20 44.37
N LYS A 571 14.24 9.11 45.30
CA LYS A 571 14.99 10.36 45.28
C LYS A 571 16.48 10.10 45.44
N GLN A 572 16.87 9.21 46.35
CA GLN A 572 18.28 8.92 46.53
C GLN A 572 18.88 8.26 45.28
N ARG A 573 18.21 7.26 44.74
CA ARG A 573 18.79 6.52 43.61
C ARG A 573 18.95 7.38 42.36
N TYR A 574 17.98 8.27 42.12
CA TYR A 574 17.99 9.08 40.91
C TYR A 574 18.44 10.53 41.13
N GLU A 575 18.96 10.83 42.31
CA GLU A 575 19.43 12.19 42.60
C GLU A 575 18.31 13.20 42.36
N ALA A 576 17.11 12.81 42.78
CA ALA A 576 15.88 13.49 42.42
C ALA A 576 15.25 14.18 43.63
N GLN A 577 16.07 14.51 44.62
CA GLN A 577 15.62 15.20 45.82
C GLN A 577 14.81 16.47 45.51
N ASP A 578 15.08 17.15 44.40
CA ASP A 578 14.39 18.40 44.11
C ASP A 578 13.21 18.28 43.12
N LEU A 579 12.94 17.06 42.64
CA LEU A 579 11.80 16.86 41.76
C LEU A 579 10.50 16.89 42.53
N GLN A 580 9.50 17.55 41.97
CA GLN A 580 8.18 17.55 42.55
C GLN A 580 7.25 16.80 41.61
N PRO A 581 6.27 16.08 42.14
CA PRO A 581 5.23 15.52 41.25
C PRO A 581 4.35 16.64 40.66
N LEU A 582 3.73 16.38 39.53
CA LEU A 582 2.83 17.37 38.90
C LEU A 582 1.74 17.80 39.86
N SER A 583 1.29 16.89 40.71
CA SER A 583 0.22 17.25 41.64
C SER A 583 0.56 18.46 42.53
N THR A 584 1.83 18.67 42.83
CA THR A 584 2.23 19.86 43.60
C THR A 584 1.79 21.11 42.89
N TYR A 585 2.02 21.12 41.58
CA TYR A 585 1.75 22.29 40.77
C TYR A 585 0.28 22.41 40.45
N LEU A 586 -0.38 21.28 40.21
CA LEU A 586 -1.83 21.30 40.10
C LEU A 586 -2.44 21.96 41.35
N LYS A 587 -1.98 21.55 42.54
CA LYS A 587 -2.53 22.10 43.77
C LYS A 587 -2.23 23.57 43.90
N GLN A 588 -1.01 24.01 43.58
CA GLN A 588 -0.72 25.46 43.64
C GLN A 588 -1.71 26.31 42.87
N PHE A 589 -2.12 25.83 41.70
CA PHE A 589 -3.03 26.60 40.83
C PHE A 589 -4.51 26.21 40.97
N GLY A 590 -4.80 25.46 42.02
CA GLY A 590 -6.18 25.22 42.40
C GLY A 590 -6.89 24.07 41.73
N LEU A 591 -6.13 23.19 41.09
CA LEU A 591 -6.70 22.04 40.39
C LEU A 591 -6.53 20.75 41.19
N ASP A 592 -7.48 19.83 41.01
CA ASP A 592 -7.37 18.52 41.62
C ASP A 592 -6.54 17.61 40.75
N ASP A 593 -5.88 16.63 41.35
CA ASP A 593 -5.29 15.55 40.58
C ASP A 593 -6.40 14.55 40.27
N THR B 9 -19.95 -5.16 33.34
CA THR B 9 -20.60 -6.14 32.50
C THR B 9 -19.69 -6.59 31.36
N ASN B 10 -20.06 -7.72 30.78
CA ASN B 10 -19.24 -8.38 29.79
C ASN B 10 -20.01 -8.67 28.52
N ILE B 11 -19.28 -8.95 27.44
CA ILE B 11 -19.86 -9.35 26.18
C ILE B 11 -18.99 -10.48 25.65
N LEU B 12 -19.58 -11.44 24.95
CA LEU B 12 -18.77 -12.43 24.27
C LEU B 12 -17.93 -11.76 23.22
N ALA B 13 -16.67 -12.17 23.12
CA ALA B 13 -15.80 -11.56 22.11
C ALA B 13 -16.40 -11.72 20.70
N GLY B 14 -17.02 -12.87 20.42
CA GLY B 14 -17.64 -13.06 19.12
C GLY B 14 -18.76 -12.08 18.85
N ALA B 15 -19.56 -11.81 19.87
CA ALA B 15 -20.65 -10.83 19.74
C ALA B 15 -20.07 -9.45 19.41
N ALA B 16 -18.97 -9.08 20.08
CA ALA B 16 -18.34 -7.81 19.77
C ALA B 16 -17.81 -7.79 18.33
N VAL B 17 -17.19 -8.89 17.90
CA VAL B 17 -16.74 -8.97 16.51
C VAL B 17 -17.90 -8.69 15.55
N ILE B 18 -19.06 -9.32 15.78
CA ILE B 18 -20.17 -9.07 14.85
C ILE B 18 -20.62 -7.60 14.92
N LYS B 19 -20.59 -7.01 16.13
N LYS B 19 -20.59 -7.01 16.13
CA LYS B 19 -20.88 -5.57 16.25
CA LYS B 19 -20.88 -5.58 16.25
C LYS B 19 -19.89 -4.69 15.51
C LYS B 19 -19.89 -4.70 15.50
N VAL B 20 -18.62 -5.09 15.43
CA VAL B 20 -17.66 -4.37 14.61
C VAL B 20 -18.07 -4.45 13.13
N LEU B 21 -18.42 -5.64 12.67
CA LEU B 21 -18.89 -5.74 11.26
C LEU B 21 -20.11 -4.83 11.01
N GLU B 22 -21.06 -4.85 11.96
CA GLU B 22 -22.25 -4.02 11.83
C GLU B 22 -21.93 -2.53 11.83
N ALA B 23 -20.97 -2.13 12.68
CA ALA B 23 -20.54 -0.73 12.72
C ALA B 23 -20.01 -0.25 11.38
N TRP B 24 -19.29 -1.13 10.69
CA TRP B 24 -18.75 -0.85 9.35
C TRP B 24 -19.79 -1.03 8.24
N GLY B 25 -21.01 -1.37 8.60
CA GLY B 25 -22.09 -1.42 7.61
C GLY B 25 -22.13 -2.66 6.76
N VAL B 26 -21.53 -3.76 7.22
CA VAL B 26 -21.56 -5.00 6.45
C VAL B 26 -22.96 -5.58 6.50
N ASP B 27 -23.60 -5.61 5.34
CA ASP B 27 -24.97 -6.11 5.21
C ASP B 27 -25.06 -7.65 5.20
N HIS B 28 -24.13 -8.28 4.51
CA HIS B 28 -24.17 -9.70 4.29
C HIS B 28 -22.77 -10.24 4.18
N LEU B 29 -22.61 -11.52 4.51
N LEU B 29 -22.61 -11.52 4.51
CA LEU B 29 -21.32 -12.18 4.36
CA LEU B 29 -21.30 -12.20 4.46
C LEU B 29 -21.58 -13.63 4.00
C LEU B 29 -21.54 -13.66 4.12
N TYR B 30 -20.52 -14.32 3.60
CA TYR B 30 -20.66 -15.67 3.04
C TYR B 30 -19.72 -16.65 3.70
N GLY B 31 -20.16 -17.90 3.82
CA GLY B 31 -19.27 -18.96 4.22
C GLY B 31 -20.00 -20.25 4.49
N ILE B 32 -19.26 -21.21 5.03
CA ILE B 32 -19.77 -22.54 5.37
C ILE B 32 -19.25 -22.81 6.77
N PRO B 33 -20.13 -23.28 7.68
CA PRO B 33 -19.67 -23.53 9.03
C PRO B 33 -18.78 -24.76 9.16
N GLY B 34 -18.13 -24.84 10.31
CA GLY B 34 -17.34 -25.98 10.73
C GLY B 34 -17.09 -25.82 12.22
N GLY B 35 -16.69 -26.89 12.89
CA GLY B 35 -16.36 -26.81 14.30
C GLY B 35 -15.39 -25.69 14.64
N SER B 36 -14.38 -25.53 13.80
CA SER B 36 -13.34 -24.56 14.01
C SER B 36 -13.78 -23.11 13.84
N ILE B 37 -15.01 -22.89 13.38
CA ILE B 37 -15.54 -21.52 13.27
C ILE B 37 -16.93 -21.45 13.88
N ASN B 38 -17.28 -22.44 14.73
CA ASN B 38 -18.65 -22.43 15.24
C ASN B 38 -18.94 -21.36 16.27
N SER B 39 -17.90 -20.78 16.86
CA SER B 39 -18.14 -19.71 17.81
C SER B 39 -18.45 -18.35 17.12
N ILE B 40 -17.87 -18.09 15.95
CA ILE B 40 -18.31 -16.99 15.11
C ILE B 40 -19.72 -17.28 14.58
N MET B 41 -19.98 -18.53 14.19
CA MET B 41 -21.33 -18.88 13.75
C MET B 41 -22.35 -18.57 14.84
N ASP B 42 -22.00 -18.91 16.08
CA ASP B 42 -22.90 -18.71 17.22
C ASP B 42 -23.23 -17.22 17.36
N ALA B 43 -22.23 -16.35 17.18
CA ALA B 43 -22.46 -14.92 17.29
C ALA B 43 -23.33 -14.42 16.13
N LEU B 44 -23.09 -14.92 14.92
CA LEU B 44 -23.95 -14.58 13.79
C LEU B 44 -25.39 -14.98 14.01
N SER B 45 -25.58 -16.14 14.63
CA SER B 45 -26.90 -16.67 14.83
C SER B 45 -27.78 -15.76 15.69
N ALA B 46 -27.18 -15.07 16.65
CA ALA B 46 -27.91 -14.12 17.50
C ALA B 46 -28.19 -12.77 16.82
N GLU B 47 -27.59 -12.52 15.65
CA GLU B 47 -27.63 -11.21 15.01
C GLU B 47 -28.26 -11.29 13.62
N ARG B 48 -29.18 -12.22 13.42
CA ARG B 48 -29.81 -12.36 12.11
C ARG B 48 -30.59 -11.16 11.62
N ASP B 49 -31.11 -10.35 12.52
CA ASP B 49 -31.87 -9.19 12.08
C ASP B 49 -30.98 -8.13 11.47
N ARG B 50 -29.72 -8.04 11.90
CA ARG B 50 -28.86 -6.94 11.54
C ARG B 50 -27.76 -7.27 10.56
N ILE B 51 -27.42 -8.56 10.41
CA ILE B 51 -26.41 -8.96 9.45
C ILE B 51 -26.86 -10.28 8.85
N HIS B 52 -26.71 -10.40 7.54
N HIS B 52 -26.81 -10.36 7.50
CA HIS B 52 -27.33 -11.51 6.82
CA HIS B 52 -27.38 -11.48 6.75
C HIS B 52 -26.30 -12.48 6.30
C HIS B 52 -26.27 -12.45 6.34
N TYR B 53 -26.29 -13.64 6.93
CA TYR B 53 -25.36 -14.71 6.59
C TYR B 53 -25.90 -15.50 5.40
N ILE B 54 -25.06 -15.65 4.38
CA ILE B 54 -25.38 -16.38 3.16
C ILE B 54 -24.53 -17.65 3.17
N GLN B 55 -25.17 -18.79 3.34
CA GLN B 55 -24.49 -20.09 3.29
C GLN B 55 -24.37 -20.51 1.85
N VAL B 56 -23.14 -20.54 1.37
CA VAL B 56 -22.81 -20.98 0.02
C VAL B 56 -22.54 -22.49 0.06
N ARG B 57 -22.38 -23.08 -1.12
N ARG B 57 -22.41 -23.09 -1.12
CA ARG B 57 -22.14 -24.51 -1.25
CA ARG B 57 -22.11 -24.52 -1.21
C ARG B 57 -20.66 -24.84 -1.54
C ARG B 57 -20.61 -24.82 -1.38
N HIS B 58 -19.84 -23.83 -1.81
CA HIS B 58 -18.40 -24.00 -1.90
C HIS B 58 -17.80 -22.66 -1.50
N GLN B 59 -16.79 -22.68 -0.65
CA GLN B 59 -16.26 -21.43 -0.12
C GLN B 59 -15.63 -20.50 -1.16
N GLU B 60 -15.23 -21.05 -2.31
CA GLU B 60 -14.66 -20.16 -3.33
C GLU B 60 -15.75 -19.21 -3.82
N VAL B 61 -16.99 -19.67 -3.85
CA VAL B 61 -18.09 -18.84 -4.29
C VAL B 61 -18.35 -17.71 -3.27
N GLY B 62 -18.20 -18.00 -1.98
CA GLY B 62 -18.24 -17.00 -0.94
C GLY B 62 -17.19 -15.93 -1.10
N ALA B 63 -15.96 -16.37 -1.36
CA ALA B 63 -14.87 -15.42 -1.55
C ALA B 63 -15.07 -14.58 -2.81
N MET B 64 -15.46 -15.24 -3.91
N MET B 64 -15.47 -15.22 -3.90
CA MET B 64 -15.70 -14.52 -5.15
CA MET B 64 -15.70 -14.48 -5.14
C MET B 64 -16.85 -13.52 -4.95
C MET B 64 -16.87 -13.51 -4.98
N ALA B 65 -17.91 -13.92 -4.26
CA ALA B 65 -19.05 -13.04 -4.03
C ALA B 65 -18.65 -11.85 -3.16
N ALA B 66 -17.80 -12.07 -2.14
CA ALA B 66 -17.29 -10.97 -1.34
C ALA B 66 -16.51 -9.96 -2.19
N ALA B 67 -15.65 -10.50 -3.06
CA ALA B 67 -14.91 -9.61 -3.94
C ALA B 67 -15.88 -8.81 -4.83
N ALA B 68 -16.86 -9.49 -5.38
CA ALA B 68 -17.86 -8.83 -6.24
C ALA B 68 -18.66 -7.75 -5.49
N ASP B 69 -19.00 -8.04 -4.23
CA ASP B 69 -19.69 -7.02 -3.41
C ASP B 69 -18.89 -5.72 -3.45
N ALA B 70 -17.59 -5.86 -3.19
CA ALA B 70 -16.71 -4.68 -3.18
C ALA B 70 -16.54 -4.05 -4.57
N LYS B 71 -16.43 -4.86 -5.61
CA LYS B 71 -16.40 -4.33 -6.98
C LYS B 71 -17.63 -3.47 -7.29
N LEU B 72 -18.79 -3.93 -6.86
CA LEU B 72 -20.04 -3.26 -7.17
C LEU B 72 -20.26 -2.00 -6.32
N THR B 73 -20.05 -2.13 -5.02
CA THR B 73 -20.50 -1.07 -4.11
C THR B 73 -19.39 -0.22 -3.51
N GLY B 74 -18.15 -0.69 -3.56
CA GLY B 74 -17.04 -0.01 -2.91
C GLY B 74 -16.94 -0.30 -1.42
N LYS B 75 -17.89 -1.07 -0.91
N LYS B 75 -17.87 -1.10 -0.92
CA LYS B 75 -17.88 -1.46 0.49
CA LYS B 75 -17.88 -1.46 0.49
C LYS B 75 -17.18 -2.81 0.62
C LYS B 75 -17.28 -2.85 0.67
N ILE B 76 -16.52 -3.02 1.75
CA ILE B 76 -15.78 -4.24 1.99
C ILE B 76 -16.67 -5.47 1.92
N GLY B 77 -16.21 -6.47 1.20
CA GLY B 77 -16.86 -7.77 1.19
C GLY B 77 -16.31 -8.67 2.27
N VAL B 78 -17.16 -9.55 2.80
CA VAL B 78 -16.77 -10.39 3.91
C VAL B 78 -17.10 -11.86 3.64
N CYS B 79 -16.12 -12.70 3.85
CA CYS B 79 -16.31 -14.13 3.69
C CYS B 79 -15.54 -14.87 4.78
N PHE B 80 -15.84 -16.15 4.92
CA PHE B 80 -15.12 -16.98 5.87
C PHE B 80 -15.04 -18.42 5.40
N GLY B 81 -14.09 -19.13 5.99
CA GLY B 81 -14.00 -20.56 5.84
C GLY B 81 -13.47 -21.18 7.10
N SER B 82 -13.89 -22.41 7.36
CA SER B 82 -13.39 -23.18 8.49
C SER B 82 -11.92 -23.55 8.27
N ALA B 83 -11.29 -24.06 9.32
CA ALA B 83 -9.88 -24.36 9.31
C ALA B 83 -9.51 -25.27 8.15
N GLY B 84 -8.27 -25.15 7.73
CA GLY B 84 -7.75 -26.03 6.72
C GLY B 84 -8.48 -25.86 5.40
N PRO B 85 -9.17 -26.91 4.96
CA PRO B 85 -9.84 -26.89 3.64
C PRO B 85 -10.94 -25.86 3.44
N GLY B 86 -11.57 -25.40 4.52
CA GLY B 86 -12.58 -24.37 4.35
C GLY B 86 -11.97 -23.08 3.84
N GLY B 87 -10.86 -22.71 4.45
CA GLY B 87 -10.14 -21.51 4.09
C GLY B 87 -9.39 -21.63 2.79
N THR B 88 -8.73 -22.76 2.52
CA THR B 88 -7.98 -22.86 1.26
C THR B 88 -8.94 -22.82 0.08
N HIS B 89 -10.18 -23.27 0.26
CA HIS B 89 -11.16 -23.09 -0.81
C HIS B 89 -11.46 -21.61 -1.16
N LEU B 90 -11.15 -20.68 -0.26
CA LEU B 90 -11.40 -19.26 -0.55
C LEU B 90 -10.47 -18.69 -1.62
N MET B 91 -9.37 -19.40 -1.90
N MET B 91 -9.37 -19.40 -1.91
CA MET B 91 -8.22 -18.76 -2.55
CA MET B 91 -8.22 -18.72 -2.51
C MET B 91 -8.55 -18.07 -3.85
C MET B 91 -8.50 -18.10 -3.88
N ASN B 92 -9.30 -18.72 -4.75
CA ASN B 92 -9.53 -18.08 -6.05
C ASN B 92 -10.25 -16.74 -5.94
N GLY B 93 -11.14 -16.62 -4.95
CA GLY B 93 -11.79 -15.34 -4.72
C GLY B 93 -10.89 -14.33 -4.01
N LEU B 94 -10.05 -14.80 -3.10
CA LEU B 94 -9.10 -13.87 -2.45
C LEU B 94 -8.08 -13.31 -3.44
N TYR B 95 -7.57 -14.16 -4.32
CA TYR B 95 -6.63 -13.65 -5.31
C TYR B 95 -7.34 -12.71 -6.29
N ASP B 96 -8.59 -13.02 -6.63
CA ASP B 96 -9.37 -12.08 -7.43
C ASP B 96 -9.44 -10.70 -6.76
N ALA B 97 -9.74 -10.68 -5.46
CA ALA B 97 -9.78 -9.41 -4.73
C ALA B 97 -8.44 -8.71 -4.71
N ARG B 98 -7.35 -9.46 -4.55
CA ARG B 98 -6.04 -8.83 -4.53
C ARG B 98 -5.77 -8.17 -5.90
N GLU B 99 -5.99 -8.94 -6.95
CA GLU B 99 -5.61 -8.47 -8.27
C GLU B 99 -6.53 -7.39 -8.80
N ASP B 100 -7.82 -7.46 -8.43
CA ASP B 100 -8.77 -6.41 -8.78
C ASP B 100 -8.84 -5.31 -7.73
N HIS B 101 -7.93 -5.39 -6.76
CA HIS B 101 -7.69 -4.34 -5.76
C HIS B 101 -8.99 -3.82 -5.14
N VAL B 102 -9.74 -4.74 -4.56
CA VAL B 102 -10.94 -4.41 -3.83
C VAL B 102 -10.83 -4.93 -2.42
N PRO B 103 -11.45 -4.21 -1.48
CA PRO B 103 -11.34 -4.62 -0.07
C PRO B 103 -12.21 -5.82 0.28
N VAL B 104 -11.57 -6.83 0.89
CA VAL B 104 -12.25 -8.04 1.36
C VAL B 104 -11.63 -8.45 2.70
N LEU B 105 -12.51 -8.81 3.64
CA LEU B 105 -12.13 -9.42 4.91
C LEU B 105 -12.46 -10.91 4.83
N ALA B 106 -11.47 -11.73 5.13
CA ALA B 106 -11.64 -13.18 5.19
C ALA B 106 -11.32 -13.65 6.62
N LEU B 107 -12.27 -14.35 7.22
CA LEU B 107 -12.07 -14.96 8.53
C LEU B 107 -11.83 -16.47 8.33
N ILE B 108 -10.81 -16.99 9.00
CA ILE B 108 -10.40 -18.38 8.84
C ILE B 108 -10.50 -19.05 10.19
N GLY B 109 -11.22 -20.16 10.25
CA GLY B 109 -11.30 -20.89 11.49
C GLY B 109 -9.96 -21.50 11.84
N GLN B 110 -9.78 -21.78 13.12
CA GLN B 110 -8.60 -22.43 13.63
C GLN B 110 -9.00 -23.14 14.92
N PHE B 111 -8.26 -24.20 15.23
N PHE B 111 -8.32 -24.21 15.26
CA PHE B 111 -8.40 -24.96 16.46
CA PHE B 111 -8.69 -24.90 16.47
C PHE B 111 -8.24 -24.01 17.64
C PHE B 111 -8.18 -24.11 17.65
N GLY B 112 -8.77 -24.41 18.80
CA GLY B 112 -8.58 -23.60 19.97
C GLY B 112 -7.13 -23.49 20.39
N THR B 113 -6.83 -22.43 21.12
CA THR B 113 -5.46 -22.15 21.55
C THR B 113 -4.88 -23.28 22.40
N THR B 114 -5.73 -24.08 23.05
CA THR B 114 -5.21 -25.17 23.86
C THR B 114 -4.72 -26.36 23.06
N GLY B 115 -5.12 -26.44 21.79
CA GLY B 115 -4.69 -27.52 20.93
C GLY B 115 -3.85 -27.11 19.73
N MET B 116 -3.67 -25.81 19.50
CA MET B 116 -2.77 -25.38 18.44
C MET B 116 -1.38 -25.92 18.71
N ASN B 117 -0.69 -26.28 17.62
CA ASN B 117 0.67 -26.81 17.66
C ASN B 117 0.79 -28.16 18.36
N MET B 118 -0.33 -28.87 18.48
CA MET B 118 -0.32 -30.26 18.95
C MET B 118 -0.39 -31.30 17.84
N ASP B 119 -0.46 -30.84 16.59
CA ASP B 119 -0.69 -31.73 15.45
C ASP B 119 -1.95 -32.52 15.70
N THR B 120 -3.03 -31.80 16.04
CA THR B 120 -4.31 -32.44 16.20
C THR B 120 -5.10 -32.42 14.87
N PHE B 121 -6.35 -32.90 14.90
CA PHE B 121 -7.12 -33.08 13.68
C PHE B 121 -7.33 -31.75 12.95
N GLN B 122 -6.91 -31.72 11.67
CA GLN B 122 -7.04 -30.59 10.74
C GLN B 122 -6.43 -29.31 11.31
N GLU B 123 -5.44 -29.48 12.18
CA GLU B 123 -4.82 -28.34 12.87
C GLU B 123 -3.45 -28.18 12.25
N MET B 124 -3.18 -26.96 11.78
N MET B 124 -3.18 -26.95 11.81
CA MET B 124 -1.91 -26.64 11.13
CA MET B 124 -1.94 -26.61 11.14
C MET B 124 -1.65 -25.17 11.39
C MET B 124 -1.63 -25.17 11.48
N ASN B 125 -0.41 -24.75 11.16
CA ASN B 125 -0.07 -23.35 11.18
C ASN B 125 -0.69 -22.74 9.93
N GLU B 126 -1.78 -21.99 10.09
CA GLU B 126 -2.50 -21.47 8.93
C GLU B 126 -1.96 -20.15 8.43
N ASN B 127 -1.15 -19.46 9.22
CA ASN B 127 -0.69 -18.14 8.81
C ASN B 127 0.10 -18.12 7.48
N PRO B 128 0.97 -19.11 7.23
CA PRO B 128 1.73 -19.04 5.96
C PRO B 128 0.86 -19.26 4.72
N ILE B 129 -0.31 -19.85 4.90
CA ILE B 129 -1.19 -20.13 3.77
C ILE B 129 -1.59 -18.82 3.09
N TYR B 130 -1.81 -17.78 3.89
CA TYR B 130 -2.44 -16.54 3.40
C TYR B 130 -1.45 -15.40 3.20
N ALA B 131 -0.17 -15.65 3.47
CA ALA B 131 0.83 -14.59 3.47
C ALA B 131 0.97 -13.89 2.12
N ASP B 132 0.91 -14.65 1.03
CA ASP B 132 1.07 -14.06 -0.28
C ASP B 132 -0.14 -13.24 -0.70
N VAL B 133 -1.35 -13.73 -0.46
CA VAL B 133 -2.52 -13.08 -1.00
C VAL B 133 -2.90 -11.83 -0.22
N ALA B 134 -2.53 -11.76 1.05
CA ALA B 134 -3.13 -10.80 1.96
C ALA B 134 -2.28 -9.57 2.19
N ASP B 135 -2.93 -8.43 2.25
CA ASP B 135 -2.33 -7.19 2.71
C ASP B 135 -2.05 -7.26 4.22
N TYR B 136 -2.93 -7.95 4.96
CA TYR B 136 -2.86 -8.04 6.42
C TYR B 136 -3.24 -9.48 6.72
N ASN B 137 -2.46 -10.16 7.55
CA ASN B 137 -2.57 -11.60 7.70
C ASN B 137 -2.12 -12.03 9.07
N VAL B 138 -3.06 -12.19 10.00
CA VAL B 138 -2.71 -12.44 11.38
C VAL B 138 -3.52 -13.52 12.01
N THR B 139 -2.91 -14.23 12.97
CA THR B 139 -3.61 -15.17 13.82
C THR B 139 -3.85 -14.49 15.15
N ALA B 140 -5.12 -14.39 15.48
CA ALA B 140 -5.54 -13.84 16.76
C ALA B 140 -5.17 -14.79 17.90
N VAL B 141 -4.76 -14.22 19.04
CA VAL B 141 -4.31 -15.00 20.18
C VAL B 141 -4.90 -14.57 21.51
N ASN B 142 -5.83 -13.62 21.47
CA ASN B 142 -6.41 -13.05 22.68
C ASN B 142 -7.83 -12.64 22.35
N ALA B 143 -8.76 -12.89 23.26
CA ALA B 143 -10.14 -12.48 23.05
C ALA B 143 -10.38 -10.97 23.18
N ALA B 144 -9.81 -10.35 24.21
CA ALA B 144 -10.09 -8.94 24.48
C ALA B 144 -9.66 -8.04 23.34
N THR B 145 -8.59 -8.40 22.62
CA THR B 145 -8.14 -7.61 21.47
C THR B 145 -8.74 -8.05 20.14
N LEU B 146 -9.54 -9.10 20.13
CA LEU B 146 -10.09 -9.63 18.89
C LEU B 146 -10.94 -8.58 18.15
N PRO B 147 -11.82 -7.84 18.84
CA PRO B 147 -12.57 -6.82 18.09
C PRO B 147 -11.64 -5.80 17.42
N HIS B 148 -10.60 -5.38 18.12
CA HIS B 148 -9.63 -4.47 17.50
C HIS B 148 -8.96 -5.08 16.28
N VAL B 149 -8.58 -6.37 16.35
CA VAL B 149 -7.90 -7.00 15.22
C VAL B 149 -8.83 -7.04 14.01
N ILE B 150 -10.11 -7.33 14.24
CA ILE B 150 -11.07 -7.30 13.13
C ILE B 150 -11.22 -5.87 12.57
N ASP B 151 -11.32 -4.90 13.46
CA ASP B 151 -11.41 -3.49 13.09
C ASP B 151 -10.18 -3.04 12.26
N GLU B 152 -9.00 -3.46 12.72
CA GLU B 152 -7.76 -3.18 12.04
C GLU B 152 -7.74 -3.80 10.65
N ALA B 153 -8.16 -5.06 10.55
CA ALA B 153 -8.24 -5.77 9.28
C ALA B 153 -9.13 -5.02 8.30
N ILE B 154 -10.32 -4.60 8.74
CA ILE B 154 -11.21 -3.82 7.87
C ILE B 154 -10.60 -2.50 7.44
N ARG B 155 -10.06 -1.76 8.41
CA ARG B 155 -9.51 -0.46 8.11
C ARG B 155 -8.32 -0.56 7.10
N ARG B 156 -7.48 -1.58 7.27
N ARG B 156 -7.48 -1.58 7.27
CA ARG B 156 -6.39 -1.81 6.32
CA ARG B 156 -6.38 -1.84 6.32
C ARG B 156 -6.87 -2.28 4.95
C ARG B 156 -6.85 -2.30 4.94
N ALA B 157 -7.83 -3.20 4.90
CA ALA B 157 -8.39 -3.64 3.62
C ALA B 157 -8.89 -2.47 2.81
N TYR B 158 -9.59 -1.56 3.48
CA TYR B 158 -10.06 -0.37 2.77
C TYR B 158 -8.90 0.53 2.35
N ALA B 159 -8.00 0.84 3.30
CA ALA B 159 -6.93 1.78 3.01
C ALA B 159 -6.02 1.29 1.89
N HIS B 160 -5.78 -0.02 1.88
CA HIS B 160 -4.82 -0.60 0.96
C HIS B 160 -5.48 -1.31 -0.24
N GLN B 161 -6.81 -1.29 -0.27
N GLN B 161 -6.79 -1.26 -0.36
CA GLN B 161 -7.63 -1.85 -1.35
CA GLN B 161 -7.48 -1.82 -1.52
C GLN B 161 -7.18 -3.28 -1.68
C GLN B 161 -7.11 -3.31 -1.69
N GLY B 162 -7.31 -4.13 -0.67
CA GLY B 162 -6.94 -5.53 -0.79
C GLY B 162 -7.52 -6.38 0.31
N VAL B 163 -6.90 -7.56 0.48
CA VAL B 163 -7.44 -8.61 1.33
C VAL B 163 -6.82 -8.58 2.71
N ALA B 164 -7.67 -8.63 3.73
CA ALA B 164 -7.22 -8.80 5.10
C ALA B 164 -7.73 -10.16 5.58
N VAL B 165 -6.84 -10.96 6.13
CA VAL B 165 -7.18 -12.29 6.62
C VAL B 165 -6.86 -12.38 8.09
N VAL B 166 -7.82 -12.88 8.86
CA VAL B 166 -7.62 -13.14 10.26
C VAL B 166 -7.97 -14.60 10.57
N GLN B 167 -7.00 -15.32 11.12
CA GLN B 167 -7.20 -16.68 11.58
C GLN B 167 -7.63 -16.61 13.06
N ILE B 168 -8.74 -17.25 13.39
CA ILE B 168 -9.36 -17.09 14.71
C ILE B 168 -9.46 -18.44 15.42
N PRO B 169 -8.61 -18.67 16.44
CA PRO B 169 -8.77 -19.86 17.27
C PRO B 169 -10.18 -19.86 17.89
N VAL B 170 -10.83 -21.00 17.78
CA VAL B 170 -12.27 -21.08 17.99
C VAL B 170 -12.67 -20.79 19.44
N ASP B 171 -11.74 -20.93 20.38
CA ASP B 171 -12.06 -20.63 21.76
C ASP B 171 -12.26 -19.13 22.03
N LEU B 172 -11.59 -18.29 21.27
CA LEU B 172 -11.58 -16.86 21.62
C LEU B 172 -12.97 -16.23 21.54
N PRO B 173 -13.75 -16.50 20.47
CA PRO B 173 -15.04 -15.78 20.40
C PRO B 173 -16.05 -16.21 21.46
N TRP B 174 -15.80 -17.31 22.15
CA TRP B 174 -16.68 -17.71 23.26
C TRP B 174 -16.21 -17.20 24.62
N GLN B 175 -15.10 -16.45 24.65
CA GLN B 175 -14.67 -15.87 25.92
C GLN B 175 -15.34 -14.52 26.18
N GLN B 176 -15.71 -14.26 27.44
CA GLN B 176 -16.24 -12.99 27.86
C GLN B 176 -15.11 -11.97 27.91
N ILE B 177 -15.41 -10.77 27.43
CA ILE B 177 -14.51 -9.62 27.53
C ILE B 177 -15.31 -8.44 28.08
N PRO B 178 -14.64 -7.42 28.64
CA PRO B 178 -15.38 -6.30 29.23
C PRO B 178 -16.21 -5.61 28.17
N ALA B 179 -17.48 -5.31 28.49
CA ALA B 179 -18.40 -4.77 27.50
C ALA B 179 -18.03 -3.37 27.05
N GLU B 180 -17.33 -2.62 27.91
CA GLU B 180 -17.10 -1.21 27.68
C GLU B 180 -15.80 -0.91 26.93
N ASP B 181 -14.97 -1.91 26.69
CA ASP B 181 -13.64 -1.61 26.18
C ASP B 181 -13.55 -1.56 24.63
N TRP B 182 -14.18 -2.50 23.95
CA TRP B 182 -13.99 -2.65 22.51
C TRP B 182 -14.64 -1.47 21.78
N TYR B 183 -14.14 -1.17 20.59
CA TYR B 183 -14.79 -0.20 19.73
C TYR B 183 -14.50 -0.53 18.26
N ALA B 184 -15.24 0.13 17.38
CA ALA B 184 -14.97 0.12 15.94
C ALA B 184 -14.62 1.54 15.53
N SER B 185 -13.79 1.63 14.49
CA SER B 185 -13.34 2.92 13.98
C SER B 185 -14.06 3.30 12.67
N ALA B 186 -15.17 2.64 12.37
CA ALA B 186 -15.99 3.00 11.23
C ALA B 186 -16.38 4.47 11.26
N ASN B 187 -16.61 5.01 12.44
CA ASN B 187 -16.99 6.42 12.58
C ASN B 187 -15.93 7.40 12.09
N SER B 188 -14.66 6.96 12.07
CA SER B 188 -13.57 7.80 11.59
C SER B 188 -13.40 7.77 10.07
N TYR B 189 -14.02 6.81 9.39
CA TYR B 189 -13.78 6.56 7.99
C TYR B 189 -14.25 7.73 7.13
N GLN B 190 -13.41 8.15 6.19
CA GLN B 190 -13.81 9.19 5.26
C GLN B 190 -12.99 9.13 4.01
N THR B 191 -13.39 9.90 3.02
CA THR B 191 -12.63 9.95 1.78
C THR B 191 -11.93 11.31 1.68
N PRO B 192 -10.75 11.34 1.04
CA PRO B 192 -9.91 12.53 1.06
C PRO B 192 -10.45 13.61 0.13
N LEU B 193 -10.22 14.85 0.54
CA LEU B 193 -10.46 16.02 -0.30
C LEU B 193 -9.14 16.37 -0.99
N LEU B 194 -9.12 16.38 -2.32
CA LEU B 194 -7.86 16.58 -3.07
C LEU B 194 -7.69 17.99 -3.57
N PRO B 195 -6.44 18.45 -3.75
CA PRO B 195 -6.25 19.76 -4.39
C PRO B 195 -6.68 19.69 -5.84
N GLU B 196 -6.77 20.85 -6.46
CA GLU B 196 -7.03 21.04 -7.89
CA GLU B 196 -7.16 20.80 -7.85
C GLU B 196 -5.97 20.29 -8.68
N PRO B 197 -6.31 19.73 -9.84
CA PRO B 197 -5.28 19.18 -10.72
C PRO B 197 -4.27 20.22 -11.07
N ASP B 198 -3.02 19.78 -11.04
CA ASP B 198 -1.86 20.63 -11.21
C ASP B 198 -2.02 21.49 -12.49
N VAL B 199 -2.22 22.78 -12.31
CA VAL B 199 -2.63 23.68 -13.37
C VAL B 199 -1.71 23.68 -14.62
N GLN B 200 -0.42 23.84 -14.36
CA GLN B 200 0.51 24.02 -15.46
C GLN B 200 0.78 22.72 -16.22
N ALA B 201 0.74 21.60 -15.50
CA ALA B 201 0.91 20.31 -16.14
C ALA B 201 -0.31 20.01 -17.01
N VAL B 202 -1.51 20.35 -16.53
CA VAL B 202 -2.70 20.04 -17.30
C VAL B 202 -2.75 20.90 -18.55
N THR B 203 -2.34 22.16 -18.43
CA THR B 203 -2.30 23.04 -19.58
C THR B 203 -1.32 22.50 -20.65
N ARG B 204 -0.13 22.08 -20.22
N ARG B 204 -0.13 22.08 -20.21
CA ARG B 204 0.83 21.55 -21.17
CA ARG B 204 0.84 21.52 -21.17
C ARG B 204 0.35 20.22 -21.80
C ARG B 204 0.35 20.22 -21.80
N LEU B 205 -0.24 19.35 -20.99
CA LEU B 205 -0.80 18.11 -21.49
C LEU B 205 -1.84 18.42 -22.60
N THR B 206 -2.70 19.39 -22.32
CA THR B 206 -3.74 19.78 -23.25
C THR B 206 -3.14 20.23 -24.59
N GLN B 207 -2.12 21.09 -24.53
CA GLN B 207 -1.49 21.54 -25.79
C GLN B 207 -0.95 20.39 -26.62
N THR B 208 -0.28 19.43 -25.96
CA THR B 208 0.25 18.28 -26.73
C THR B 208 -0.87 17.45 -27.34
N LEU B 209 -1.93 17.21 -26.56
CA LEU B 209 -3.07 16.50 -27.13
C LEU B 209 -3.69 17.18 -28.34
N LEU B 210 -3.90 18.48 -28.23
CA LEU B 210 -4.53 19.23 -29.31
C LEU B 210 -3.63 19.36 -30.54
N ALA B 211 -2.32 19.41 -30.34
CA ALA B 211 -1.41 19.50 -31.48
C ALA B 211 -1.33 18.23 -32.33
N ALA B 212 -1.82 17.12 -31.80
CA ALA B 212 -1.73 15.81 -32.48
C ALA B 212 -2.54 15.75 -33.75
N GLU B 213 -2.05 14.98 -34.71
N GLU B 213 -2.06 14.98 -34.72
CA GLU B 213 -2.74 14.75 -35.96
CA GLU B 213 -2.80 14.75 -35.95
C GLU B 213 -3.69 13.55 -35.88
C GLU B 213 -3.75 13.55 -35.83
N ARG B 214 -3.36 12.60 -35.00
N ARG B 214 -3.37 12.57 -35.00
CA ARG B 214 -4.13 11.35 -34.89
CA ARG B 214 -4.12 11.32 -34.87
C ARG B 214 -4.26 10.99 -33.40
C ARG B 214 -4.25 10.99 -33.39
N PRO B 215 -4.95 11.85 -32.63
CA PRO B 215 -5.09 11.64 -31.19
C PRO B 215 -6.08 10.54 -30.82
N LEU B 216 -5.85 9.94 -29.66
CA LEU B 216 -6.82 9.06 -29.02
C LEU B 216 -6.80 9.33 -27.52
N ILE B 217 -7.98 9.21 -26.91
CA ILE B 217 -8.11 9.15 -25.46
C ILE B 217 -8.44 7.70 -25.11
N TYR B 218 -7.59 7.10 -24.27
CA TYR B 218 -7.60 5.68 -23.93
C TYR B 218 -7.73 5.56 -22.41
N TYR B 219 -8.94 5.25 -21.95
CA TYR B 219 -9.24 5.30 -20.52
C TYR B 219 -9.52 3.91 -19.97
N GLY B 220 -9.28 3.80 -18.67
CA GLY B 220 -9.70 2.64 -17.92
C GLY B 220 -10.70 2.99 -16.83
N ILE B 221 -10.89 2.08 -15.90
CA ILE B 221 -11.92 2.27 -14.88
C ILE B 221 -11.54 3.30 -13.83
N GLY B 222 -10.29 3.78 -13.85
CA GLY B 222 -9.98 4.95 -13.06
C GLY B 222 -10.74 6.19 -13.51
N ALA B 223 -11.27 6.16 -14.73
CA ALA B 223 -12.10 7.23 -15.25
C ALA B 223 -13.61 6.96 -15.10
N ARG B 224 -13.97 6.04 -14.22
N ARG B 224 -13.98 6.06 -14.20
CA ARG B 224 -15.38 5.67 -14.05
CA ARG B 224 -15.37 5.68 -14.07
C ARG B 224 -16.29 6.84 -13.71
C ARG B 224 -16.31 6.79 -13.61
N LYS B 225 -15.78 7.86 -13.03
CA LYS B 225 -16.60 9.03 -12.71
C LYS B 225 -16.64 10.08 -13.81
N ALA B 226 -15.97 9.82 -14.91
CA ALA B 226 -15.69 10.85 -15.90
C ALA B 226 -16.31 10.59 -17.26
N GLY B 227 -17.36 9.78 -17.31
CA GLY B 227 -18.01 9.48 -18.59
C GLY B 227 -18.50 10.70 -19.37
N LYS B 228 -19.11 11.63 -18.64
N LYS B 228 -19.11 11.64 -18.66
CA LYS B 228 -19.64 12.83 -19.26
CA LYS B 228 -19.63 12.82 -19.31
C LYS B 228 -18.50 13.63 -19.90
C LYS B 228 -18.51 13.66 -19.91
N GLU B 229 -17.44 13.83 -19.15
CA GLU B 229 -16.29 14.59 -19.63
C GLU B 229 -15.60 13.90 -20.80
N LEU B 230 -15.48 12.57 -20.75
CA LEU B 230 -14.85 11.86 -21.82
C LEU B 230 -15.63 12.05 -23.11
N GLU B 231 -16.94 11.88 -23.03
CA GLU B 231 -17.74 11.99 -24.23
C GLU B 231 -17.73 13.43 -24.76
N GLN B 232 -17.83 14.42 -23.86
CA GLN B 232 -17.81 15.80 -24.31
CA GLN B 232 -17.81 15.82 -24.27
C GLN B 232 -16.47 16.22 -24.89
N LEU B 233 -15.37 15.74 -24.30
CA LEU B 233 -14.05 16.02 -24.86
C LEU B 233 -13.95 15.43 -26.27
N SER B 234 -14.36 14.19 -26.40
CA SER B 234 -14.34 13.52 -27.69
C SER B 234 -15.14 14.28 -28.73
N LYS B 235 -16.38 14.62 -28.41
CA LYS B 235 -17.24 15.34 -29.36
C LYS B 235 -16.69 16.70 -29.72
N THR B 236 -16.27 17.46 -28.71
CA THR B 236 -15.82 18.84 -28.93
C THR B 236 -14.53 18.88 -29.74
N LEU B 237 -13.58 18.03 -29.35
CA LEU B 237 -12.25 18.05 -29.95
C LEU B 237 -12.10 17.14 -31.16
N LYS B 238 -13.11 16.28 -31.44
CA LYS B 238 -13.03 15.33 -32.55
C LYS B 238 -11.91 14.34 -32.32
N ILE B 239 -11.87 13.77 -31.10
CA ILE B 239 -10.89 12.76 -30.72
C ILE B 239 -11.61 11.48 -30.38
N PRO B 240 -11.34 10.40 -31.12
CA PRO B 240 -11.99 9.13 -30.78
C PRO B 240 -11.59 8.62 -29.41
N LEU B 241 -12.48 7.81 -28.86
CA LEU B 241 -12.33 7.18 -27.56
C LEU B 241 -12.09 5.70 -27.68
N MET B 242 -11.20 5.18 -26.83
CA MET B 242 -11.06 3.75 -26.67
C MET B 242 -10.86 3.48 -25.18
N SER B 243 -11.08 2.24 -24.76
CA SER B 243 -11.04 1.92 -23.35
C SER B 243 -10.43 0.57 -23.08
N THR B 244 -10.13 0.31 -21.83
CA THR B 244 -9.90 -1.06 -21.41
C THR B 244 -11.25 -1.81 -21.50
N TYR B 245 -11.20 -3.12 -21.57
CA TYR B 245 -12.44 -3.88 -21.59
C TYR B 245 -13.30 -3.59 -20.35
N PRO B 246 -12.70 -3.59 -19.16
CA PRO B 246 -13.55 -3.32 -17.97
C PRO B 246 -14.22 -1.94 -18.00
N ALA B 247 -13.63 -0.98 -18.70
CA ALA B 247 -14.20 0.36 -18.82
C ALA B 247 -15.29 0.50 -19.88
N LYS B 248 -15.63 -0.59 -20.56
CA LYS B 248 -16.84 -0.59 -21.39
C LYS B 248 -18.01 -0.12 -20.53
N GLY B 249 -18.86 0.73 -21.11
CA GLY B 249 -20.05 1.25 -20.47
C GLY B 249 -19.91 2.57 -19.75
N ILE B 250 -18.68 2.98 -19.43
CA ILE B 250 -18.51 4.31 -18.83
C ILE B 250 -18.98 5.39 -19.80
N VAL B 251 -18.67 5.22 -21.08
CA VAL B 251 -19.31 5.96 -22.15
C VAL B 251 -20.22 4.96 -22.84
N ALA B 252 -21.43 5.37 -23.19
CA ALA B 252 -22.36 4.45 -23.83
C ALA B 252 -21.75 3.82 -25.10
N ASP B 253 -21.96 2.53 -25.25
CA ASP B 253 -21.51 1.81 -26.44
C ASP B 253 -22.04 2.40 -27.73
N ARG B 254 -23.20 3.03 -27.70
N ARG B 254 -23.20 3.02 -27.67
CA ARG B 254 -23.76 3.56 -28.94
CA ARG B 254 -23.84 3.63 -28.84
C ARG B 254 -23.07 4.88 -29.37
C ARG B 254 -23.02 4.82 -29.38
N TYR B 255 -22.19 5.41 -28.53
CA TYR B 255 -21.48 6.66 -28.89
C TYR B 255 -20.68 6.39 -30.19
N PRO B 256 -20.91 7.17 -31.26
CA PRO B 256 -20.34 6.79 -32.55
C PRO B 256 -18.82 6.80 -32.65
N ALA B 257 -18.13 7.47 -31.74
CA ALA B 257 -16.67 7.52 -31.78
C ALA B 257 -16.04 6.70 -30.64
N TYR B 258 -16.82 5.76 -30.09
CA TYR B 258 -16.28 4.75 -29.20
C TYR B 258 -15.77 3.56 -29.99
N LEU B 259 -14.46 3.38 -29.94
CA LEU B 259 -13.78 2.37 -30.74
C LEU B 259 -13.77 0.96 -30.13
N GLY B 260 -14.00 0.87 -28.83
CA GLY B 260 -13.85 -0.38 -28.10
C GLY B 260 -12.53 -0.49 -27.38
N SER B 261 -12.14 -1.74 -27.11
CA SER B 261 -10.91 -2.07 -26.42
C SER B 261 -9.92 -2.72 -27.36
N ALA B 262 -8.68 -2.75 -26.90
CA ALA B 262 -7.56 -3.31 -27.65
C ALA B 262 -7.17 -4.70 -27.20
N ASN B 263 -6.31 -5.31 -28.01
N ASN B 263 -6.31 -5.32 -28.02
CA ASN B 263 -5.78 -6.67 -27.85
CA ASN B 263 -5.77 -6.68 -27.85
C ASN B 263 -6.76 -7.74 -28.37
C ASN B 263 -6.73 -7.76 -28.37
N ARG B 264 -7.20 -8.65 -27.50
CA ARG B 264 -8.02 -9.79 -27.90
C ARG B 264 -9.47 -9.68 -27.45
N VAL B 265 -9.69 -9.35 -26.18
CA VAL B 265 -11.02 -8.98 -25.72
C VAL B 265 -11.14 -7.51 -26.12
N ALA B 266 -11.48 -7.37 -27.40
CA ALA B 266 -11.15 -6.19 -28.17
C ALA B 266 -12.10 -6.05 -29.33
N GLN B 267 -12.09 -4.87 -29.90
CA GLN B 267 -12.87 -4.56 -31.09
C GLN B 267 -11.91 -4.04 -32.16
N LYS B 268 -12.16 -4.43 -33.40
CA LYS B 268 -11.31 -4.07 -34.53
C LYS B 268 -10.93 -2.58 -34.58
N PRO B 269 -11.91 -1.66 -34.45
CA PRO B 269 -11.53 -0.26 -34.64
C PRO B 269 -10.49 0.24 -33.64
N ALA B 270 -10.51 -0.29 -32.41
CA ALA B 270 -9.58 0.19 -31.41
C ALA B 270 -8.14 -0.28 -31.73
N ASN B 271 -8.00 -1.55 -32.09
CA ASN B 271 -6.68 -2.04 -32.47
C ASN B 271 -6.14 -1.27 -33.66
N GLU B 272 -6.98 -1.05 -34.67
CA GLU B 272 -6.48 -0.40 -35.89
C GLU B 272 -6.10 1.05 -35.58
N ALA B 273 -6.95 1.76 -34.84
CA ALA B 273 -6.63 3.18 -34.57
C ALA B 273 -5.41 3.33 -33.69
N LEU B 274 -5.30 2.49 -32.67
CA LEU B 274 -4.16 2.60 -31.77
C LEU B 274 -2.84 2.50 -32.52
N ALA B 275 -2.76 1.61 -33.51
CA ALA B 275 -1.53 1.46 -34.24
C ALA B 275 -1.15 2.68 -35.05
N GLN B 276 -2.12 3.54 -35.36
CA GLN B 276 -1.89 4.73 -36.17
C GLN B 276 -1.69 5.98 -35.34
N ALA B 277 -2.10 5.97 -34.07
CA ALA B 277 -2.19 7.20 -33.31
C ALA B 277 -0.83 7.82 -33.08
N ASP B 278 -0.73 9.13 -33.10
CA ASP B 278 0.51 9.79 -32.74
C ASP B 278 0.59 10.22 -31.29
N VAL B 279 -0.56 10.51 -30.67
CA VAL B 279 -0.62 10.92 -29.27
C VAL B 279 -1.75 10.17 -28.59
N VAL B 280 -1.44 9.56 -27.44
CA VAL B 280 -2.42 8.88 -26.64
C VAL B 280 -2.48 9.53 -25.27
N LEU B 281 -3.70 9.90 -24.85
CA LEU B 281 -3.95 10.33 -23.48
C LEU B 281 -4.47 9.09 -22.73
N PHE B 282 -3.62 8.56 -21.86
CA PHE B 282 -3.81 7.31 -21.10
C PHE B 282 -4.30 7.72 -19.71
N VAL B 283 -5.58 7.47 -19.43
N VAL B 283 -5.56 7.48 -19.40
CA VAL B 283 -6.28 8.03 -18.28
CA VAL B 283 -6.14 8.08 -18.20
C VAL B 283 -6.84 6.93 -17.41
C VAL B 283 -6.91 7.05 -17.38
N GLY B 284 -6.45 6.88 -16.14
CA GLY B 284 -7.07 5.94 -15.24
C GLY B 284 -6.99 4.51 -15.74
N ASN B 285 -5.81 4.16 -16.23
CA ASN B 285 -5.61 2.98 -17.07
C ASN B 285 -4.35 2.25 -16.68
N ASN B 286 -4.47 0.95 -16.45
CA ASN B 286 -3.31 0.09 -16.19
C ASN B 286 -3.33 -1.15 -17.07
N TYR B 287 -3.73 -0.93 -18.32
CA TYR B 287 -3.75 -1.95 -19.35
C TYR B 287 -2.54 -2.88 -19.30
N PRO B 288 -2.77 -4.18 -19.04
CA PRO B 288 -1.63 -5.06 -18.74
C PRO B 288 -0.92 -5.58 -19.97
N PHE B 289 -1.46 -5.29 -21.15
CA PHE B 289 -0.86 -5.76 -22.38
C PHE B 289 0.05 -4.74 -23.02
N ALA B 290 0.18 -3.59 -22.38
CA ALA B 290 0.90 -2.50 -23.00
C ALA B 290 2.27 -2.89 -23.54
N GLU B 291 3.12 -3.39 -22.66
CA GLU B 291 4.49 -3.69 -23.04
C GLU B 291 4.58 -4.98 -23.89
N VAL B 292 3.92 -6.05 -23.45
CA VAL B 292 4.07 -7.33 -24.13
C VAL B 292 3.54 -7.26 -25.58
N SER B 293 2.55 -6.42 -25.84
CA SER B 293 2.00 -6.30 -27.18
C SER B 293 2.63 -5.14 -27.97
N LYS B 294 3.52 -4.38 -27.34
CA LYS B 294 4.15 -3.21 -27.97
C LYS B 294 3.07 -2.26 -28.48
N ALA B 295 2.03 -2.10 -27.70
CA ALA B 295 0.87 -1.32 -28.08
C ALA B 295 1.18 0.11 -28.53
N PHE B 296 2.20 0.69 -27.92
CA PHE B 296 2.51 2.09 -28.11
C PHE B 296 3.82 2.27 -28.83
N LYS B 297 4.26 1.25 -29.56
CA LYS B 297 5.54 1.35 -30.27
C LYS B 297 5.61 2.48 -31.29
N ASN B 298 4.46 2.84 -31.87
N ASN B 298 4.49 2.89 -31.87
CA ASN B 298 4.39 3.89 -32.88
CA ASN B 298 4.55 3.98 -32.85
C ASN B 298 4.04 5.26 -32.31
C ASN B 298 3.80 5.21 -32.36
N THR B 299 3.64 5.33 -31.05
CA THR B 299 3.10 6.53 -30.46
C THR B 299 4.23 7.55 -30.28
N ARG B 300 4.02 8.79 -30.73
CA ARG B 300 5.02 9.82 -30.60
C ARG B 300 5.04 10.43 -29.18
N TYR B 301 3.87 10.83 -28.68
CA TYR B 301 3.77 11.38 -27.34
C TYR B 301 2.73 10.60 -26.54
N PHE B 302 3.07 10.33 -25.29
CA PHE B 302 2.26 9.53 -24.39
C PHE B 302 2.00 10.36 -23.16
N LEU B 303 0.73 10.64 -22.92
CA LEU B 303 0.28 11.54 -21.83
C LEU B 303 -0.51 10.70 -20.86
N GLN B 304 -0.36 10.94 -19.57
CA GLN B 304 -1.03 10.11 -18.59
C GLN B 304 -1.70 10.97 -17.51
N ILE B 305 -2.85 10.51 -17.05
CA ILE B 305 -3.48 11.01 -15.83
C ILE B 305 -3.80 9.80 -14.96
N ASP B 306 -3.27 9.77 -13.73
CA ASP B 306 -3.57 8.68 -12.80
C ASP B 306 -3.47 9.22 -11.38
N ILE B 307 -4.21 8.59 -10.48
N ILE B 307 -4.20 8.59 -10.47
CA ILE B 307 -4.26 8.97 -9.06
CA ILE B 307 -4.23 9.02 -9.06
C ILE B 307 -3.14 8.33 -8.24
C ILE B 307 -3.22 8.26 -8.19
N ASP B 308 -2.50 7.30 -8.78
CA ASP B 308 -1.56 6.49 -8.03
C ASP B 308 -0.12 6.72 -8.52
N PRO B 309 0.78 7.26 -7.66
CA PRO B 309 2.17 7.48 -8.08
C PRO B 309 2.83 6.19 -8.62
N ALA B 310 2.42 5.03 -8.11
CA ALA B 310 3.01 3.78 -8.57
C ALA B 310 2.76 3.50 -10.05
N LYS B 311 1.83 4.22 -10.66
CA LYS B 311 1.44 3.99 -12.05
C LYS B 311 2.09 4.98 -12.99
N LEU B 312 2.75 6.01 -12.45
CA LEU B 312 3.23 7.12 -13.30
C LEU B 312 4.42 6.70 -14.17
N GLY B 313 4.19 6.65 -15.47
CA GLY B 313 5.23 6.18 -16.40
C GLY B 313 5.41 4.69 -16.40
N LYS B 314 4.46 3.97 -15.81
CA LYS B 314 4.61 2.54 -15.68
C LYS B 314 4.57 1.77 -16.98
N ARG B 315 3.61 2.07 -17.86
CA ARG B 315 3.30 1.19 -18.99
C ARG B 315 3.99 1.61 -20.28
N HIS B 316 4.55 2.81 -20.28
CA HIS B 316 5.27 3.36 -21.43
C HIS B 316 6.02 4.59 -20.99
N LYS B 317 7.09 4.93 -21.69
CA LYS B 317 7.77 6.20 -21.43
C LYS B 317 6.78 7.35 -21.64
N THR B 318 6.64 8.18 -20.60
CA THR B 318 5.56 9.12 -20.55
C THR B 318 6.12 10.53 -20.64
N ASP B 319 5.60 11.32 -21.57
CA ASP B 319 6.04 12.68 -21.78
C ASP B 319 5.54 13.63 -20.70
N ILE B 320 4.26 13.49 -20.31
CA ILE B 320 3.68 14.25 -19.19
C ILE B 320 2.75 13.31 -18.47
N ALA B 321 2.99 13.17 -17.15
CA ALA B 321 2.15 12.33 -16.30
C ALA B 321 1.63 13.20 -15.17
N VAL B 322 0.33 13.40 -15.14
CA VAL B 322 -0.33 14.23 -14.14
C VAL B 322 -0.88 13.30 -13.07
N LEU B 323 -0.44 13.54 -11.85
CA LEU B 323 -0.94 12.83 -10.67
C LEU B 323 -2.15 13.59 -10.20
N ALA B 324 -3.32 13.03 -10.45
CA ALA B 324 -4.58 13.72 -10.18
C ALA B 324 -5.76 12.79 -10.40
N ASP B 325 -6.94 13.21 -9.94
CA ASP B 325 -8.17 12.52 -10.22
C ASP B 325 -8.58 12.66 -11.70
N ALA B 326 -9.03 11.57 -12.30
CA ALA B 326 -9.40 11.56 -13.69
C ALA B 326 -10.53 12.57 -14.02
N GLN B 327 -11.63 12.51 -13.29
N GLN B 327 -11.63 12.52 -13.29
CA GLN B 327 -12.76 13.37 -13.59
CA GLN B 327 -12.76 13.37 -13.61
C GLN B 327 -12.35 14.81 -13.46
C GLN B 327 -12.41 14.84 -13.44
N LYS B 328 -11.73 15.18 -12.35
CA LYS B 328 -11.37 16.57 -12.13
CA LYS B 328 -11.33 16.57 -12.12
C LYS B 328 -10.43 17.07 -13.21
N THR B 329 -9.48 16.22 -13.62
CA THR B 329 -8.53 16.63 -14.65
C THR B 329 -9.19 16.78 -16.01
N LEU B 330 -10.01 15.80 -16.38
CA LEU B 330 -10.71 15.88 -17.65
C LEU B 330 -11.67 17.08 -17.68
N ALA B 331 -12.29 17.40 -16.54
CA ALA B 331 -13.12 18.60 -16.49
C ALA B 331 -12.27 19.85 -16.67
N ALA B 332 -11.08 19.86 -16.07
CA ALA B 332 -10.17 20.99 -16.22
C ALA B 332 -9.69 21.16 -17.66
N ILE B 333 -9.47 20.06 -18.38
CA ILE B 333 -9.13 20.16 -19.79
C ILE B 333 -10.31 20.72 -20.57
N LEU B 334 -11.50 20.18 -20.34
CA LEU B 334 -12.68 20.62 -21.06
C LEU B 334 -12.89 22.12 -20.89
N ALA B 335 -12.65 22.60 -19.68
CA ALA B 335 -12.81 24.03 -19.38
C ALA B 335 -11.82 24.97 -20.09
N GLN B 336 -10.76 24.43 -20.68
CA GLN B 336 -9.79 25.27 -21.37
C GLN B 336 -9.72 25.00 -22.88
N VAL B 337 -10.68 24.25 -23.42
CA VAL B 337 -10.74 23.98 -24.87
C VAL B 337 -12.11 24.34 -25.42
N SER B 338 -12.20 24.35 -26.73
CA SER B 338 -13.47 24.61 -27.42
C SER B 338 -13.47 23.89 -28.76
N GLU B 339 -14.60 24.00 -29.42
CA GLU B 339 -14.89 23.28 -30.63
C GLU B 339 -13.74 23.27 -31.63
N ARG B 340 -13.49 22.08 -32.16
CA ARG B 340 -12.64 21.89 -33.35
C ARG B 340 -13.51 21.33 -34.44
N GLU B 341 -13.31 21.76 -35.67
CA GLU B 341 -14.05 21.17 -36.78
C GLU B 341 -13.61 19.71 -36.99
N SER B 342 -14.53 18.93 -37.54
CA SER B 342 -14.26 17.58 -37.95
C SER B 342 -12.98 17.51 -38.78
N THR B 343 -12.17 16.48 -38.50
CA THR B 343 -10.93 16.19 -39.22
C THR B 343 -11.04 14.89 -40.00
N PRO B 344 -10.14 14.70 -40.98
CA PRO B 344 -10.10 13.40 -41.63
C PRO B 344 -9.92 12.23 -40.68
N TRP B 345 -9.07 12.37 -39.69
CA TRP B 345 -8.87 11.29 -38.71
C TRP B 345 -10.17 10.91 -38.02
N TRP B 346 -10.91 11.93 -37.57
CA TRP B 346 -12.21 11.73 -36.96
C TRP B 346 -13.18 11.02 -37.90
N GLN B 347 -13.29 11.51 -39.13
CA GLN B 347 -14.22 10.91 -40.09
C GLN B 347 -13.83 9.46 -40.43
N ALA B 348 -12.53 9.19 -40.55
CA ALA B 348 -12.09 7.83 -40.88
C ALA B 348 -12.47 6.88 -39.76
N ASN B 349 -12.24 7.33 -38.51
CA ASN B 349 -12.64 6.51 -37.38
C ASN B 349 -14.16 6.30 -37.27
N LEU B 350 -14.94 7.37 -37.48
CA LEU B 350 -16.39 7.21 -37.49
C LEU B 350 -16.85 6.15 -38.49
N ALA B 351 -16.31 6.25 -39.70
CA ALA B 351 -16.65 5.29 -40.76
C ALA B 351 -16.26 3.86 -40.41
N ASN B 352 -15.07 3.71 -39.81
CA ASN B 352 -14.59 2.41 -39.41
C ASN B 352 -15.49 1.76 -38.35
N VAL B 353 -15.87 2.57 -37.37
CA VAL B 353 -16.81 2.10 -36.35
C VAL B 353 -18.15 1.68 -36.95
N LYS B 354 -18.68 2.51 -37.84
CA LYS B 354 -19.95 2.16 -38.47
C LYS B 354 -19.88 0.80 -39.20
N ASN B 355 -18.77 0.61 -39.93
CA ASN B 355 -18.58 -0.65 -40.66
C ASN B 355 -18.51 -1.85 -39.72
N TRP B 356 -17.77 -1.66 -38.62
CA TRP B 356 -17.65 -2.70 -37.60
C TRP B 356 -18.98 -3.04 -36.96
N ARG B 357 -19.74 -2.01 -36.58
CA ARG B 357 -21.02 -2.28 -35.96
CA ARG B 357 -21.05 -2.24 -35.97
C ARG B 357 -21.99 -2.95 -36.92
N ALA B 358 -21.92 -2.61 -38.22
CA ALA B 358 -22.73 -3.32 -39.20
C ALA B 358 -22.39 -4.81 -39.26
N TYR B 359 -21.08 -5.13 -39.20
CA TYR B 359 -20.68 -6.53 -39.10
C TYR B 359 -21.26 -7.25 -37.88
N LEU B 360 -21.09 -6.64 -36.70
CA LEU B 360 -21.68 -7.25 -35.51
C LEU B 360 -23.22 -7.42 -35.60
N ALA B 361 -23.90 -6.39 -36.11
CA ALA B 361 -25.34 -6.49 -36.32
C ALA B 361 -25.69 -7.61 -37.28
N SER B 362 -24.90 -7.82 -38.34
CA SER B 362 -25.21 -8.92 -39.26
C SER B 362 -25.15 -10.28 -38.57
N LEU B 363 -24.18 -10.45 -37.65
CA LEU B 363 -24.16 -11.68 -36.85
C LEU B 363 -25.38 -11.80 -35.93
N GLU B 364 -25.69 -10.72 -35.24
CA GLU B 364 -26.83 -10.72 -34.30
C GLU B 364 -28.18 -10.98 -34.95
N ASP B 365 -28.35 -10.49 -36.18
CA ASP B 365 -29.66 -10.36 -36.79
C ASP B 365 -30.08 -11.57 -37.60
N LYS B 366 -29.26 -12.60 -37.64
CA LYS B 366 -29.75 -13.86 -38.15
C LYS B 366 -31.02 -14.29 -37.39
N GLN B 367 -31.96 -14.90 -38.11
CA GLN B 367 -33.28 -15.19 -37.55
C GLN B 367 -33.58 -16.68 -37.42
N GLU B 368 -32.80 -17.51 -38.12
CA GLU B 368 -33.01 -18.94 -38.06
C GLU B 368 -31.72 -19.69 -38.32
N GLY B 369 -31.65 -20.94 -37.84
CA GLY B 369 -30.50 -21.80 -38.05
C GLY B 369 -29.72 -22.11 -36.79
N PRO B 370 -28.51 -22.67 -36.94
CA PRO B 370 -27.71 -23.11 -35.78
C PRO B 370 -27.29 -21.95 -34.93
N LEU B 371 -27.55 -22.09 -33.65
CA LEU B 371 -27.33 -21.02 -32.72
C LEU B 371 -25.86 -20.72 -32.54
N GLN B 372 -25.52 -19.44 -32.63
CA GLN B 372 -24.19 -18.95 -32.27
C GLN B 372 -24.25 -18.03 -31.06
N ALA B 373 -23.10 -17.79 -30.44
CA ALA B 373 -23.05 -16.87 -29.31
C ALA B 373 -23.64 -15.51 -29.63
N TYR B 374 -23.47 -15.08 -30.89
CA TYR B 374 -23.83 -13.72 -31.27
C TYR B 374 -25.33 -13.48 -31.11
N GLN B 375 -26.13 -14.46 -31.49
CA GLN B 375 -27.58 -14.26 -31.38
C GLN B 375 -28.06 -14.40 -29.94
N VAL B 376 -27.37 -15.23 -29.16
CA VAL B 376 -27.73 -15.34 -27.74
C VAL B 376 -27.58 -13.98 -27.08
N LEU B 377 -26.47 -13.31 -27.40
CA LEU B 377 -26.23 -11.99 -26.81
C LEU B 377 -27.22 -10.92 -27.32
N ARG B 378 -27.59 -11.00 -28.60
CA ARG B 378 -28.70 -10.16 -29.07
C ARG B 378 -29.97 -10.40 -28.23
N ALA B 379 -30.27 -11.68 -27.94
CA ALA B 379 -31.47 -11.98 -27.16
C ALA B 379 -31.40 -11.44 -25.75
N VAL B 380 -30.22 -11.48 -25.17
CA VAL B 380 -29.96 -10.81 -23.88
C VAL B 380 -30.26 -9.31 -23.97
N ASN B 381 -29.67 -8.67 -24.98
CA ASN B 381 -29.94 -7.25 -25.15
C ASN B 381 -31.42 -6.95 -25.27
N LYS B 382 -32.16 -7.79 -25.97
CA LYS B 382 -33.60 -7.54 -26.14
C LYS B 382 -34.42 -7.62 -24.86
N ILE B 383 -33.98 -8.39 -23.87
CA ILE B 383 -34.72 -8.48 -22.61
C ILE B 383 -34.09 -7.65 -21.49
N ALA B 384 -32.99 -6.97 -21.76
CA ALA B 384 -32.25 -6.28 -20.71
C ALA B 384 -32.88 -4.94 -20.35
N GLU B 385 -33.00 -4.72 -19.06
N GLU B 385 -33.02 -4.72 -19.05
CA GLU B 385 -33.42 -3.43 -18.56
CA GLU B 385 -33.45 -3.43 -18.56
C GLU B 385 -32.28 -2.42 -18.66
C GLU B 385 -32.30 -2.43 -18.62
N PRO B 386 -32.62 -1.12 -18.66
CA PRO B 386 -31.54 -0.17 -18.88
C PRO B 386 -30.51 -0.07 -17.77
N ASP B 387 -30.84 -0.53 -16.57
CA ASP B 387 -29.88 -0.52 -15.48
C ASP B 387 -29.45 -1.90 -15.05
N ALA B 388 -29.58 -2.87 -15.97
CA ALA B 388 -29.11 -4.23 -15.66
C ALA B 388 -27.66 -4.28 -15.22
N ILE B 389 -27.39 -5.27 -14.39
CA ILE B 389 -26.04 -5.61 -13.96
C ILE B 389 -25.69 -6.97 -14.53
N TYR B 390 -24.48 -7.05 -15.06
CA TYR B 390 -23.96 -8.27 -15.67
C TYR B 390 -22.75 -8.80 -14.93
N SER B 391 -22.86 -10.03 -14.43
CA SER B 391 -21.74 -10.78 -13.91
C SER B 391 -21.29 -11.72 -15.02
N ILE B 392 -20.06 -11.56 -15.44
CA ILE B 392 -19.52 -12.23 -16.61
C ILE B 392 -18.38 -13.15 -16.16
N ASP B 393 -18.44 -14.39 -16.62
CA ASP B 393 -17.39 -15.39 -16.34
C ASP B 393 -16.20 -15.13 -17.26
N VAL B 394 -15.32 -16.13 -17.41
CA VAL B 394 -14.03 -15.96 -18.09
C VAL B 394 -13.94 -16.92 -19.27
N GLY B 395 -13.65 -16.37 -20.44
CA GLY B 395 -13.50 -17.13 -21.65
C GLY B 395 -13.99 -16.36 -22.86
N ASP B 396 -14.44 -17.06 -23.90
CA ASP B 396 -14.99 -16.36 -25.06
C ASP B 396 -16.08 -15.37 -24.65
N ILE B 397 -16.79 -15.61 -23.55
CA ILE B 397 -17.85 -14.69 -23.15
C ILE B 397 -17.34 -13.28 -22.92
N ASN B 398 -16.13 -13.12 -22.41
CA ASN B 398 -15.60 -11.75 -22.26
C ASN B 398 -15.52 -11.06 -23.63
N LEU B 399 -14.95 -11.78 -24.60
CA LEU B 399 -14.80 -11.29 -25.96
C LEU B 399 -16.15 -10.98 -26.60
N ASN B 400 -17.07 -11.94 -26.49
CA ASN B 400 -18.35 -11.73 -27.13
C ASN B 400 -19.22 -10.69 -26.44
N ALA B 401 -19.22 -10.71 -25.12
CA ALA B 401 -20.00 -9.72 -24.38
C ALA B 401 -19.44 -8.32 -24.62
N ASN B 402 -18.13 -8.20 -24.66
CA ASN B 402 -17.51 -6.90 -24.91
C ASN B 402 -17.97 -6.36 -26.26
N ARG B 403 -18.10 -7.23 -27.26
CA ARG B 403 -18.59 -6.76 -28.57
C ARG B 403 -20.08 -6.48 -28.64
N HIS B 404 -20.90 -7.36 -28.04
CA HIS B 404 -22.32 -7.31 -28.31
C HIS B 404 -23.18 -6.62 -27.26
N LEU B 405 -22.80 -6.63 -25.99
CA LEU B 405 -23.68 -5.97 -25.03
C LEU B 405 -23.75 -4.49 -25.33
N LYS B 406 -24.95 -3.93 -25.22
CA LYS B 406 -25.17 -2.50 -25.45
C LYS B 406 -25.31 -1.78 -24.13
N LEU B 407 -24.18 -1.36 -23.58
CA LEU B 407 -24.17 -0.77 -22.26
C LEU B 407 -24.17 0.72 -22.28
N THR B 408 -24.64 1.26 -21.17
CA THR B 408 -24.66 2.69 -20.92
C THR B 408 -24.16 2.94 -19.52
N PRO B 409 -24.02 4.22 -19.15
CA PRO B 409 -23.60 4.52 -17.79
C PRO B 409 -24.49 3.96 -16.68
N SER B 410 -25.75 3.64 -16.99
N SER B 410 -25.74 3.60 -16.99
CA SER B 410 -26.68 3.06 -16.01
CA SER B 410 -26.66 3.06 -15.99
C SER B 410 -26.42 1.59 -15.68
C SER B 410 -26.50 1.55 -15.74
N ASN B 411 -25.65 0.90 -16.54
CA ASN B 411 -25.30 -0.51 -16.31
C ASN B 411 -24.09 -0.65 -15.44
N ARG B 412 -23.93 -1.85 -14.89
CA ARG B 412 -22.66 -2.30 -14.35
C ARG B 412 -22.35 -3.66 -14.96
N HIS B 413 -21.07 -3.91 -15.16
CA HIS B 413 -20.62 -5.25 -15.49
C HIS B 413 -19.35 -5.53 -14.73
N ILE B 414 -19.24 -6.77 -14.26
CA ILE B 414 -18.06 -7.21 -13.52
C ILE B 414 -17.60 -8.57 -14.02
N THR B 415 -16.29 -8.77 -13.98
CA THR B 415 -15.68 -10.08 -14.14
C THR B 415 -14.44 -10.11 -13.25
N SER B 416 -13.66 -11.18 -13.34
CA SER B 416 -12.36 -11.24 -12.70
C SER B 416 -11.36 -10.61 -13.68
N ASN B 417 -11.09 -9.32 -13.52
CA ASN B 417 -10.45 -8.56 -14.58
C ASN B 417 -9.06 -9.04 -14.88
N LEU B 418 -8.28 -9.37 -13.84
CA LEU B 418 -6.82 -9.55 -13.99
C LEU B 418 -6.33 -10.93 -13.55
N PHE B 419 -6.82 -11.41 -12.40
CA PHE B 419 -6.56 -12.79 -12.01
C PHE B 419 -7.30 -13.69 -12.97
N ALA B 420 -8.43 -13.21 -13.48
CA ALA B 420 -9.20 -13.93 -14.50
C ALA B 420 -9.57 -15.35 -14.10
N THR B 421 -10.06 -15.49 -12.87
CA THR B 421 -10.54 -16.82 -12.48
C THR B 421 -11.90 -17.14 -13.10
N MET B 422 -11.97 -18.29 -13.81
CA MET B 422 -13.24 -18.85 -14.17
C MET B 422 -14.05 -19.11 -12.93
N GLY B 423 -15.36 -19.18 -13.16
CA GLY B 423 -16.32 -19.54 -12.14
C GLY B 423 -16.99 -18.34 -11.48
N VAL B 424 -16.52 -17.12 -11.77
N VAL B 424 -16.56 -17.16 -11.87
CA VAL B 424 -17.06 -15.94 -11.10
CA VAL B 424 -16.97 -15.93 -11.20
C VAL B 424 -18.45 -15.53 -11.53
C VAL B 424 -18.39 -15.48 -11.58
N GLY B 425 -18.95 -16.04 -12.65
CA GLY B 425 -20.28 -15.65 -13.09
C GLY B 425 -21.35 -15.79 -12.02
N ILE B 426 -21.48 -17.00 -11.49
CA ILE B 426 -22.47 -17.32 -10.48
C ILE B 426 -22.33 -16.45 -9.21
N PRO B 427 -21.13 -16.42 -8.57
CA PRO B 427 -21.01 -15.59 -7.37
C PRO B 427 -21.18 -14.12 -7.62
N GLY B 428 -20.71 -13.63 -8.76
CA GLY B 428 -20.88 -12.19 -9.01
C GLY B 428 -22.34 -11.83 -9.11
N ALA B 429 -23.13 -12.71 -9.72
CA ALA B 429 -24.56 -12.46 -9.82
C ALA B 429 -25.28 -12.56 -8.48
N ILE B 430 -24.88 -13.53 -7.66
CA ILE B 430 -25.38 -13.60 -6.29
C ILE B 430 -25.15 -12.27 -5.55
N ALA B 431 -23.90 -11.78 -5.59
CA ALA B 431 -23.56 -10.52 -4.93
C ALA B 431 -24.39 -9.38 -5.51
N ALA B 432 -24.50 -9.34 -6.84
CA ALA B 432 -25.23 -8.24 -7.45
C ALA B 432 -26.70 -8.22 -6.98
N LYS B 433 -27.35 -9.39 -6.93
CA LYS B 433 -28.74 -9.39 -6.54
C LYS B 433 -28.88 -9.07 -5.03
N LEU B 434 -27.94 -9.52 -4.21
CA LEU B 434 -28.02 -9.16 -2.79
C LEU B 434 -27.89 -7.66 -2.59
N ASN B 435 -27.01 -7.01 -3.34
CA ASN B 435 -26.88 -5.56 -3.18
C ASN B 435 -28.00 -4.76 -3.83
N TYR B 436 -28.56 -5.28 -4.93
CA TYR B 436 -29.51 -4.54 -5.73
C TYR B 436 -30.73 -5.43 -6.04
N PRO B 437 -31.56 -5.71 -5.03
CA PRO B 437 -32.66 -6.64 -5.26
C PRO B 437 -33.66 -6.16 -6.33
N GLU B 438 -33.69 -4.87 -6.60
CA GLU B 438 -34.62 -4.28 -7.57
C GLU B 438 -34.07 -4.15 -8.98
N ARG B 439 -32.81 -4.52 -9.17
CA ARG B 439 -32.19 -4.44 -10.49
C ARG B 439 -32.07 -5.80 -11.12
N GLN B 440 -32.28 -5.86 -12.43
CA GLN B 440 -32.12 -7.07 -13.18
C GLN B 440 -30.65 -7.48 -13.19
N VAL B 441 -30.40 -8.77 -12.98
CA VAL B 441 -29.03 -9.29 -12.91
C VAL B 441 -28.88 -10.49 -13.83
N PHE B 442 -27.85 -10.46 -14.68
CA PHE B 442 -27.47 -11.58 -15.51
C PHE B 442 -26.16 -12.20 -15.04
N ASN B 443 -26.07 -13.51 -15.22
CA ASN B 443 -24.83 -14.26 -15.12
C ASN B 443 -24.60 -14.82 -16.52
N LEU B 444 -23.59 -14.30 -17.19
CA LEU B 444 -23.23 -14.78 -18.53
C LEU B 444 -21.97 -15.61 -18.41
N ALA B 445 -22.06 -16.91 -18.72
CA ALA B 445 -20.94 -17.80 -18.45
C ALA B 445 -20.78 -18.85 -19.54
N GLY B 446 -19.54 -19.20 -19.87
CA GLY B 446 -19.26 -20.38 -20.67
C GLY B 446 -19.55 -21.65 -19.88
N ASP B 447 -19.67 -22.75 -20.60
CA ASP B 447 -19.91 -24.03 -19.95
C ASP B 447 -18.78 -24.46 -19.03
N GLY B 448 -17.53 -24.20 -19.41
CA GLY B 448 -16.41 -24.56 -18.55
C GLY B 448 -16.48 -23.81 -17.21
N GLY B 449 -16.72 -22.50 -17.26
CA GLY B 449 -16.75 -21.68 -16.05
C GLY B 449 -17.98 -21.94 -15.21
N ALA B 450 -19.12 -22.09 -15.87
CA ALA B 450 -20.33 -22.40 -15.14
C ALA B 450 -20.21 -23.74 -14.43
N SER B 451 -19.54 -24.69 -15.07
N SER B 451 -19.56 -24.70 -15.06
CA SER B 451 -19.33 -26.00 -14.46
CA SER B 451 -19.39 -26.00 -14.41
C SER B 451 -18.56 -25.87 -13.16
C SER B 451 -18.48 -25.96 -13.19
N MET B 452 -17.57 -24.99 -13.11
CA MET B 452 -16.71 -24.92 -11.93
C MET B 452 -17.44 -24.53 -10.67
N THR B 453 -18.47 -23.69 -10.79
CA THR B 453 -19.22 -23.20 -9.63
C THR B 453 -20.71 -23.55 -9.69
N MET B 454 -21.06 -24.56 -10.51
CA MET B 454 -22.46 -24.91 -10.75
C MET B 454 -23.27 -25.17 -9.47
N GLN B 455 -22.63 -25.74 -8.46
CA GLN B 455 -23.35 -26.10 -7.24
C GLN B 455 -24.04 -24.88 -6.61
N ASP B 456 -23.44 -23.71 -6.80
CA ASP B 456 -23.99 -22.50 -6.20
C ASP B 456 -25.17 -21.88 -6.95
N LEU B 457 -25.60 -22.51 -8.04
CA LEU B 457 -26.93 -22.26 -8.54
C LEU B 457 -27.93 -22.54 -7.42
N ALA B 458 -27.61 -23.49 -6.53
CA ALA B 458 -28.55 -23.80 -5.45
C ALA B 458 -28.68 -22.64 -4.47
N THR B 459 -27.65 -21.81 -4.39
CA THR B 459 -27.64 -20.66 -3.47
C THR B 459 -28.59 -19.59 -4.00
N GLN B 460 -28.66 -19.43 -5.32
CA GLN B 460 -29.62 -18.52 -5.89
C GLN B 460 -31.05 -18.98 -5.55
N VAL B 461 -31.29 -20.30 -5.60
CA VAL B 461 -32.60 -20.83 -5.28
C VAL B 461 -32.90 -20.64 -3.79
N GLN B 462 -31.94 -20.97 -2.93
N GLN B 462 -31.94 -20.99 -2.94
CA GLN B 462 -32.16 -20.96 -1.49
CA GLN B 462 -32.16 -20.97 -1.50
C GLN B 462 -32.49 -19.57 -0.97
C GLN B 462 -32.52 -19.58 -1.00
N TYR B 463 -31.86 -18.57 -1.56
CA TYR B 463 -32.06 -17.20 -1.13
C TYR B 463 -32.97 -16.42 -2.07
N HIS B 464 -33.64 -17.12 -2.98
CA HIS B 464 -34.61 -16.54 -3.92
C HIS B 464 -34.05 -15.30 -4.62
N LEU B 465 -32.87 -15.45 -5.19
CA LEU B 465 -32.19 -14.38 -5.91
C LEU B 465 -32.47 -14.53 -7.40
N PRO B 466 -33.29 -13.64 -7.99
CA PRO B 466 -33.76 -13.90 -9.37
C PRO B 466 -32.79 -13.53 -10.49
N VAL B 467 -31.66 -14.18 -10.48
CA VAL B 467 -30.65 -14.05 -11.50
C VAL B 467 -31.10 -14.74 -12.79
N ILE B 468 -30.80 -14.10 -13.93
CA ILE B 468 -30.95 -14.71 -15.24
C ILE B 468 -29.59 -15.27 -15.62
N ASN B 469 -29.45 -16.60 -15.52
CA ASN B 469 -28.22 -17.30 -15.87
C ASN B 469 -28.28 -17.73 -17.34
N VAL B 470 -27.24 -17.41 -18.10
CA VAL B 470 -27.17 -17.81 -19.52
C VAL B 470 -25.83 -18.51 -19.70
N VAL B 471 -25.89 -19.82 -19.99
CA VAL B 471 -24.72 -20.66 -20.15
C VAL B 471 -24.50 -20.85 -21.65
N PHE B 472 -23.28 -20.63 -22.10
CA PHE B 472 -22.89 -20.77 -23.50
C PHE B 472 -22.21 -22.12 -23.65
N THR B 473 -22.98 -23.11 -24.08
CA THR B 473 -22.51 -24.48 -24.15
C THR B 473 -21.96 -24.77 -25.56
N ASN B 474 -20.63 -24.75 -25.67
CA ASN B 474 -19.95 -25.15 -26.89
C ASN B 474 -19.24 -26.49 -26.74
N CYS B 475 -19.33 -27.10 -25.55
CA CYS B 475 -18.59 -28.35 -25.27
C CYS B 475 -17.10 -28.17 -25.48
N GLN B 476 -16.62 -26.98 -25.18
CA GLN B 476 -15.21 -26.65 -25.29
C GLN B 476 -14.75 -25.66 -24.25
N TYR B 477 -13.45 -25.65 -24.04
CA TYR B 477 -12.77 -24.47 -23.51
C TYR B 477 -12.36 -23.67 -24.73
N GLY B 478 -13.33 -22.96 -25.30
CA GLY B 478 -13.16 -22.35 -26.62
C GLY B 478 -12.02 -21.36 -26.68
N PHE B 479 -11.94 -20.51 -25.67
CA PHE B 479 -10.89 -19.52 -25.60
C PHE B 479 -9.52 -20.19 -25.70
N ILE B 480 -9.37 -21.35 -25.06
CA ILE B 480 -8.09 -22.08 -25.07
C ILE B 480 -7.89 -22.90 -26.34
N LYS B 481 -8.99 -23.43 -26.88
CA LYS B 481 -8.90 -24.13 -28.15
C LYS B 481 -8.32 -23.21 -29.22
N ASP B 482 -8.81 -21.98 -29.28
CA ASP B 482 -8.30 -21.06 -30.28
C ASP B 482 -6.82 -20.72 -30.06
N GLU B 483 -6.40 -20.64 -28.79
N GLU B 483 -6.40 -20.65 -28.80
CA GLU B 483 -4.99 -20.46 -28.49
CA GLU B 483 -4.99 -20.44 -28.50
C GLU B 483 -4.17 -21.62 -29.02
C GLU B 483 -4.14 -21.63 -28.97
N GLN B 484 -4.62 -22.85 -28.73
CA GLN B 484 -3.90 -24.01 -29.24
C GLN B 484 -3.85 -24.02 -30.76
N GLU B 485 -4.92 -23.57 -31.39
CA GLU B 485 -4.88 -23.51 -32.85
C GLU B 485 -3.76 -22.59 -33.31
N ASP B 486 -3.61 -21.48 -32.57
CA ASP B 486 -2.57 -20.51 -32.91
C ASP B 486 -1.14 -20.93 -32.60
N THR B 487 -0.91 -21.63 -31.48
CA THR B 487 0.46 -21.90 -31.04
C THR B 487 0.93 -23.33 -31.09
N ASN B 488 0.01 -24.29 -31.00
CA ASN B 488 0.41 -25.68 -30.75
C ASN B 488 0.66 -26.44 -32.02
N GLN B 489 1.72 -27.24 -32.01
CA GLN B 489 2.11 -28.06 -33.15
CA GLN B 489 2.03 -28.00 -33.22
C GLN B 489 1.23 -29.30 -33.30
N ASN B 490 0.92 -29.90 -32.17
CA ASN B 490 0.21 -31.18 -32.14
C ASN B 490 -1.30 -30.96 -31.97
N ASP B 491 -2.06 -32.04 -31.96
CA ASP B 491 -3.50 -31.97 -32.00
C ASP B 491 -4.05 -31.26 -30.76
N PHE B 492 -5.24 -30.68 -30.89
CA PHE B 492 -5.97 -30.14 -29.74
C PHE B 492 -6.00 -31.13 -28.59
N ILE B 493 -5.88 -30.62 -27.37
CA ILE B 493 -5.88 -31.49 -26.21
C ILE B 493 -6.46 -30.75 -25.00
N GLY B 494 -7.41 -31.40 -24.32
CA GLY B 494 -8.01 -30.84 -23.14
C GLY B 494 -9.05 -29.77 -23.38
N VAL B 495 -9.37 -29.48 -24.65
CA VAL B 495 -10.21 -28.34 -24.98
C VAL B 495 -11.58 -28.65 -25.55
N GLU B 496 -11.82 -29.91 -25.88
N GLU B 496 -11.84 -29.92 -25.85
CA GLU B 496 -13.13 -30.36 -26.34
CA GLU B 496 -13.13 -30.38 -26.33
C GLU B 496 -13.56 -31.47 -25.40
C GLU B 496 -13.57 -31.50 -25.43
N PHE B 497 -14.79 -31.38 -24.91
CA PHE B 497 -15.25 -32.30 -23.88
C PHE B 497 -16.72 -32.65 -24.04
N ASN B 498 -17.21 -33.50 -23.16
N ASN B 498 -17.20 -33.48 -23.14
CA ASN B 498 -18.57 -34.00 -23.20
CA ASN B 498 -18.57 -33.96 -23.15
C ASN B 498 -19.59 -32.99 -22.66
C ASN B 498 -19.55 -32.83 -22.80
N ASP B 499 -20.77 -32.98 -23.29
CA ASP B 499 -21.86 -32.08 -22.93
C ASP B 499 -22.29 -32.24 -21.48
N ILE B 500 -22.63 -31.11 -20.88
CA ILE B 500 -23.45 -31.06 -19.67
C ILE B 500 -24.70 -30.26 -19.97
N ASP B 501 -25.86 -30.83 -19.65
CA ASP B 501 -27.12 -30.18 -19.91
C ASP B 501 -27.45 -29.35 -18.67
N PHE B 502 -27.17 -28.05 -18.74
CA PHE B 502 -27.39 -27.17 -17.59
C PHE B 502 -28.85 -26.94 -17.26
N SER B 503 -29.76 -27.22 -18.20
CA SER B 503 -31.18 -27.16 -17.84
C SER B 503 -31.53 -28.28 -16.85
N LYS B 504 -30.84 -29.41 -16.97
CA LYS B 504 -31.02 -30.52 -16.03
C LYS B 504 -30.30 -30.26 -14.70
N ILE B 505 -29.11 -29.66 -14.76
CA ILE B 505 -28.44 -29.21 -13.55
C ILE B 505 -29.36 -28.25 -12.77
N ALA B 506 -29.92 -27.29 -13.50
CA ALA B 506 -30.85 -26.33 -12.91
C ALA B 506 -32.03 -27.05 -12.29
N ASP B 507 -32.64 -27.99 -13.03
CA ASP B 507 -33.73 -28.77 -12.45
C ASP B 507 -33.31 -29.47 -11.15
N GLY B 508 -32.11 -30.01 -11.13
CA GLY B 508 -31.58 -30.66 -9.93
C GLY B 508 -31.48 -29.75 -8.72
N VAL B 509 -31.16 -28.47 -8.93
CA VAL B 509 -31.16 -27.53 -7.82
C VAL B 509 -32.50 -26.78 -7.64
N HIS B 510 -33.51 -27.21 -8.38
CA HIS B 510 -34.88 -26.68 -8.30
C HIS B 510 -35.00 -25.24 -8.78
N MET B 511 -34.35 -25.00 -9.91
CA MET B 511 -34.40 -23.74 -10.65
C MET B 511 -35.03 -24.01 -12.01
N GLN B 512 -36.00 -23.17 -12.39
CA GLN B 512 -36.59 -23.25 -13.73
C GLN B 512 -35.54 -22.99 -14.81
N ALA B 513 -35.64 -23.69 -15.93
CA ALA B 513 -34.61 -23.59 -16.95
C ALA B 513 -35.13 -24.06 -18.31
N PHE B 514 -34.32 -23.70 -19.31
CA PHE B 514 -34.58 -23.99 -20.70
C PHE B 514 -33.27 -24.35 -21.37
N ARG B 515 -33.33 -25.20 -22.38
CA ARG B 515 -32.20 -25.45 -23.28
C ARG B 515 -32.64 -25.14 -24.68
N VAL B 516 -31.82 -24.38 -25.40
CA VAL B 516 -32.10 -23.99 -26.77
C VAL B 516 -30.89 -24.29 -27.64
N ASN B 517 -31.11 -24.63 -28.91
CA ASN B 517 -30.03 -24.86 -29.87
C ASN B 517 -30.25 -24.28 -31.27
N LYS B 518 -31.35 -23.53 -31.44
CA LYS B 518 -31.67 -22.89 -32.71
C LYS B 518 -31.99 -21.42 -32.49
N ILE B 519 -31.55 -20.59 -33.42
CA ILE B 519 -31.79 -19.15 -33.35
C ILE B 519 -33.29 -18.83 -33.16
N GLU B 520 -34.14 -19.53 -33.89
CA GLU B 520 -35.55 -19.18 -33.86
C GLU B 520 -36.20 -19.50 -32.50
N GLN B 521 -35.51 -20.25 -31.64
CA GLN B 521 -36.05 -20.55 -30.32
C GLN B 521 -35.85 -19.39 -29.33
N LEU B 522 -34.99 -18.44 -29.67
CA LEU B 522 -34.57 -17.48 -28.65
C LEU B 522 -35.64 -16.55 -28.10
N PRO B 523 -36.45 -15.93 -28.98
CA PRO B 523 -37.30 -14.87 -28.46
C PRO B 523 -38.28 -15.37 -27.38
N ASP B 524 -38.94 -16.49 -27.63
CA ASP B 524 -39.91 -16.95 -26.64
C ASP B 524 -39.25 -17.40 -25.33
N VAL B 525 -38.11 -18.09 -25.42
CA VAL B 525 -37.43 -18.55 -24.23
C VAL B 525 -36.94 -17.36 -23.41
N PHE B 526 -36.33 -16.37 -24.06
CA PHE B 526 -35.87 -15.19 -23.33
C PHE B 526 -37.02 -14.38 -22.73
N GLU B 527 -38.16 -14.31 -23.41
N GLU B 527 -38.16 -14.33 -23.43
CA GLU B 527 -39.30 -13.63 -22.82
CA GLU B 527 -39.33 -13.66 -22.88
C GLU B 527 -39.78 -14.37 -21.57
C GLU B 527 -39.80 -14.36 -21.60
N GLN B 528 -39.84 -15.70 -21.63
CA GLN B 528 -40.27 -16.47 -20.48
C GLN B 528 -39.32 -16.23 -19.33
N ALA B 529 -38.02 -16.27 -19.61
CA ALA B 529 -37.01 -16.07 -18.58
C ALA B 529 -37.09 -14.69 -17.92
N LYS B 530 -37.32 -13.67 -18.74
N LYS B 530 -37.32 -13.66 -18.75
CA LYS B 530 -37.46 -12.31 -18.26
CA LYS B 530 -37.45 -12.30 -18.25
C LYS B 530 -38.57 -12.24 -17.22
C LYS B 530 -38.58 -12.25 -17.20
N ALA B 531 -39.68 -12.94 -17.49
CA ALA B 531 -40.84 -12.93 -16.60
C ALA B 531 -40.62 -13.77 -15.33
N ILE B 532 -40.02 -14.94 -15.49
CA ILE B 532 -39.69 -15.79 -14.34
C ILE B 532 -38.84 -15.03 -13.36
N ALA B 533 -37.87 -14.29 -13.90
CA ALA B 533 -36.92 -13.55 -13.09
C ALA B 533 -37.51 -12.29 -12.47
N GLN B 534 -38.83 -12.08 -12.58
CA GLN B 534 -39.43 -11.08 -11.70
C GLN B 534 -39.49 -11.63 -10.27
N HIS B 535 -39.36 -12.94 -10.09
CA HIS B 535 -39.54 -13.55 -8.77
C HIS B 535 -38.56 -14.64 -8.38
N GLU B 536 -37.98 -15.32 -9.36
CA GLU B 536 -37.11 -16.45 -9.06
C GLU B 536 -35.98 -16.54 -10.07
N PRO B 537 -34.89 -17.21 -9.73
CA PRO B 537 -33.82 -17.40 -10.72
C PRO B 537 -34.25 -18.28 -11.86
N VAL B 538 -33.53 -18.15 -12.97
CA VAL B 538 -33.83 -18.96 -14.15
C VAL B 538 -32.54 -19.20 -14.89
N LEU B 539 -32.47 -20.30 -15.65
CA LEU B 539 -31.27 -20.60 -16.43
C LEU B 539 -31.66 -20.95 -17.86
N ILE B 540 -30.91 -20.38 -18.79
CA ILE B 540 -31.01 -20.73 -20.21
C ILE B 540 -29.67 -21.32 -20.62
N ASP B 541 -29.73 -22.55 -21.10
CA ASP B 541 -28.54 -23.28 -21.59
C ASP B 541 -28.59 -23.16 -23.10
N ALA B 542 -27.69 -22.34 -23.64
CA ALA B 542 -27.65 -22.09 -25.07
C ALA B 542 -26.56 -22.93 -25.70
N VAL B 543 -27.00 -23.91 -26.49
CA VAL B 543 -26.10 -24.79 -27.22
C VAL B 543 -25.65 -24.08 -28.48
N ILE B 544 -24.38 -23.70 -28.48
CA ILE B 544 -23.85 -22.87 -29.54
C ILE B 544 -22.81 -23.59 -30.38
N THR B 545 -22.59 -23.06 -31.58
CA THR B 545 -21.60 -23.67 -32.46
C THR B 545 -20.20 -23.46 -31.95
N GLY B 546 -19.28 -24.21 -32.54
CA GLY B 546 -17.86 -24.04 -32.30
C GLY B 546 -17.16 -23.01 -33.19
N ASP B 547 -17.89 -22.07 -33.76
CA ASP B 547 -17.28 -21.07 -34.63
C ASP B 547 -16.35 -20.17 -33.83
N ARG B 548 -15.16 -19.92 -34.35
CA ARG B 548 -14.21 -19.04 -33.69
C ARG B 548 -14.62 -17.58 -33.92
N PRO B 549 -14.75 -16.79 -32.84
CA PRO B 549 -15.07 -15.36 -33.08
C PRO B 549 -13.90 -14.63 -33.74
N LEU B 550 -14.21 -13.62 -34.54
CA LEU B 550 -13.18 -12.89 -35.27
C LEU B 550 -12.05 -12.46 -34.33
N PRO B 551 -10.80 -12.77 -34.68
CA PRO B 551 -9.68 -12.34 -33.84
C PRO B 551 -9.23 -10.93 -34.20
N ALA B 552 -9.61 -9.97 -33.39
CA ALA B 552 -9.27 -8.57 -33.64
C ALA B 552 -7.78 -8.31 -33.62
N GLU B 553 -7.06 -9.20 -32.95
CA GLU B 553 -5.61 -9.15 -32.87
C GLU B 553 -4.89 -9.83 -34.06
N LYS B 554 -5.66 -10.46 -34.95
N LYS B 554 -5.66 -10.43 -34.96
CA LYS B 554 -5.10 -11.15 -36.11
CA LYS B 554 -5.06 -11.13 -36.10
C LYS B 554 -5.90 -10.84 -37.36
C LYS B 554 -5.87 -10.84 -37.36
N LEU B 555 -6.05 -9.56 -37.63
CA LEU B 555 -6.85 -9.13 -38.77
C LEU B 555 -6.12 -9.43 -40.05
N ARG B 556 -6.86 -9.91 -41.05
CA ARG B 556 -6.34 -10.06 -42.41
CA ARG B 556 -6.33 -10.03 -42.39
C ARG B 556 -7.32 -9.43 -43.37
N LEU B 557 -7.24 -8.10 -43.50
CA LEU B 557 -8.16 -7.34 -44.35
C LEU B 557 -7.48 -6.31 -45.23
N ASP B 558 -6.25 -5.96 -44.92
CA ASP B 558 -5.57 -4.85 -45.58
C ASP B 558 -4.61 -5.44 -46.60
N SER B 559 -4.85 -5.15 -47.88
N SER B 559 -4.85 -5.14 -47.87
CA SER B 559 -4.05 -5.73 -48.96
CA SER B 559 -4.06 -5.67 -48.99
C SER B 559 -2.61 -5.22 -49.01
C SER B 559 -2.58 -5.31 -48.89
N ALA B 560 -2.29 -4.22 -48.20
CA ALA B 560 -0.92 -3.74 -48.08
C ALA B 560 -0.17 -4.55 -47.05
N MET B 561 -0.91 -5.25 -46.18
CA MET B 561 -0.33 -5.96 -45.05
C MET B 561 -0.45 -7.49 -45.22
N SER B 562 -1.46 -7.94 -45.94
CA SER B 562 -1.78 -9.37 -46.02
C SER B 562 -1.99 -9.80 -47.47
N SER B 563 -1.69 -11.06 -47.78
CA SER B 563 -1.93 -11.59 -49.13
C SER B 563 -3.43 -11.68 -49.41
N ALA B 564 -3.77 -11.62 -50.70
CA ALA B 564 -5.16 -11.81 -51.13
C ALA B 564 -5.71 -13.15 -50.62
N ALA B 565 -4.89 -14.19 -50.63
CA ALA B 565 -5.33 -15.50 -50.18
C ALA B 565 -5.68 -15.48 -48.69
N ASP B 566 -4.82 -14.83 -47.90
CA ASP B 566 -5.04 -14.73 -46.45
C ASP B 566 -6.31 -13.94 -46.16
N ILE B 567 -6.53 -12.87 -46.91
CA ILE B 567 -7.71 -12.04 -46.72
C ILE B 567 -8.97 -12.81 -47.08
N GLU B 568 -8.99 -13.52 -48.22
N GLU B 568 -8.94 -13.55 -48.20
CA GLU B 568 -10.21 -14.23 -48.54
CA GLU B 568 -10.12 -14.30 -48.63
C GLU B 568 -10.49 -15.35 -47.55
C GLU B 568 -10.47 -15.36 -47.60
N ALA B 569 -9.44 -16.01 -47.06
CA ALA B 569 -9.66 -17.04 -46.04
C ALA B 569 -10.25 -16.43 -44.74
N PHE B 570 -9.70 -15.29 -44.33
CA PHE B 570 -10.18 -14.62 -43.12
C PHE B 570 -11.63 -14.18 -43.29
N LYS B 571 -11.93 -13.56 -44.42
CA LYS B 571 -13.29 -13.12 -44.67
C LYS B 571 -14.26 -14.30 -44.66
N GLN B 572 -13.85 -15.40 -45.27
CA GLN B 572 -14.70 -16.59 -45.26
C GLN B 572 -14.97 -17.10 -43.83
N ARG B 573 -13.90 -17.32 -43.09
CA ARG B 573 -14.07 -17.96 -41.78
C ARG B 573 -14.90 -17.10 -40.84
N TYR B 574 -14.70 -15.79 -40.88
CA TYR B 574 -15.33 -14.91 -39.89
C TYR B 574 -16.52 -14.16 -40.43
N GLU B 575 -17.05 -14.62 -41.55
CA GLU B 575 -18.28 -13.99 -42.10
C GLU B 575 -18.07 -12.48 -42.29
N ALA B 576 -16.86 -12.11 -42.71
CA ALA B 576 -16.37 -10.75 -42.66
C ALA B 576 -16.18 -10.14 -44.05
N GLN B 577 -16.92 -10.66 -45.03
CA GLN B 577 -16.81 -10.20 -46.42
C GLN B 577 -16.98 -8.69 -46.56
N ASP B 578 -17.80 -8.08 -45.70
CA ASP B 578 -18.09 -6.65 -45.82
C ASP B 578 -17.26 -5.77 -44.88
N LEU B 579 -16.39 -6.35 -44.07
CA LEU B 579 -15.49 -5.52 -43.25
C LEU B 579 -14.42 -4.93 -44.14
N GLN B 580 -14.13 -3.65 -43.92
CA GLN B 580 -13.03 -2.97 -44.60
C GLN B 580 -11.96 -2.65 -43.58
N PRO B 581 -10.69 -2.67 -43.99
CA PRO B 581 -9.63 -2.26 -43.07
C PRO B 581 -9.67 -0.73 -42.85
N LEU B 582 -9.14 -0.27 -41.71
CA LEU B 582 -9.11 1.15 -41.43
C LEU B 582 -8.42 1.94 -42.55
N SER B 583 -7.40 1.36 -43.19
CA SER B 583 -6.71 2.10 -44.26
C SER B 583 -7.65 2.54 -45.38
N THR B 584 -8.71 1.80 -45.63
CA THR B 584 -9.65 2.18 -46.69
C THR B 584 -10.25 3.53 -46.32
N TYR B 585 -10.62 3.68 -45.05
CA TYR B 585 -11.25 4.91 -44.57
C TYR B 585 -10.24 6.04 -44.43
N LEU B 586 -9.03 5.72 -43.98
CA LEU B 586 -7.97 6.71 -43.99
C LEU B 586 -7.77 7.29 -45.40
N LYS B 587 -7.69 6.41 -46.40
CA LYS B 587 -7.51 6.86 -47.79
C LYS B 587 -8.71 7.66 -48.26
N GLN B 588 -9.92 7.19 -47.94
CA GLN B 588 -11.12 7.93 -48.31
C GLN B 588 -11.10 9.40 -47.86
N PHE B 589 -10.58 9.66 -46.68
CA PHE B 589 -10.58 11.02 -46.15
C PHE B 589 -9.23 11.71 -46.32
N GLY B 590 -8.36 11.12 -47.14
CA GLY B 590 -7.13 11.77 -47.54
C GLY B 590 -5.92 11.57 -46.65
N LEU B 591 -5.90 10.54 -45.79
CA LEU B 591 -4.75 10.25 -44.94
C LEU B 591 -3.98 8.99 -45.37
N ASP B 592 -2.66 9.00 -45.21
CA ASP B 592 -1.87 7.79 -45.44
C ASP B 592 -2.01 6.84 -44.25
N ASP B 593 -1.67 5.57 -44.46
CA ASP B 593 -1.69 4.59 -43.36
C ASP B 593 -0.37 4.63 -42.62
PA FAD C . 5.35 7.12 12.90
O1A FAD C . 5.01 5.84 13.59
O2A FAD C . 6.23 7.08 11.70
O5B FAD C . 3.95 7.79 12.51
C5B FAD C . 3.86 8.96 11.70
C4B FAD C . 2.36 9.25 11.56
O4B FAD C . 2.24 10.47 10.82
C3B FAD C . 1.64 8.16 10.77
O3B FAD C . 0.39 7.83 11.36
C2B FAD C . 1.48 8.83 9.40
O2B FAD C . 0.38 8.33 8.60
C1B FAD C . 1.29 10.28 9.78
N9A FAD C . 1.66 11.24 8.73
C8A FAD C . 2.74 11.18 7.88
N7A FAD C . 2.76 12.31 7.13
C5A FAD C . 1.71 13.08 7.52
C6A FAD C . 1.20 14.37 7.10
N6A FAD C . 1.77 15.08 6.12
N1A FAD C . 0.11 14.83 7.75
C2A FAD C . -0.49 14.12 8.73
N3A FAD C . -0.07 12.92 9.15
C4A FAD C . 1.02 12.40 8.57
N1 FAD C . 8.62 6.61 21.40
C2 FAD C . 7.97 7.23 22.41
O2 FAD C . 7.28 8.28 22.19
N3 FAD C . 8.04 6.73 23.69
C4 FAD C . 8.79 5.65 24.03
O4 FAD C . 8.87 5.20 25.21
C4X FAD C . 9.53 5.00 22.97
N5 FAD C . 10.28 3.89 23.20
C5X FAD C . 11.27 3.58 22.33
C6 FAD C . 12.35 2.79 22.68
C7 FAD C . 13.38 2.54 21.80
C7M FAD C . 14.55 1.67 22.21
C8 FAD C . 13.36 3.11 20.44
C8M FAD C . 14.45 2.84 19.42
C9 FAD C . 12.26 3.89 20.10
C9A FAD C . 11.22 4.15 20.96
N10 FAD C . 10.10 4.95 20.63
C10 FAD C . 9.39 5.55 21.65
C1' FAD C . 9.69 5.19 19.24
C2' FAD C . 8.37 4.44 19.01
O2' FAD C . 8.68 3.03 18.81
C3' FAD C . 7.60 4.91 17.77
O3' FAD C . 8.46 4.83 16.61
C4' FAD C . 7.20 6.38 17.92
O4' FAD C . 6.57 6.62 19.19
C5' FAD C . 6.21 6.72 16.81
O5' FAD C . 6.48 8.07 16.41
P FAD C . 5.60 8.81 15.31
O1P FAD C . 4.13 8.59 15.54
O2P FAD C . 6.14 10.22 15.29
O3P FAD C . 6.05 8.15 13.92
K K D . 29.56 -7.38 13.45
MG MG E . 25.66 -0.87 27.37
N1' TPP F . 19.32 -7.18 19.52
C2' TPP F . 19.13 -6.25 18.56
CM2 TPP F . 19.89 -6.41 17.25
N3' TPP F . 18.31 -5.21 18.74
C4' TPP F . 17.66 -5.09 19.90
N4' TPP F . 16.81 -4.07 20.00
C5' TPP F . 17.86 -6.03 20.94
C6' TPP F . 18.73 -7.08 20.69
C7' TPP F . 17.16 -5.93 22.31
N3 TPP F . 17.73 -4.79 23.08
C2 TPP F . 17.11 -3.58 23.08
S1 TPP F . 18.02 -2.45 24.06
C5 TPP F . 19.24 -3.64 24.34
C4 TPP F . 18.90 -4.86 23.76
CM4 TPP F . 19.75 -6.12 23.85
C6 TPP F . 20.45 -3.25 25.16
C7 TPP F . 21.34 -2.23 24.41
O7 TPP F . 22.58 -2.27 25.12
PA TPP F . 23.65 -1.11 24.85
O1A TPP F . 24.88 -1.47 25.60
O2A TPP F . 23.80 -0.86 23.38
O3A TPP F . 22.97 0.18 25.52
PB TPP F . 22.77 0.56 27.09
O1B TPP F . 23.66 -0.34 27.91
O2B TPP F . 21.25 0.37 27.38
O3B TPP F . 23.23 2.05 27.12
C1 GOL G . 13.27 11.11 -8.74
O1 GOL G . 14.25 10.76 -9.67
C2 GOL G . 13.92 11.03 -7.37
O2 GOL G . 14.30 9.68 -7.04
C3 GOL G . 12.97 11.61 -6.34
O3 GOL G . 13.74 11.96 -5.21
H11 GOL G . 12.43 10.42 -8.81
H12 GOL G . 12.91 12.12 -8.94
HO1 GOL G . 13.87 10.73 -10.57
H2 GOL G . 14.81 11.65 -7.40
HO2 GOL G . 14.75 9.69 -6.16
H31 GOL G . 12.22 10.88 -6.06
H32 GOL G . 12.47 12.49 -6.74
HO3 GOL G . 13.20 11.86 -4.40
C1 GOL H . 33.60 17.76 8.28
O1 GOL H . 32.96 16.65 7.65
C2 GOL H . 33.20 18.99 7.50
O2 GOL H . 31.82 19.17 7.72
C3 GOL H . 33.98 20.22 7.96
O3 GOL H . 33.49 21.36 7.31
H11 GOL H . 34.68 17.63 8.26
H12 GOL H . 33.28 17.83 9.31
HO1 GOL H . 33.24 15.83 8.08
H2 GOL H . 33.38 18.83 6.44
HO2 GOL H . 31.65 19.31 8.68
H31 GOL H . 35.04 20.08 7.73
H32 GOL H . 33.88 20.33 9.04
HO3 GOL H . 32.87 21.84 7.90
C1 GOL I . 31.22 -13.15 -18.00
O1 GOL I . 31.86 -14.39 -17.69
C2 GOL I . 32.03 -12.39 -19.04
O2 GOL I . 33.35 -12.38 -18.57
C3 GOL I . 31.48 -10.96 -19.17
O3 GOL I . 32.29 -10.18 -20.01
H11 GOL I . 31.13 -12.56 -17.10
H12 GOL I . 30.23 -13.34 -18.38
HO1 GOL I . 31.36 -14.84 -16.98
H2 GOL I . 31.96 -12.89 -20.00
HO2 GOL I . 33.91 -11.87 -19.20
H31 GOL I . 31.44 -10.51 -18.18
H32 GOL I . 30.47 -11.01 -19.56
HO3 GOL I . 33.05 -10.71 -20.33
C1 GOL J . 10.77 -1.24 31.77
O1 GOL J . 10.80 -2.45 32.49
C2 GOL J . 9.38 -0.62 31.85
O2 GOL J . 9.25 0.53 31.08
C3 GOL J . 8.89 -0.30 33.26
O3 GOL J . 9.70 0.48 34.14
H11 GOL J . 11.03 -1.42 30.73
H12 GOL J . 11.50 -0.55 32.19
HO1 GOL J . 11.68 -2.87 32.38
H2 GOL J . 8.69 -1.36 31.44
HO2 GOL J . 8.31 0.82 31.07
H31 GOL J . 8.68 -1.24 33.76
H32 GOL J . 7.94 0.22 33.16
HO3 GOL J . 10.35 1.00 33.62
C1 GOL K . 16.93 18.30 5.66
O1 GOL K . 16.80 17.38 6.70
C2 GOL K . 17.99 19.28 6.05
O2 GOL K . 18.14 20.14 4.95
C3 GOL K . 17.58 20.12 7.28
O3 GOL K . 17.94 19.60 8.56
H11 GOL K . 15.99 18.82 5.50
H12 GOL K . 17.21 17.79 4.74
HO1 GOL K . 16.07 16.77 6.51
H2 GOL K . 18.92 18.75 6.26
HO2 GOL K . 17.30 20.60 4.77
H31 GOL K . 16.49 20.24 7.27
H32 GOL K . 18.02 21.12 7.19
HO3 GOL K . 17.22 19.75 9.20
C1 GOL L . 11.75 17.44 10.43
O1 GOL L . 12.12 16.15 9.98
C2 GOL L . 12.61 17.85 11.59
O2 GOL L . 13.94 17.98 11.12
C3 GOL L . 12.07 19.15 12.20
O3 GOL L . 12.52 20.29 11.54
H11 GOL L . 10.70 17.43 10.74
H12 GOL L . 11.85 18.16 9.62
HO1 GOL L . 11.51 15.86 9.28
H2 GOL L . 12.57 17.07 12.34
HO2 GOL L . 13.97 18.68 10.44
H31 GOL L . 12.37 19.19 13.25
H32 GOL L . 10.99 19.12 12.18
HO3 GOL L . 13.42 20.51 11.84
C1 GOL M . 32.37 8.66 -0.35
O1 GOL M . 32.55 8.15 -1.67
C2 GOL M . 33.57 9.51 0.05
O2 GOL M . 34.57 9.35 -0.94
C3 GOL M . 33.25 10.98 0.27
O3 GOL M . 32.19 11.45 -0.53
H11 GOL M . 32.26 7.82 0.34
H12 GOL M . 31.46 9.25 -0.31
HO1 GOL M . 31.81 7.55 -1.90
H2 GOL M . 33.95 9.11 0.99
HO2 GOL M . 34.26 9.76 -1.78
H31 GOL M . 34.14 11.58 0.07
H32 GOL M . 32.99 11.14 1.32
HO3 GOL M . 31.55 11.95 0.02
P PO4 N . 13.15 -6.41 23.48
O1 PO4 N . 13.22 -7.86 23.30
O2 PO4 N . 14.24 -5.86 24.39
O3 PO4 N . 11.79 -6.16 24.10
O4 PO4 N . 13.40 -5.76 22.17
PA FAD O . -7.23 -1.30 -13.52
O1A FAD O . -6.14 -2.25 -13.85
O2A FAD O . -8.01 -1.53 -12.28
O5B FAD O . -6.56 0.18 -13.47
C5B FAD O . -7.28 1.33 -13.01
C4B FAD O . -6.28 2.47 -13.11
O4B FAD O . -7.01 3.68 -12.78
C3B FAD O . -5.09 2.35 -12.15
O3B FAD O . -3.86 2.74 -12.79
C2B FAD O . -5.50 3.31 -11.04
O2B FAD O . -4.42 3.83 -10.28
C1B FAD O . -6.23 4.40 -11.80
N9A FAD O . -7.24 5.13 -11.00
C8A FAD O . -8.12 4.64 -10.11
N7A FAD O . -8.94 5.64 -9.68
C5A FAD O . -8.56 6.77 -10.33
C6A FAD O . -8.98 8.15 -10.29
N6A FAD O . -9.99 8.54 -9.50
N1A FAD O . -8.34 9.00 -11.10
C2A FAD O . -7.33 8.59 -11.89
N3A FAD O . -6.83 7.35 -11.97
C4A FAD O . -7.44 6.43 -11.18
N1 FAD O . -8.72 -5.94 -21.25
C2 FAD O . -8.46 -5.36 -22.46
O2 FAD O . -8.60 -4.10 -22.55
N3 FAD O . -8.13 -6.11 -23.54
C4 FAD O . -8.02 -7.45 -23.51
O4 FAD O . -7.68 -8.10 -24.57
C4X FAD O . -8.28 -8.12 -22.25
N5 FAD O . -8.17 -9.48 -22.14
C5X FAD O . -8.86 -10.08 -21.11
C6 FAD O . -9.21 -11.43 -21.17
C7 FAD O . -9.93 -12.01 -20.14
C7M FAD O . -10.31 -13.46 -20.18
C8 FAD O . -10.35 -11.19 -19.00
C8M FAD O . -11.14 -11.80 -17.89
C9 FAD O . -10.00 -9.85 -18.96
C9A FAD O . -9.28 -9.28 -19.97
N10 FAD O . -8.90 -7.91 -19.95
C10 FAD O . -8.62 -7.28 -21.14
C1' FAD O . -8.86 -7.07 -18.73
C2' FAD O . -7.38 -6.79 -18.39
O2' FAD O . -6.79 -7.98 -17.84
C3' FAD O . -7.22 -5.63 -17.41
O3' FAD O . -7.94 -5.92 -16.22
C4' FAD O . -7.77 -4.31 -17.97
O4' FAD O . -7.35 -4.10 -19.34
C5' FAD O . -7.27 -3.16 -17.13
O5' FAD O . -8.38 -2.26 -17.02
P FAD O . -8.24 -0.84 -16.27
O1P FAD O . -6.92 -0.19 -16.56
O2P FAD O . -9.54 -0.16 -16.58
O3P FAD O . -8.32 -1.23 -14.69
K K P . -17.40 -27.10 -7.91
MG MG Q . -17.03 -23.51 -23.41
N1' TPP R . -8.92 -22.30 -14.77
C2' TPP R . -9.42 -21.25 -14.12
CM2 TPP R . -10.06 -21.49 -12.76
N3' TPP R . -9.41 -20.02 -14.64
C4' TPP R . -8.86 -19.81 -15.84
N4' TPP R . -8.83 -18.55 -16.27
C5' TPP R . -8.31 -20.88 -16.57
C6' TPP R . -8.39 -22.14 -15.99
C7' TPP R . -7.67 -20.75 -17.98
N3 TPP R . -8.75 -20.48 -18.97
C2 TPP R . -9.02 -19.19 -19.35
S1 TPP R . -10.33 -19.17 -20.49
C5 TPP R . -10.59 -20.87 -20.33
C4 TPP R . -9.62 -21.42 -19.47
CM4 TPP R . -9.51 -22.90 -19.12
C6 TPP R . -11.67 -21.60 -21.11
C7 TPP R . -13.05 -21.15 -20.64
O7 TPP R . -13.96 -22.13 -21.11
PA TPP R . -15.54 -21.83 -21.09
O1A TPP R . -16.21 -23.04 -21.59
O2A TPP R . -15.95 -21.33 -19.77
O3A TPP R . -15.69 -20.61 -22.13
PB TPP R . -15.63 -20.60 -23.76
O1B TPP R . -15.74 -22.08 -24.23
O2B TPP R . -16.85 -19.83 -24.16
O3B TPP R . -14.29 -19.95 -24.12
C1 GOL S . -8.53 -17.57 -41.71
O1 GOL S . -8.04 -16.38 -41.11
C2 GOL S . -7.98 -18.83 -41.01
O2 GOL S . -8.24 -18.72 -39.65
C3 GOL S . -6.47 -19.01 -41.14
O3 GOL S . -6.08 -20.12 -40.37
H11 GOL S . -8.25 -17.60 -42.76
H12 GOL S . -9.62 -17.59 -41.65
HO1 GOL S . -8.36 -15.61 -41.62
H2 GOL S . -8.48 -19.71 -41.42
HO2 GOL S . -7.93 -19.52 -39.18
H31 GOL S . -5.96 -18.11 -40.79
H32 GOL S . -6.21 -19.17 -42.19
HO3 GOL S . -5.12 -20.27 -40.47
C1 GOL T . -36.37 -9.25 -9.16
O1 GOL T . -35.20 -9.49 -8.39
C2 GOL T . -36.81 -7.80 -8.97
O2 GOL T . -35.78 -6.94 -9.41
C3 GOL T . -38.05 -7.50 -9.80
O3 GOL T . -38.51 -6.21 -9.48
H11 GOL T . -37.17 -9.93 -8.83
H12 GOL T . -36.17 -9.46 -10.21
HO1 GOL T . -34.95 -10.44 -8.44
H2 GOL T . -37.04 -7.62 -7.92
HO2 GOL T . -35.61 -7.09 -10.36
H31 GOL T . -38.83 -8.23 -9.58
H32 GOL T . -37.81 -7.56 -10.86
HO3 GOL T . -39.42 -6.09 -9.82
C1 GOL U . -26.39 3.35 -10.43
O1 GOL U . -26.45 4.19 -11.56
C2 GOL U . -25.11 2.54 -10.48
O2 GOL U . -25.13 1.56 -11.49
C3 GOL U . -24.82 1.91 -9.13
O3 GOL U . -23.80 0.95 -9.31
H11 GOL U . -27.26 2.68 -10.42
H12 GOL U . -26.43 3.96 -9.52
HO1 GOL U . -27.30 4.66 -11.59
H2 GOL U . -24.30 3.25 -10.69
HO2 GOL U . -24.27 1.10 -11.53
H31 GOL U . -25.71 1.42 -8.75
H32 GOL U . -24.50 2.67 -8.42
HO3 GOL U . -23.73 0.38 -8.52
C1 GOL V . -20.22 3.87 -15.29
O1 GOL V . -21.43 4.59 -15.26
C2 GOL V . -19.84 3.55 -13.86
O2 GOL V . -21.00 3.42 -13.07
C3 GOL V . -19.09 2.22 -13.80
O3 GOL V . -18.35 2.18 -12.60
H11 GOL V . -19.44 4.47 -15.77
H12 GOL V . -20.36 2.95 -15.86
HO1 GOL V . -21.67 4.88 -16.17
H2 GOL V . -19.19 4.34 -13.47
HO2 GOL V . -21.56 2.69 -13.41
H31 GOL V . -18.42 2.13 -14.66
H32 GOL V . -19.80 1.39 -13.83
HO3 GOL V . -18.85 2.62 -11.89
C1 GOL W . -20.90 -6.36 1.34
C1 GOL W . -22.56 -6.21 2.84
O1 GOL W . -20.16 -6.45 2.52
O1 GOL W . -21.92 -7.22 2.18
C2 GOL W . -22.11 -5.41 1.43
C2 GOL W . -22.91 -4.93 2.10
O2 GOL W . -22.23 -4.87 2.73
O2 GOL W . -22.31 -3.86 2.79
C3 GOL W . -22.03 -4.33 0.34
C3 GOL W . -22.30 -5.00 0.76
O3 GOL W . -21.63 -4.85 -0.91
O3 GOL W . -22.62 -3.90 -0.05
H11 GOL W . -21.26 -7.35 1.06
H11 GOL W . -21.95 -5.93 3.70
H12 GOL W . -20.26 -6.02 0.53
H12 GOL W . -23.49 -6.62 3.25
HO1 GOL W . -19.45 -7.11 2.40
HO1 GOL W . -21.70 -7.95 2.80
H2 GOL W . -23.00 -6.01 1.23
H2 GOL W . -23.99 -4.82 2.03
HO2 GOL W . -21.46 -4.29 2.92
HO2 GOL W . -21.34 -4.00 2.86
H31 GOL W . -21.31 -3.56 0.64
H31 GOL W . -22.60 -5.91 0.27
H32 GOL W . -23.00 -3.86 0.23
H32 GOL W . -21.21 -5.04 0.87
HO3 GOL W . -20.67 -4.72 -1.03
HO3 GOL W . -23.12 -4.22 -0.83
P PO4 X . -4.20 -19.01 -19.33
O1 PO4 X . -3.37 -20.11 -18.80
O2 PO4 X . -5.27 -19.52 -20.27
O3 PO4 X . -4.92 -18.44 -18.17
O4 PO4 X . -3.25 -18.14 -20.06
#